data_6PV4
#
_entry.id   6PV4
#
_cell.length_a   92.090
_cell.length_b   92.110
_cell.length_c   103.080
_cell.angle_alpha   95.740
_cell.angle_beta   110.520
_cell.angle_gamma   119.710
#
_symmetry.space_group_name_H-M   'P 1'
#
loop_
_entity.id
_entity.type
_entity.pdbx_description
1 polymer 'Glycoside Hydrolase'
2 non-polymer 'CALCIUM ION'
3 non-polymer 1,2-ETHANEDIOL
4 water water
#
_entity_poly.entity_id   1
_entity_poly.type   'polypeptide(L)'
_entity_poly.pdbx_seq_one_letter_code
;MGSSHHHHHHSSGLVPRGSHMASTDGITENFYEIYPKPQEISYSGGEFQISDEINIVYDDGIDTYTKKRVDEVLEASNLE
ATVSNEIVPGKTNFLVGINESGGVVDNYFNKNIPHDESFFDEKMDANIVSVKDGVIGVIAEDTDSAFYGVTTLKHVFNQL
EEGNEIKNFRADDYAEVAHRGFIEGYYGNPWSNEDRAELMKFGGDYKLNQYVFAPKDDPYHNSKWRDLYPEEKLSEIKKL
AQMGNETKNRYVYALHPFMNNPVRFDTEENYQNDLGVIKAKFTQLLENDVRQFAILADDASAPAQGASMYVKLLTDLTRW
LEEQQSTYPDLKTDLMFCPSDYYGNGSSAQLKELNKAEDNVSIVMTGGRIWGEVDENFANNFMNNISTEGHPGRAPFFWI
NWPCSDNSKQHLIMGGNDTFLHPGVDPSKIDGIVLNPMQQAEANKSALFAIADYAWNIWDNKEEADENWNDSFKYMDHGT
AEETNSSLALREISKHMINQNMDGRVRPLQESVELAPKLEAFKQKYDSGASIKEDALELIEEFTNLQKAAEYYKNNPGNE
RTRDQIIYWLNCWEDTMDAAIGYLKSAIAIEEGDDEAAWANYSEAQSAFEKSKTYGFHYVDHTEYAEVGVQHIVPFIKSM
GQNLSVVIGSIVD
;
_entity_poly.pdbx_strand_id   A,B,C,D
#
loop_
_chem_comp.id
_chem_comp.type
_chem_comp.name
_chem_comp.formula
CA non-polymer 'CALCIUM ION' 'Ca 2'
EDO non-polymer 1,2-ETHANEDIOL 'C2 H6 O2'
#
# COMPACT_ATOMS: atom_id res chain seq x y z
N PHE A 31 -17.29 -28.07 -45.63
CA PHE A 31 -16.14 -27.49 -44.82
C PHE A 31 -15.59 -28.53 -43.85
N TYR A 32 -14.25 -28.67 -43.87
CA TYR A 32 -13.57 -29.59 -42.98
C TYR A 32 -13.48 -29.00 -41.59
N GLU A 33 -13.54 -29.88 -40.59
CA GLU A 33 -13.23 -29.50 -39.22
C GLU A 33 -11.72 -29.68 -39.04
N ILE A 34 -11.04 -28.58 -38.69
CA ILE A 34 -9.59 -28.54 -38.53
C ILE A 34 -9.24 -27.87 -37.20
N TYR A 35 -8.44 -28.58 -36.40
CA TYR A 35 -7.91 -28.05 -35.16
C TYR A 35 -6.40 -28.23 -35.15
N PRO A 36 -5.64 -27.22 -34.66
CA PRO A 36 -6.22 -25.93 -34.31
C PRO A 36 -6.82 -25.22 -35.53
N LYS A 37 -7.73 -24.30 -35.24
CA LYS A 37 -8.39 -23.51 -36.27
C LYS A 37 -7.37 -22.78 -37.14
N PRO A 38 -7.35 -23.03 -38.46
CA PRO A 38 -6.49 -22.27 -39.38
C PRO A 38 -6.68 -20.76 -39.26
N GLN A 39 -5.59 -20.01 -39.40
CA GLN A 39 -5.68 -18.57 -39.26
C GLN A 39 -6.59 -18.04 -40.36
N GLU A 40 -6.39 -18.56 -41.57
CA GLU A 40 -7.26 -18.23 -42.70
C GLU A 40 -7.47 -19.47 -43.57
N ILE A 41 -8.73 -19.73 -43.92
CA ILE A 41 -9.02 -20.77 -44.89
C ILE A 41 -10.18 -20.34 -45.79
N SER A 42 -10.00 -20.54 -47.09
CA SER A 42 -11.04 -20.27 -48.05
C SER A 42 -11.16 -21.45 -49.02
N TYR A 43 -12.40 -21.77 -49.37
CA TYR A 43 -12.66 -22.80 -50.37
C TYR A 43 -13.16 -22.11 -51.64
N SER A 44 -12.33 -22.12 -52.68
CA SER A 44 -12.84 -21.88 -54.02
C SER A 44 -13.50 -23.19 -54.45
N GLY A 45 -14.72 -23.10 -54.99
CA GLY A 45 -15.48 -24.29 -55.31
C GLY A 45 -14.65 -25.30 -56.12
N GLY A 46 -15.21 -26.49 -56.30
CA GLY A 46 -14.49 -27.53 -57.02
C GLY A 46 -13.90 -28.54 -56.05
N GLU A 47 -13.65 -29.73 -56.58
CA GLU A 47 -13.21 -30.88 -55.81
C GLU A 47 -12.56 -31.85 -56.79
N PHE A 48 -11.89 -32.88 -56.29
CA PHE A 48 -11.31 -33.88 -57.18
C PHE A 48 -11.12 -35.18 -56.42
N GLN A 49 -11.07 -36.28 -57.19
CA GLN A 49 -10.69 -37.57 -56.68
C GLN A 49 -9.17 -37.64 -56.71
N ILE A 50 -8.61 -38.10 -55.60
CA ILE A 50 -7.18 -38.36 -55.47
C ILE A 50 -6.91 -39.72 -56.09
N SER A 51 -5.93 -39.77 -57.02
CA SER A 51 -5.56 -41.01 -57.70
C SER A 51 -4.96 -42.03 -56.74
N ASP A 52 -5.11 -43.31 -57.10
CA ASP A 52 -4.60 -44.45 -56.36
C ASP A 52 -3.08 -44.36 -56.18
N GLU A 53 -2.37 -43.84 -57.19
CA GLU A 53 -0.93 -43.68 -57.09
C GLU A 53 -0.58 -42.18 -57.03
N ILE A 54 0.34 -41.86 -56.10
CA ILE A 54 0.66 -40.48 -55.75
C ILE A 54 2.10 -40.21 -56.12
N ASN A 55 2.34 -39.03 -56.69
CA ASN A 55 3.69 -38.54 -56.88
C ASN A 55 3.98 -37.50 -55.79
N ILE A 56 5.05 -37.75 -55.02
CA ILE A 56 5.49 -36.88 -53.95
C ILE A 56 6.72 -36.09 -54.43
N VAL A 57 6.72 -34.77 -54.21
CA VAL A 57 7.94 -34.00 -54.38
C VAL A 57 8.31 -33.36 -53.04
N TYR A 58 9.61 -33.36 -52.75
CA TYR A 58 10.16 -32.74 -51.55
C TYR A 58 11.24 -31.72 -51.95
N ASP A 59 11.38 -30.70 -51.11
CA ASP A 59 12.53 -29.80 -51.18
C ASP A 59 13.59 -30.30 -50.20
N ASP A 60 14.86 -29.91 -50.46
CA ASP A 60 15.94 -30.01 -49.50
C ASP A 60 15.50 -29.32 -48.21
N GLY A 61 15.73 -29.97 -47.06
CA GLY A 61 15.40 -29.38 -45.77
C GLY A 61 14.26 -30.10 -45.05
N ILE A 62 13.34 -30.72 -45.81
CA ILE A 62 12.29 -31.57 -45.27
C ILE A 62 12.92 -32.76 -44.55
N ASP A 63 12.66 -32.90 -43.24
CA ASP A 63 13.34 -33.92 -42.44
C ASP A 63 12.67 -35.27 -42.63
N THR A 64 13.30 -36.34 -42.15
CA THR A 64 12.75 -37.68 -42.28
C THR A 64 11.42 -37.79 -41.57
N TYR A 65 11.19 -36.97 -40.53
CA TYR A 65 10.00 -37.12 -39.70
C TYR A 65 8.77 -36.66 -40.49
N THR A 66 8.94 -35.59 -41.28
CA THR A 66 7.89 -35.09 -42.12
C THR A 66 7.56 -36.09 -43.23
N LYS A 67 8.61 -36.70 -43.80
CA LYS A 67 8.42 -37.65 -44.90
C LYS A 67 7.65 -38.85 -44.36
N LYS A 68 8.04 -39.32 -43.16
CA LYS A 68 7.42 -40.46 -42.51
C LYS A 68 5.94 -40.19 -42.24
N ARG A 69 5.62 -39.02 -41.69
CA ARG A 69 4.23 -38.64 -41.49
C ARG A 69 3.46 -38.69 -42.82
N VAL A 70 4.07 -38.23 -43.90
CA VAL A 70 3.42 -38.24 -45.20
C VAL A 70 3.12 -39.69 -45.60
N ASP A 71 4.11 -40.57 -45.48
CA ASP A 71 3.95 -41.97 -45.83
C ASP A 71 2.79 -42.57 -45.03
N GLU A 72 2.73 -42.25 -43.73
CA GLU A 72 1.68 -42.72 -42.83
C GLU A 72 0.31 -42.23 -43.30
N VAL A 73 0.24 -40.98 -43.76
CA VAL A 73 -1.05 -40.39 -44.12
C VAL A 73 -1.59 -41.09 -45.38
N LEU A 74 -0.75 -41.24 -46.41
CA LEU A 74 -1.24 -41.85 -47.63
C LEU A 74 -1.58 -43.33 -47.39
N GLU A 75 -0.70 -44.05 -46.69
CA GLU A 75 -0.90 -45.47 -46.35
C GLU A 75 -2.27 -45.73 -45.72
N ALA A 76 -2.64 -44.89 -44.74
CA ALA A 76 -3.90 -44.99 -44.00
C ALA A 76 -5.11 -44.69 -44.90
N SER A 77 -4.88 -44.02 -46.04
CA SER A 77 -5.93 -43.81 -47.01
C SER A 77 -5.87 -44.88 -48.11
N ASN A 78 -5.00 -45.88 -47.93
CA ASN A 78 -4.79 -46.95 -48.90
C ASN A 78 -4.29 -46.39 -50.23
N LEU A 79 -3.35 -45.45 -50.16
CA LEU A 79 -2.82 -44.80 -51.34
C LEU A 79 -1.38 -45.25 -51.54
N GLU A 80 -0.97 -45.36 -52.80
CA GLU A 80 0.38 -45.79 -53.16
C GLU A 80 1.15 -44.58 -53.70
N ALA A 81 2.37 -44.38 -53.17
CA ALA A 81 3.08 -43.15 -53.44
C ALA A 81 4.49 -43.45 -53.93
N THR A 82 4.99 -42.58 -54.81
CA THR A 82 6.37 -42.60 -55.26
C THR A 82 6.95 -41.19 -55.12
N VAL A 83 8.19 -41.12 -54.61
CA VAL A 83 8.96 -39.88 -54.54
C VAL A 83 9.64 -39.68 -55.89
N SER A 84 9.61 -38.43 -56.38
CA SER A 84 10.37 -38.03 -57.55
C SER A 84 10.78 -36.57 -57.38
N ASN A 85 11.47 -36.01 -58.38
CA ASN A 85 12.05 -34.70 -58.24
C ASN A 85 11.32 -33.72 -59.15
N GLU A 86 10.21 -34.18 -59.75
CA GLU A 86 9.47 -33.41 -60.73
C GLU A 86 7.97 -33.62 -60.56
N ILE A 87 7.20 -32.61 -61.00
CA ILE A 87 5.74 -32.68 -61.04
C ILE A 87 5.35 -33.59 -62.20
N VAL A 88 4.55 -34.62 -61.90
CA VAL A 88 4.12 -35.63 -62.86
C VAL A 88 2.68 -35.37 -63.29
N PRO A 89 2.41 -35.02 -64.57
CA PRO A 89 1.04 -34.76 -65.03
C PRO A 89 0.20 -36.04 -65.02
N GLY A 90 -1.11 -35.90 -64.79
CA GLY A 90 -2.04 -37.00 -64.95
C GLY A 90 -2.10 -37.94 -63.75
N LYS A 91 -1.75 -37.44 -62.56
CA LYS A 91 -1.99 -38.11 -61.28
C LYS A 91 -1.88 -37.08 -60.16
N THR A 92 -2.42 -37.42 -58.98
CA THR A 92 -2.36 -36.48 -57.85
C THR A 92 -0.91 -36.29 -57.45
N ASN A 93 -0.51 -35.02 -57.29
CA ASN A 93 0.82 -34.70 -56.81
C ASN A 93 0.74 -34.27 -55.34
N PHE A 94 1.72 -34.72 -54.56
CA PHE A 94 1.90 -34.33 -53.17
C PHE A 94 3.24 -33.61 -53.03
N LEU A 95 3.17 -32.31 -52.73
CA LEU A 95 4.35 -31.47 -52.68
C LEU A 95 4.56 -30.95 -51.25
N VAL A 96 5.73 -31.22 -50.68
CA VAL A 96 6.04 -30.64 -49.39
C VAL A 96 7.39 -29.93 -49.48
N GLY A 97 7.41 -28.62 -49.19
CA GLY A 97 8.61 -27.83 -49.42
C GLY A 97 8.82 -26.68 -48.44
N ILE A 98 9.98 -26.02 -48.58
CA ILE A 98 10.46 -24.95 -47.74
C ILE A 98 10.59 -23.68 -48.59
N ASN A 99 10.01 -22.58 -48.09
CA ASN A 99 10.15 -21.29 -48.74
C ASN A 99 11.61 -20.90 -48.85
N GLU A 100 12.03 -20.50 -50.07
CA GLU A 100 13.34 -19.95 -50.37
C GLU A 100 14.41 -21.04 -50.38
N SER A 101 14.00 -22.30 -50.60
CA SER A 101 14.92 -23.43 -50.64
C SER A 101 15.49 -23.60 -52.04
N GLY A 102 14.88 -22.91 -53.01
CA GLY A 102 15.24 -23.06 -54.41
C GLY A 102 14.93 -24.45 -54.96
N GLY A 103 14.02 -25.19 -54.31
CA GLY A 103 13.60 -26.49 -54.80
C GLY A 103 12.36 -26.40 -55.70
N VAL A 104 11.92 -27.56 -56.21
CA VAL A 104 10.79 -27.67 -57.12
C VAL A 104 9.52 -27.16 -56.44
N VAL A 105 9.32 -27.53 -55.17
CA VAL A 105 8.08 -27.17 -54.49
C VAL A 105 8.03 -25.67 -54.27
N ASP A 106 9.15 -25.11 -53.81
CA ASP A 106 9.35 -23.68 -53.61
C ASP A 106 9.00 -22.95 -54.90
N ASN A 107 9.49 -23.48 -56.03
CA ASN A 107 9.28 -22.86 -57.34
C ASN A 107 7.81 -22.95 -57.74
N TYR A 108 7.20 -24.15 -57.60
CA TYR A 108 5.81 -24.35 -57.98
C TYR A 108 4.90 -23.36 -57.28
N PHE A 109 5.09 -23.18 -55.97
CA PHE A 109 4.26 -22.27 -55.18
C PHE A 109 4.45 -20.82 -55.66
N ASN A 110 5.67 -20.46 -56.04
CA ASN A 110 5.92 -19.11 -56.53
C ASN A 110 5.09 -18.89 -57.80
N LYS A 111 5.15 -19.86 -58.71
CA LYS A 111 4.51 -19.76 -60.02
C LYS A 111 3.00 -19.85 -59.91
N ASN A 112 2.46 -20.71 -59.03
CA ASN A 112 1.07 -21.13 -59.12
C ASN A 112 0.22 -20.69 -57.92
N ILE A 113 0.85 -20.52 -56.76
CA ILE A 113 0.12 -20.18 -55.55
C ILE A 113 0.61 -18.82 -55.06
N PRO A 114 -0.04 -17.71 -55.51
CA PRO A 114 0.40 -16.36 -55.15
C PRO A 114 0.43 -16.08 -53.64
N HIS A 115 1.55 -15.55 -53.17
CA HIS A 115 1.71 -15.12 -51.80
C HIS A 115 2.77 -14.01 -51.72
N ASP A 116 2.86 -13.35 -50.55
CA ASP A 116 3.91 -12.38 -50.29
C ASP A 116 5.00 -13.06 -49.45
N GLU A 117 6.26 -12.83 -49.81
CA GLU A 117 7.37 -13.49 -49.15
C GLU A 117 7.43 -13.08 -47.68
N SER A 118 6.97 -11.85 -47.39
CA SER A 118 7.04 -11.27 -46.07
C SER A 118 6.21 -12.09 -45.06
N PHE A 119 5.21 -12.82 -45.58
CA PHE A 119 4.36 -13.70 -44.80
C PHE A 119 5.19 -14.59 -43.88
N PHE A 120 6.24 -15.22 -44.44
CA PHE A 120 7.03 -16.19 -43.70
C PHE A 120 7.96 -15.52 -42.70
N ASP A 121 8.23 -14.23 -42.92
CA ASP A 121 9.13 -13.49 -42.03
C ASP A 121 8.36 -12.99 -40.82
N GLU A 122 7.09 -12.62 -41.05
CA GLU A 122 6.33 -11.83 -40.11
C GLU A 122 5.41 -12.69 -39.24
N LYS A 123 5.22 -13.97 -39.65
CA LYS A 123 4.42 -14.90 -38.88
C LYS A 123 5.30 -16.08 -38.46
N MET A 124 4.94 -16.68 -37.33
CA MET A 124 5.65 -17.82 -36.76
C MET A 124 4.97 -19.10 -37.23
N ASP A 125 5.79 -20.12 -37.53
CA ASP A 125 5.33 -21.44 -37.94
C ASP A 125 4.45 -21.31 -39.19
N ALA A 126 4.80 -20.34 -40.05
CA ALA A 126 4.04 -20.00 -41.25
C ALA A 126 4.06 -21.15 -42.25
N ASN A 127 2.86 -21.53 -42.71
CA ASN A 127 2.69 -22.58 -43.69
C ASN A 127 1.44 -22.32 -44.54
N ILE A 128 1.54 -22.62 -45.83
CA ILE A 128 0.39 -22.57 -46.72
C ILE A 128 0.10 -23.99 -47.18
N VAL A 129 -1.17 -24.40 -47.01
CA VAL A 129 -1.69 -25.66 -47.51
C VAL A 129 -2.60 -25.36 -48.70
N SER A 130 -2.23 -25.90 -49.86
CA SER A 130 -2.97 -25.70 -51.10
C SER A 130 -3.43 -27.04 -51.64
N VAL A 131 -4.74 -27.15 -51.85
CA VAL A 131 -5.39 -28.29 -52.49
C VAL A 131 -6.20 -27.75 -53.67
N LYS A 132 -5.68 -27.97 -54.89
CA LYS A 132 -6.40 -27.54 -56.08
C LYS A 132 -6.16 -28.50 -57.25
N ASP A 133 -7.25 -29.12 -57.71
CA ASP A 133 -7.34 -29.81 -58.98
C ASP A 133 -6.08 -30.64 -59.25
N GLY A 134 -5.82 -31.62 -58.37
CA GLY A 134 -4.79 -32.62 -58.63
C GLY A 134 -3.47 -32.36 -57.89
N VAL A 135 -3.29 -31.14 -57.38
CA VAL A 135 -2.05 -30.80 -56.71
C VAL A 135 -2.35 -30.52 -55.24
N ILE A 136 -1.70 -31.27 -54.34
CA ILE A 136 -1.78 -31.04 -52.90
C ILE A 136 -0.41 -30.58 -52.42
N GLY A 137 -0.35 -29.34 -51.93
CA GLY A 137 0.93 -28.74 -51.63
C GLY A 137 1.00 -28.16 -50.22
N VAL A 138 2.19 -28.26 -49.61
CA VAL A 138 2.51 -27.54 -48.39
C VAL A 138 3.81 -26.79 -48.62
N ILE A 139 3.85 -25.52 -48.22
CA ILE A 139 5.08 -24.74 -48.22
C ILE A 139 5.19 -24.04 -46.87
N ALA A 140 6.36 -24.17 -46.25
CA ALA A 140 6.52 -23.66 -44.89
C ALA A 140 7.87 -22.96 -44.79
N GLU A 141 8.04 -22.22 -43.70
CA GLU A 141 9.29 -21.50 -43.47
C GLU A 141 10.40 -22.47 -43.07
N ASP A 142 10.02 -23.59 -42.43
CA ASP A 142 10.98 -24.59 -41.97
C ASP A 142 10.30 -25.97 -41.93
N THR A 143 11.09 -27.03 -41.66
CA THR A 143 10.58 -28.39 -41.71
C THR A 143 9.58 -28.66 -40.58
N ASP A 144 9.72 -27.99 -39.43
CA ASP A 144 8.74 -28.12 -38.36
C ASP A 144 7.38 -27.67 -38.87
N SER A 145 7.31 -26.47 -39.46
CA SER A 145 6.05 -25.90 -39.90
C SER A 145 5.52 -26.61 -41.14
N ALA A 146 6.42 -27.17 -41.95
CA ALA A 146 6.03 -28.09 -43.00
C ALA A 146 5.28 -29.28 -42.41
N PHE A 147 5.78 -29.77 -41.28
CA PHE A 147 5.16 -30.89 -40.56
C PHE A 147 3.78 -30.50 -40.06
N TYR A 148 3.61 -29.23 -39.67
CA TYR A 148 2.33 -28.73 -39.18
C TYR A 148 1.32 -28.74 -40.33
N GLY A 149 1.75 -28.27 -41.51
CA GLY A 149 0.90 -28.24 -42.70
C GLY A 149 0.44 -29.65 -43.09
N VAL A 150 1.36 -30.62 -43.04
CA VAL A 150 1.06 -32.02 -43.36
C VAL A 150 0.08 -32.58 -42.33
N THR A 151 0.14 -32.08 -41.10
CA THR A 151 -0.73 -32.51 -40.02
C THR A 151 -2.15 -31.99 -40.24
N THR A 152 -2.27 -30.78 -40.78
CA THR A 152 -3.57 -30.30 -41.20
C THR A 152 -4.19 -31.27 -42.20
N LEU A 153 -3.38 -31.75 -43.16
CA LEU A 153 -3.85 -32.64 -44.22
C LEU A 153 -4.21 -34.01 -43.66
N LYS A 154 -3.46 -34.48 -42.65
CA LYS A 154 -3.80 -35.70 -41.94
C LYS A 154 -5.26 -35.67 -41.50
N HIS A 155 -5.68 -34.55 -40.92
CA HIS A 155 -7.02 -34.40 -40.36
C HIS A 155 -8.08 -34.31 -41.47
N VAL A 156 -7.67 -33.66 -42.58
CA VAL A 156 -8.46 -33.51 -43.78
C VAL A 156 -8.69 -34.89 -44.40
N PHE A 157 -7.63 -35.71 -44.46
CA PHE A 157 -7.72 -37.04 -45.06
C PHE A 157 -8.58 -37.98 -44.21
N ASN A 158 -8.90 -37.60 -42.97
CA ASN A 158 -9.75 -38.43 -42.13
C ASN A 158 -11.22 -38.03 -42.34
N GLN A 159 -11.46 -37.04 -43.20
CA GLN A 159 -12.81 -36.56 -43.46
C GLN A 159 -13.15 -36.65 -44.94
N LEU A 160 -12.48 -37.53 -45.69
CA LEU A 160 -12.67 -37.59 -47.13
C LEU A 160 -13.97 -38.31 -47.49
N GLU A 161 -14.68 -37.76 -48.49
CA GLU A 161 -15.97 -38.27 -48.92
C GLU A 161 -15.80 -39.07 -50.22
N GLU A 162 -16.78 -39.95 -50.48
CA GLU A 162 -17.00 -40.56 -51.79
C GLU A 162 -15.70 -41.04 -52.44
N GLY A 163 -14.94 -41.89 -51.75
CA GLY A 163 -13.75 -42.51 -52.33
C GLY A 163 -12.63 -41.50 -52.63
N ASN A 164 -12.12 -40.86 -51.58
CA ASN A 164 -10.97 -39.98 -51.66
C ASN A 164 -11.30 -38.74 -52.50
N GLU A 165 -12.52 -38.22 -52.37
CA GLU A 165 -12.85 -36.93 -52.96
C GLU A 165 -12.48 -35.82 -51.96
N ILE A 166 -11.64 -34.87 -52.40
CA ILE A 166 -11.21 -33.77 -51.56
C ILE A 166 -11.61 -32.44 -52.21
N LYS A 167 -12.05 -31.50 -51.36
CA LYS A 167 -12.47 -30.17 -51.82
C LYS A 167 -11.25 -29.27 -51.98
N ASN A 168 -11.23 -28.50 -53.08
CA ASN A 168 -10.26 -27.45 -53.30
C ASN A 168 -10.29 -26.47 -52.12
N PHE A 169 -9.11 -26.18 -51.56
CA PHE A 169 -8.99 -25.13 -50.55
C PHE A 169 -7.56 -24.62 -50.43
N ARG A 170 -7.44 -23.51 -49.70
CA ARG A 170 -6.16 -22.92 -49.35
C ARG A 170 -6.23 -22.44 -47.91
N ALA A 171 -5.22 -22.83 -47.13
CA ALA A 171 -5.08 -22.33 -45.78
C ALA A 171 -3.76 -21.56 -45.70
N ASP A 172 -3.83 -20.32 -45.20
CA ASP A 172 -2.63 -19.54 -44.89
C ASP A 172 -2.50 -19.49 -43.36
N ASP A 173 -1.60 -20.31 -42.80
CA ASP A 173 -1.66 -20.67 -41.40
C ASP A 173 -0.34 -20.31 -40.70
N TYR A 174 -0.45 -20.06 -39.39
CA TYR A 174 0.68 -19.65 -38.57
C TYR A 174 0.25 -19.69 -37.11
N ALA A 175 1.24 -19.73 -36.21
CA ALA A 175 0.97 -19.75 -34.79
C ALA A 175 1.11 -18.33 -34.24
N GLU A 176 0.27 -17.99 -33.26
CA GLU A 176 0.33 -16.69 -32.61
C GLU A 176 1.19 -16.75 -31.34
N VAL A 177 1.46 -17.96 -30.83
CA VAL A 177 2.31 -18.21 -29.67
C VAL A 177 3.39 -19.21 -30.11
N ALA A 178 4.66 -18.85 -29.87
CA ALA A 178 5.77 -19.58 -30.45
C ALA A 178 5.98 -20.93 -29.75
N HIS A 179 5.63 -21.01 -28.46
CA HIS A 179 5.95 -22.16 -27.64
C HIS A 179 4.69 -22.74 -27.01
N ARG A 180 4.37 -24.00 -27.32
CA ARG A 180 3.04 -24.52 -27.02
C ARG A 180 3.13 -25.97 -26.56
N GLY A 181 2.66 -26.24 -25.34
CA GLY A 181 2.75 -27.62 -24.87
C GLY A 181 2.38 -27.79 -23.40
N PHE A 182 3.08 -28.71 -22.76
CA PHE A 182 2.76 -29.15 -21.41
C PHE A 182 4.01 -29.62 -20.69
N ILE A 183 3.91 -29.64 -19.36
CA ILE A 183 5.04 -29.93 -18.48
C ILE A 183 4.59 -30.92 -17.40
N GLU A 184 5.46 -31.89 -17.14
CA GLU A 184 5.25 -32.82 -16.04
C GLU A 184 5.87 -32.19 -14.79
N GLY A 185 5.14 -31.28 -14.15
CA GLY A 185 5.66 -30.49 -13.04
C GLY A 185 4.72 -30.43 -11.84
N TYR A 186 3.77 -31.38 -11.74
CA TYR A 186 2.76 -31.34 -10.69
C TYR A 186 3.28 -32.18 -9.51
N TYR A 187 2.56 -32.15 -8.39
CA TYR A 187 2.88 -33.08 -7.32
C TYR A 187 1.94 -34.28 -7.43
N GLY A 188 2.51 -35.45 -7.71
CA GLY A 188 1.73 -36.65 -7.98
C GLY A 188 2.63 -37.76 -8.50
N ASN A 189 2.03 -38.89 -8.89
CA ASN A 189 2.79 -39.99 -9.47
C ASN A 189 3.29 -39.56 -10.84
N PRO A 190 4.53 -39.96 -11.23
CA PRO A 190 5.03 -39.65 -12.56
C PRO A 190 4.15 -40.36 -13.60
N TRP A 191 4.08 -39.77 -14.80
CA TRP A 191 3.58 -40.47 -15.96
C TRP A 191 4.53 -41.63 -16.28
N SER A 192 3.97 -42.73 -16.77
CA SER A 192 4.78 -43.85 -17.19
C SER A 192 5.47 -43.46 -18.51
N ASN A 193 6.51 -44.18 -18.88
CA ASN A 193 7.24 -43.86 -20.10
C ASN A 193 6.34 -43.95 -21.33
N GLU A 194 5.46 -44.95 -21.33
CA GLU A 194 4.42 -45.11 -22.32
C GLU A 194 3.43 -43.95 -22.29
N ASP A 195 3.08 -43.44 -21.10
CA ASP A 195 2.14 -42.34 -20.94
C ASP A 195 2.68 -41.09 -21.64
N ARG A 196 3.99 -40.88 -21.49
CA ARG A 196 4.66 -39.71 -21.99
C ARG A 196 4.61 -39.74 -23.52
N ALA A 197 4.93 -40.91 -24.09
CA ALA A 197 4.95 -41.11 -25.52
C ALA A 197 3.57 -40.82 -26.09
N GLU A 198 2.55 -41.34 -25.40
CA GLU A 198 1.16 -41.17 -25.77
C GLU A 198 0.78 -39.67 -25.76
N LEU A 199 1.27 -38.91 -24.76
CA LEU A 199 0.88 -37.50 -24.68
C LEU A 199 1.56 -36.69 -25.78
N MET A 200 2.80 -37.05 -26.12
CA MET A 200 3.51 -36.40 -27.21
C MET A 200 2.85 -36.74 -28.55
N LYS A 201 2.42 -38.00 -28.71
CA LYS A 201 1.70 -38.40 -29.91
C LYS A 201 0.46 -37.53 -30.10
N PHE A 202 -0.35 -37.41 -29.03
CA PHE A 202 -1.58 -36.65 -29.02
C PHE A 202 -1.31 -35.20 -29.42
N GLY A 203 -0.42 -34.53 -28.67
CA GLY A 203 -0.02 -33.16 -28.95
C GLY A 203 0.55 -33.00 -30.35
N GLY A 204 1.22 -34.05 -30.85
CA GLY A 204 1.78 -34.06 -32.20
C GLY A 204 0.73 -33.99 -33.31
N ASP A 205 -0.54 -34.23 -32.97
CA ASP A 205 -1.62 -34.08 -33.95
C ASP A 205 -2.19 -32.66 -33.96
N TYR A 206 -1.81 -31.80 -32.99
CA TYR A 206 -2.43 -30.48 -32.82
C TYR A 206 -1.37 -29.39 -32.74
N LYS A 207 -0.20 -29.65 -33.32
CA LYS A 207 0.85 -28.66 -33.55
C LYS A 207 1.49 -28.17 -32.24
N LEU A 208 1.34 -28.92 -31.14
CA LEU A 208 2.10 -28.55 -29.94
C LEU A 208 3.57 -28.84 -30.19
N ASN A 209 4.47 -28.07 -29.54
CA ASN A 209 5.89 -28.18 -29.82
C ASN A 209 6.74 -28.36 -28.55
N GLN A 210 6.11 -28.57 -27.39
CA GLN A 210 6.87 -28.75 -26.17
C GLN A 210 6.21 -29.77 -25.23
N TYR A 211 6.98 -30.78 -24.81
CA TYR A 211 6.74 -31.55 -23.59
C TYR A 211 7.91 -31.30 -22.63
N VAL A 212 7.65 -30.61 -21.53
CA VAL A 212 8.77 -30.31 -20.64
C VAL A 212 8.88 -31.40 -19.56
N PHE A 213 10.01 -32.09 -19.58
CA PHE A 213 10.29 -33.18 -18.66
C PHE A 213 10.90 -32.61 -17.38
N ALA A 214 10.14 -32.66 -16.29
CA ALA A 214 10.59 -32.21 -14.97
C ALA A 214 10.03 -33.13 -13.88
N PRO A 215 10.03 -34.48 -14.04
CA PRO A 215 9.42 -35.34 -13.02
C PRO A 215 10.20 -35.26 -11.71
N LYS A 216 9.48 -35.13 -10.59
CA LYS A 216 10.10 -34.91 -9.30
C LYS A 216 10.83 -36.15 -8.82
N ASP A 217 10.50 -37.31 -9.38
CA ASP A 217 11.09 -38.56 -8.91
C ASP A 217 12.37 -38.88 -9.67
N ASP A 218 12.74 -38.05 -10.66
CA ASP A 218 14.01 -38.22 -11.33
C ASP A 218 15.04 -37.32 -10.67
N PRO A 219 15.98 -37.87 -9.87
CA PRO A 219 16.98 -37.06 -9.18
C PRO A 219 18.02 -36.45 -10.13
N TYR A 220 18.21 -37.06 -11.30
CA TYR A 220 19.24 -36.61 -12.22
C TYR A 220 19.00 -35.17 -12.70
N HIS A 221 17.78 -34.64 -12.51
CA HIS A 221 17.52 -33.29 -12.98
C HIS A 221 17.72 -32.28 -11.86
N ASN A 222 17.91 -32.74 -10.62
CA ASN A 222 17.99 -31.81 -9.50
C ASN A 222 19.02 -32.27 -8.45
N SER A 223 18.61 -33.19 -7.58
CA SER A 223 19.44 -33.53 -6.44
C SER A 223 20.71 -34.27 -6.86
N LYS A 224 20.72 -34.79 -8.10
CA LYS A 224 21.88 -35.41 -8.71
C LYS A 224 22.14 -34.77 -10.08
N TRP A 225 21.99 -33.44 -10.19
CA TRP A 225 22.10 -32.75 -11.46
C TRP A 225 23.49 -32.85 -12.09
N ARG A 226 24.54 -32.95 -11.26
CA ARG A 226 25.91 -33.09 -11.73
C ARG A 226 26.17 -34.48 -12.33
N ASP A 227 25.35 -35.49 -11.98
CA ASP A 227 25.61 -36.87 -12.33
C ASP A 227 25.08 -37.18 -13.74
N LEU A 228 25.90 -37.92 -14.51
CA LEU A 228 25.45 -38.45 -15.80
C LEU A 228 24.50 -39.62 -15.55
N TYR A 229 23.55 -39.84 -16.49
CA TYR A 229 22.61 -40.95 -16.44
C TYR A 229 23.38 -42.25 -16.65
N PRO A 230 23.02 -43.36 -15.95
CA PRO A 230 23.50 -44.68 -16.34
C PRO A 230 22.76 -45.13 -17.61
N GLU A 231 23.27 -46.18 -18.27
CA GLU A 231 22.93 -46.47 -19.65
C GLU A 231 21.46 -46.84 -19.84
N GLU A 232 20.86 -47.59 -18.89
CA GLU A 232 19.50 -48.10 -19.06
C GLU A 232 18.48 -46.97 -18.91
N LYS A 233 18.71 -46.06 -17.97
CA LYS A 233 17.90 -44.85 -17.84
C LYS A 233 18.07 -43.97 -19.07
N LEU A 234 19.32 -43.84 -19.56
CA LEU A 234 19.60 -43.01 -20.73
C LEU A 234 18.80 -43.50 -21.94
N SER A 235 18.68 -44.82 -22.08
CA SER A 235 18.01 -45.39 -23.25
C SER A 235 16.52 -45.09 -23.22
N GLU A 236 15.95 -44.94 -22.01
CA GLU A 236 14.57 -44.50 -21.85
C GLU A 236 14.41 -43.04 -22.26
N ILE A 237 15.37 -42.17 -21.86
CA ILE A 237 15.35 -40.78 -22.30
C ILE A 237 15.38 -40.77 -23.83
N LYS A 238 16.29 -41.58 -24.39
CA LYS A 238 16.44 -41.64 -25.83
C LYS A 238 15.07 -41.84 -26.47
N LYS A 239 14.31 -42.85 -26.00
CA LYS A 239 13.00 -43.16 -26.53
C LYS A 239 12.04 -41.97 -26.37
N LEU A 240 12.12 -41.22 -25.27
CA LEU A 240 11.23 -40.06 -25.14
C LEU A 240 11.60 -38.97 -26.15
N ALA A 241 12.91 -38.72 -26.29
CA ALA A 241 13.43 -37.70 -27.19
C ALA A 241 13.02 -38.00 -28.64
N GLN A 242 13.16 -39.27 -29.01
CA GLN A 242 12.84 -39.80 -30.33
C GLN A 242 11.36 -39.55 -30.66
N MET A 243 10.46 -39.99 -29.77
CA MET A 243 9.03 -39.72 -29.90
C MET A 243 8.80 -38.21 -30.04
N GLY A 244 9.53 -37.42 -29.25
CA GLY A 244 9.46 -35.96 -29.29
C GLY A 244 9.80 -35.42 -30.69
N ASN A 245 10.81 -36.01 -31.35
CA ASN A 245 11.26 -35.58 -32.67
C ASN A 245 10.33 -36.09 -33.76
N GLU A 246 9.72 -37.27 -33.57
CA GLU A 246 8.88 -37.87 -34.59
C GLU A 246 7.52 -37.18 -34.67
N THR A 247 7.09 -36.58 -33.55
CA THR A 247 5.77 -35.97 -33.47
C THR A 247 5.85 -34.45 -33.53
N LYS A 248 7.07 -33.90 -33.38
CA LYS A 248 7.36 -32.48 -33.28
C LYS A 248 6.89 -31.88 -31.95
N ASN A 249 6.34 -32.71 -31.06
CA ASN A 249 6.00 -32.33 -29.69
C ASN A 249 7.26 -32.53 -28.86
N ARG A 250 8.20 -31.62 -29.11
CA ARG A 250 9.61 -31.77 -28.79
C ARG A 250 9.81 -31.95 -27.30
N TYR A 251 10.64 -32.94 -26.95
CA TYR A 251 11.05 -33.23 -25.60
C TYR A 251 12.00 -32.14 -25.11
N VAL A 252 11.67 -31.54 -23.97
CA VAL A 252 12.48 -30.49 -23.37
C VAL A 252 13.03 -30.98 -22.03
N TYR A 253 14.35 -31.12 -21.95
CA TYR A 253 14.92 -31.55 -20.68
C TYR A 253 15.17 -30.35 -19.77
N ALA A 254 14.55 -30.37 -18.59
CA ALA A 254 14.64 -29.28 -17.64
C ALA A 254 15.67 -29.60 -16.56
N LEU A 255 16.67 -28.74 -16.39
CA LEU A 255 17.71 -29.01 -15.41
C LEU A 255 17.61 -27.95 -14.33
N HIS A 256 17.67 -28.41 -13.06
CA HIS A 256 17.75 -27.51 -11.94
C HIS A 256 19.14 -27.62 -11.31
N PRO A 257 20.08 -26.72 -11.67
CA PRO A 257 21.42 -26.76 -11.10
C PRO A 257 21.66 -25.75 -9.98
N PHE A 258 20.59 -25.27 -9.32
CA PHE A 258 20.74 -24.21 -8.33
C PHE A 258 20.25 -24.59 -6.93
N MET A 259 19.60 -25.74 -6.76
CA MET A 259 19.03 -26.08 -5.46
C MET A 259 20.00 -26.90 -4.59
N ASN A 260 20.77 -27.79 -5.23
CA ASN A 260 21.54 -28.83 -4.59
C ASN A 260 22.94 -28.79 -5.18
N ASN A 261 23.97 -28.62 -4.32
CA ASN A 261 25.34 -28.42 -4.77
C ASN A 261 25.34 -27.54 -6.03
N PRO A 262 24.90 -26.26 -5.92
CA PRO A 262 24.66 -25.42 -7.10
C PRO A 262 25.90 -24.96 -7.86
N VAL A 263 25.65 -24.50 -9.10
CA VAL A 263 26.63 -23.79 -9.91
C VAL A 263 27.26 -22.69 -9.06
N ARG A 264 28.60 -22.66 -9.03
CA ARG A 264 29.30 -21.76 -8.15
C ARG A 264 29.68 -20.49 -8.91
N PHE A 265 29.59 -19.37 -8.21
CA PHE A 265 29.90 -18.09 -8.80
C PHE A 265 30.86 -17.34 -7.88
N ASP A 266 31.47 -18.07 -6.93
CA ASP A 266 32.41 -17.46 -6.00
C ASP A 266 33.76 -17.20 -6.66
N THR A 267 34.18 -18.08 -7.60
CA THR A 267 35.36 -17.82 -8.42
C THR A 267 35.07 -18.21 -9.86
N GLU A 268 35.86 -17.64 -10.79
CA GLU A 268 35.80 -17.96 -12.20
C GLU A 268 36.13 -19.43 -12.43
N GLU A 269 37.06 -19.95 -11.61
CA GLU A 269 37.53 -21.32 -11.68
C GLU A 269 36.37 -22.29 -11.42
N ASN A 270 35.64 -22.01 -10.33
CA ASN A 270 34.50 -22.78 -9.86
C ASN A 270 33.37 -22.73 -10.90
N TYR A 271 33.16 -21.52 -11.42
CA TYR A 271 32.10 -21.27 -12.39
C TYR A 271 32.34 -22.05 -13.68
N GLN A 272 33.57 -21.96 -14.21
CA GLN A 272 33.90 -22.60 -15.48
C GLN A 272 33.79 -24.12 -15.33
N ASN A 273 34.18 -24.65 -14.15
CA ASN A 273 34.07 -26.06 -13.88
C ASN A 273 32.59 -26.45 -13.94
N ASP A 274 31.74 -25.57 -13.39
CA ASP A 274 30.36 -25.93 -13.14
C ASP A 274 29.59 -25.83 -14.44
N LEU A 275 29.84 -24.74 -15.18
CA LEU A 275 29.34 -24.64 -16.55
C LEU A 275 29.70 -25.93 -17.28
N GLY A 276 30.93 -26.41 -17.08
CA GLY A 276 31.41 -27.58 -17.79
C GLY A 276 30.64 -28.86 -17.43
N VAL A 277 30.16 -28.93 -16.18
CA VAL A 277 29.34 -30.04 -15.72
C VAL A 277 28.02 -30.03 -16.49
N ILE A 278 27.46 -28.83 -16.70
CA ILE A 278 26.21 -28.67 -17.41
C ILE A 278 26.37 -29.14 -18.85
N LYS A 279 27.45 -28.71 -19.50
CA LYS A 279 27.69 -29.11 -20.89
C LYS A 279 27.83 -30.61 -20.97
N ALA A 280 28.44 -31.21 -19.93
CA ALA A 280 28.60 -32.66 -19.91
C ALA A 280 27.24 -33.34 -19.78
N LYS A 281 26.37 -32.78 -18.92
CA LYS A 281 25.03 -33.33 -18.75
C LYS A 281 24.30 -33.25 -20.08
N PHE A 282 24.35 -32.06 -20.71
CA PHE A 282 23.61 -31.80 -21.94
C PHE A 282 24.17 -32.58 -23.13
N THR A 283 25.50 -32.79 -23.15
CA THR A 283 26.16 -33.53 -24.21
C THR A 283 25.63 -34.97 -24.23
N GLN A 284 25.55 -35.58 -23.04
CA GLN A 284 25.05 -36.94 -22.97
C GLN A 284 23.64 -36.98 -23.59
N LEU A 285 22.86 -35.93 -23.35
CA LEU A 285 21.47 -35.93 -23.78
C LEU A 285 21.39 -35.64 -25.28
N LEU A 286 22.22 -34.70 -25.77
CA LEU A 286 22.40 -34.45 -27.20
C LEU A 286 22.71 -35.74 -27.95
N GLU A 287 23.51 -36.64 -27.35
CA GLU A 287 23.94 -37.87 -28.01
C GLU A 287 22.79 -38.88 -28.05
N ASN A 288 21.74 -38.59 -27.28
CA ASN A 288 20.58 -39.47 -27.21
C ASN A 288 19.33 -38.71 -27.65
N ASP A 289 19.49 -37.86 -28.67
CA ASP A 289 18.40 -37.31 -29.49
C ASP A 289 17.65 -36.14 -28.84
N VAL A 290 18.09 -35.70 -27.66
CA VAL A 290 17.51 -34.53 -27.01
C VAL A 290 17.92 -33.28 -27.80
N ARG A 291 16.98 -32.33 -27.97
CA ARG A 291 17.18 -31.21 -28.89
C ARG A 291 16.64 -29.90 -28.33
N GLN A 292 16.20 -29.89 -27.06
CA GLN A 292 15.82 -28.66 -26.40
C GLN A 292 16.00 -28.82 -24.89
N PHE A 293 16.35 -27.71 -24.24
CA PHE A 293 16.66 -27.63 -22.83
C PHE A 293 15.93 -26.46 -22.18
N ALA A 294 15.81 -26.54 -20.85
CA ALA A 294 15.21 -25.55 -19.98
C ALA A 294 15.99 -25.54 -18.66
N ILE A 295 16.01 -24.38 -18.01
CA ILE A 295 16.71 -24.19 -16.75
C ILE A 295 15.70 -23.80 -15.68
N LEU A 296 15.69 -24.56 -14.58
CA LEU A 296 14.82 -24.32 -13.45
C LEU A 296 15.65 -23.68 -12.34
N ALA A 297 15.07 -22.73 -11.60
CA ALA A 297 15.80 -22.03 -10.54
C ALA A 297 14.89 -21.68 -9.35
N ASP A 298 13.73 -22.34 -9.28
CA ASP A 298 12.76 -22.07 -8.22
C ASP A 298 13.20 -22.72 -6.91
N ASP A 299 12.71 -22.17 -5.78
CA ASP A 299 12.89 -22.72 -4.44
C ASP A 299 14.36 -22.75 -4.03
N ALA A 300 15.14 -21.81 -4.55
CA ALA A 300 16.57 -21.77 -4.25
C ALA A 300 17.07 -20.33 -4.31
N SER A 301 18.13 -20.05 -3.52
CA SER A 301 18.84 -18.80 -3.57
C SER A 301 19.33 -18.53 -4.99
N ALA A 302 19.45 -17.25 -5.33
CA ALA A 302 20.25 -16.83 -6.47
C ALA A 302 21.74 -16.98 -6.15
N PRO A 303 22.62 -16.84 -7.15
CA PRO A 303 24.06 -16.82 -6.89
C PRO A 303 24.46 -15.58 -6.11
N ALA A 304 25.64 -15.64 -5.47
CA ALA A 304 26.25 -14.48 -4.83
C ALA A 304 26.17 -13.31 -5.80
N GLN A 305 25.75 -12.16 -5.27
CA GLN A 305 25.55 -10.96 -6.10
C GLN A 305 24.13 -10.91 -6.68
N GLY A 306 23.38 -12.02 -6.62
CA GLY A 306 21.98 -12.04 -7.02
C GLY A 306 21.76 -12.46 -8.47
N ALA A 307 20.62 -12.05 -9.04
CA ALA A 307 20.02 -12.63 -10.24
C ALA A 307 20.80 -12.36 -11.54
N SER A 308 21.71 -11.37 -11.54
CA SER A 308 22.47 -11.07 -12.74
C SER A 308 23.33 -12.26 -13.18
N MET A 309 23.61 -13.16 -12.24
CA MET A 309 24.46 -14.29 -12.53
C MET A 309 23.71 -15.35 -13.34
N TYR A 310 22.37 -15.40 -13.21
CA TYR A 310 21.60 -16.30 -14.05
C TYR A 310 21.85 -15.98 -15.52
N VAL A 311 21.88 -14.68 -15.84
CA VAL A 311 21.98 -14.17 -17.20
C VAL A 311 23.34 -14.54 -17.79
N LYS A 312 24.41 -14.25 -17.02
CA LYS A 312 25.74 -14.78 -17.27
C LYS A 312 25.70 -16.26 -17.67
N LEU A 313 25.08 -17.12 -16.85
CA LEU A 313 25.02 -18.55 -17.14
C LEU A 313 24.22 -18.83 -18.42
N LEU A 314 23.05 -18.20 -18.58
CA LEU A 314 22.18 -18.48 -19.70
C LEU A 314 22.85 -18.07 -21.01
N THR A 315 23.57 -16.93 -21.02
CA THR A 315 24.23 -16.48 -22.24
C THR A 315 25.29 -17.48 -22.67
N ASP A 316 26.13 -17.91 -21.71
CA ASP A 316 27.21 -18.87 -21.92
C ASP A 316 26.65 -20.19 -22.49
N LEU A 317 25.55 -20.65 -21.90
CA LEU A 317 24.87 -21.86 -22.35
C LEU A 317 24.39 -21.66 -23.78
N THR A 318 23.82 -20.48 -24.05
CA THR A 318 23.36 -20.15 -25.40
C THR A 318 24.51 -20.21 -26.39
N ARG A 319 25.67 -19.61 -26.05
CA ARG A 319 26.82 -19.68 -26.94
C ARG A 319 27.16 -21.13 -27.23
N TRP A 320 27.17 -21.95 -26.16
CA TRP A 320 27.54 -23.35 -26.31
C TRP A 320 26.53 -24.06 -27.22
N LEU A 321 25.25 -23.78 -27.00
CA LEU A 321 24.21 -24.48 -27.76
C LEU A 321 24.40 -24.16 -29.24
N GLU A 322 24.76 -22.91 -29.54
CA GLU A 322 24.95 -22.44 -30.89
C GLU A 322 26.08 -23.21 -31.53
N GLU A 323 27.15 -23.44 -30.77
CA GLU A 323 28.29 -24.22 -31.22
C GLU A 323 27.86 -25.67 -31.49
N GLN A 324 26.88 -26.16 -30.73
CA GLN A 324 26.49 -27.57 -30.84
C GLN A 324 25.66 -27.83 -32.11
N GLN A 325 25.13 -26.75 -32.70
CA GLN A 325 24.31 -26.83 -33.90
C GLN A 325 25.06 -27.34 -35.13
N SER A 326 26.40 -27.22 -35.19
CA SER A 326 27.22 -27.77 -36.27
C SER A 326 27.05 -29.28 -36.35
N THR A 327 27.10 -29.93 -35.17
CA THR A 327 26.95 -31.37 -35.00
C THR A 327 25.47 -31.75 -35.05
N TYR A 328 24.61 -30.91 -34.45
CA TYR A 328 23.22 -31.24 -34.25
C TYR A 328 22.33 -30.12 -34.78
N PRO A 329 22.03 -30.11 -36.10
CA PRO A 329 21.43 -28.95 -36.76
C PRO A 329 20.01 -28.67 -36.27
N ASP A 330 19.33 -29.70 -35.75
CA ASP A 330 17.94 -29.54 -35.37
C ASP A 330 17.81 -29.04 -33.93
N LEU A 331 18.93 -28.70 -33.28
CA LEU A 331 18.92 -28.31 -31.88
C LEU A 331 18.38 -26.90 -31.72
N LYS A 332 17.46 -26.73 -30.75
CA LYS A 332 16.86 -25.43 -30.46
C LYS A 332 17.65 -24.73 -29.37
N THR A 333 17.85 -23.42 -29.53
CA THR A 333 18.60 -22.62 -28.56
C THR A 333 17.64 -21.90 -27.61
N ASP A 334 16.33 -22.00 -27.88
CA ASP A 334 15.34 -21.44 -26.97
C ASP A 334 15.53 -22.03 -25.57
N LEU A 335 15.53 -21.16 -24.56
CA LEU A 335 15.76 -21.55 -23.16
C LEU A 335 14.69 -20.95 -22.26
N MET A 336 13.85 -21.82 -21.68
CA MET A 336 12.89 -21.43 -20.66
C MET A 336 13.62 -21.35 -19.32
N PHE A 337 13.35 -20.27 -18.56
CA PHE A 337 13.95 -20.10 -17.25
C PHE A 337 12.87 -19.95 -16.20
N CYS A 338 12.82 -20.88 -15.22
CA CYS A 338 11.83 -20.74 -14.18
C CYS A 338 12.48 -20.01 -13.00
N PRO A 339 12.03 -18.76 -12.69
CA PRO A 339 12.60 -18.00 -11.58
C PRO A 339 11.93 -18.40 -10.27
N SER A 340 12.47 -17.92 -9.16
CA SER A 340 11.99 -18.35 -7.85
C SER A 340 10.75 -17.55 -7.47
N ASP A 341 10.41 -16.51 -8.23
CA ASP A 341 9.21 -15.71 -8.00
C ASP A 341 8.31 -15.70 -9.23
N TYR A 342 8.00 -16.90 -9.72
CA TYR A 342 7.14 -17.09 -10.87
C TYR A 342 5.73 -16.62 -10.56
N TYR A 343 5.39 -16.48 -9.27
CA TYR A 343 4.08 -16.06 -8.82
C TYR A 343 3.96 -14.53 -8.78
N GLY A 344 5.04 -13.81 -9.12
CA GLY A 344 5.12 -12.36 -9.00
C GLY A 344 4.49 -11.59 -10.17
N ASN A 345 4.64 -10.25 -10.16
CA ASN A 345 3.98 -9.37 -11.11
C ASN A 345 5.00 -8.79 -12.11
N GLY A 346 6.28 -9.14 -11.90
CA GLY A 346 7.35 -8.69 -12.78
C GLY A 346 8.10 -7.46 -12.25
N SER A 347 7.67 -6.91 -11.11
CA SER A 347 8.30 -5.73 -10.53
C SER A 347 9.62 -6.07 -9.83
N SER A 348 9.78 -7.32 -9.37
CA SER A 348 10.91 -7.66 -8.50
C SER A 348 12.22 -7.30 -9.19
N ALA A 349 13.26 -7.05 -8.39
CA ALA A 349 14.62 -6.87 -8.88
C ALA A 349 15.12 -8.09 -9.66
N GLN A 350 14.82 -9.31 -9.17
CA GLN A 350 15.25 -10.52 -9.87
C GLN A 350 14.69 -10.56 -11.30
N LEU A 351 13.40 -10.27 -11.44
CA LEU A 351 12.80 -10.39 -12.75
C LEU A 351 13.41 -9.37 -13.73
N LYS A 352 13.56 -8.12 -13.27
CA LYS A 352 14.18 -7.06 -14.03
C LYS A 352 15.57 -7.47 -14.52
N GLU A 353 16.39 -8.07 -13.64
CA GLU A 353 17.70 -8.57 -14.01
C GLU A 353 17.60 -9.63 -15.12
N LEU A 354 16.77 -10.64 -14.91
CA LEU A 354 16.54 -11.70 -15.90
C LEU A 354 16.09 -11.11 -17.23
N ASN A 355 15.30 -10.03 -17.19
CA ASN A 355 14.79 -9.44 -18.42
C ASN A 355 15.93 -8.87 -19.28
N LYS A 356 17.13 -8.72 -18.71
CA LYS A 356 18.27 -8.24 -19.48
C LYS A 356 18.90 -9.39 -20.26
N ALA A 357 18.34 -10.60 -20.17
CA ALA A 357 18.87 -11.73 -20.94
C ALA A 357 18.57 -11.55 -22.42
N GLU A 358 19.28 -12.31 -23.27
CA GLU A 358 19.05 -12.32 -24.71
C GLU A 358 17.67 -12.87 -25.05
N ASP A 359 17.31 -12.73 -26.33
CA ASP A 359 15.95 -12.90 -26.80
C ASP A 359 15.53 -14.37 -26.83
N ASN A 360 16.51 -15.28 -26.77
CA ASN A 360 16.20 -16.71 -26.79
C ASN A 360 15.79 -17.20 -25.39
N VAL A 361 15.82 -16.30 -24.40
CA VAL A 361 15.45 -16.68 -23.05
C VAL A 361 13.98 -16.33 -22.82
N SER A 362 13.22 -17.24 -22.21
CA SER A 362 11.84 -17.02 -21.81
C SER A 362 11.75 -17.05 -20.28
N ILE A 363 10.93 -16.16 -19.72
CA ILE A 363 10.73 -16.04 -18.29
C ILE A 363 9.34 -16.56 -17.95
N VAL A 364 9.33 -17.66 -17.18
CA VAL A 364 8.16 -18.45 -16.81
C VAL A 364 7.44 -17.79 -15.63
N MET A 365 6.14 -17.51 -15.83
CA MET A 365 5.31 -16.98 -14.76
C MET A 365 4.00 -17.76 -14.70
N THR A 366 3.35 -17.73 -13.52
CA THR A 366 2.12 -18.49 -13.38
C THR A 366 0.88 -17.61 -13.39
N GLY A 367 1.02 -16.30 -13.69
CA GLY A 367 -0.13 -15.43 -13.90
C GLY A 367 -0.47 -14.53 -12.71
N GLY A 368 0.51 -14.25 -11.85
CA GLY A 368 0.33 -13.23 -10.82
C GLY A 368 -0.08 -13.81 -9.47
N ARG A 369 -0.34 -15.12 -9.46
CA ARG A 369 -0.47 -15.95 -8.26
C ARG A 369 -0.27 -17.41 -8.68
N ILE A 370 -0.29 -18.37 -7.72
CA ILE A 370 0.08 -19.74 -8.08
C ILE A 370 -0.86 -20.28 -9.15
N TRP A 371 -2.16 -20.07 -8.94
CA TRP A 371 -3.24 -20.57 -9.78
C TRP A 371 -3.72 -19.47 -10.71
N GLY A 372 -2.77 -18.79 -11.38
CA GLY A 372 -3.10 -17.69 -12.27
C GLY A 372 -3.46 -18.17 -13.67
N GLU A 373 -3.86 -17.23 -14.54
CA GLU A 373 -4.43 -17.55 -15.84
C GLU A 373 -3.66 -16.78 -16.92
N VAL A 374 -3.81 -17.22 -18.18
CA VAL A 374 -3.34 -16.46 -19.34
C VAL A 374 -4.23 -15.22 -19.48
N ASP A 375 -3.71 -14.08 -19.02
CA ASP A 375 -4.50 -12.89 -18.78
C ASP A 375 -3.76 -11.69 -19.35
N GLU A 376 -4.46 -10.92 -20.20
CA GLU A 376 -3.85 -9.80 -20.89
C GLU A 376 -3.35 -8.76 -19.88
N ASN A 377 -4.17 -8.49 -18.85
CA ASN A 377 -3.87 -7.48 -17.84
C ASN A 377 -2.53 -7.83 -17.16
N PHE A 378 -2.47 -9.05 -16.61
CA PHE A 378 -1.26 -9.56 -15.98
C PHE A 378 -0.08 -9.40 -16.94
N ALA A 379 -0.28 -9.84 -18.18
CA ALA A 379 0.83 -9.97 -19.12
C ALA A 379 1.39 -8.61 -19.47
N ASN A 380 0.50 -7.62 -19.59
CA ASN A 380 0.90 -6.30 -20.05
C ASN A 380 1.63 -5.56 -18.92
N ASN A 381 1.15 -5.72 -17.68
CA ASN A 381 1.78 -5.20 -16.47
C ASN A 381 3.17 -5.79 -16.28
N PHE A 382 3.28 -7.10 -16.51
CA PHE A 382 4.54 -7.83 -16.37
C PHE A 382 5.57 -7.19 -17.30
N MET A 383 5.13 -6.88 -18.53
CA MET A 383 5.99 -6.30 -19.55
C MET A 383 6.39 -4.88 -19.16
N ASN A 384 5.47 -4.09 -18.59
CA ASN A 384 5.81 -2.75 -18.10
C ASN A 384 6.74 -2.84 -16.90
N ASN A 385 6.43 -3.75 -15.96
CA ASN A 385 7.09 -3.84 -14.67
C ASN A 385 8.52 -4.34 -14.76
N ILE A 386 8.79 -5.27 -15.68
CA ILE A 386 10.11 -5.92 -15.76
C ILE A 386 11.08 -5.08 -16.57
N SER A 387 10.54 -4.10 -17.32
CA SER A 387 11.39 -3.35 -18.24
C SER A 387 12.32 -2.43 -17.47
N THR A 388 13.53 -2.20 -18.02
CA THR A 388 14.48 -1.24 -17.49
C THR A 388 15.13 -0.49 -18.66
N GLU A 389 15.84 0.60 -18.39
CA GLU A 389 16.49 1.38 -19.43
C GLU A 389 17.35 0.48 -20.31
N GLY A 390 17.12 0.54 -21.62
CA GLY A 390 17.87 -0.28 -22.56
C GLY A 390 17.39 -1.74 -22.65
N HIS A 391 16.34 -2.09 -21.90
CA HIS A 391 15.87 -3.47 -21.88
C HIS A 391 14.35 -3.54 -21.77
N PRO A 392 13.62 -3.45 -22.91
CA PRO A 392 12.15 -3.52 -22.89
C PRO A 392 11.73 -4.90 -22.37
N GLY A 393 10.68 -4.90 -21.54
CA GLY A 393 10.17 -6.11 -20.92
C GLY A 393 9.57 -7.08 -21.93
N ARG A 394 10.11 -8.30 -21.96
CA ARG A 394 9.56 -9.36 -22.80
C ARG A 394 8.21 -9.77 -22.21
N ALA A 395 7.36 -10.36 -23.08
CA ALA A 395 6.13 -11.02 -22.68
C ALA A 395 6.46 -12.23 -21.80
N PRO A 396 5.58 -12.58 -20.84
CA PRO A 396 5.82 -13.72 -19.93
C PRO A 396 5.58 -15.03 -20.66
N PHE A 397 6.29 -16.07 -20.23
CA PHE A 397 5.97 -17.42 -20.67
C PHE A 397 5.20 -18.08 -19.53
N PHE A 398 3.89 -18.35 -19.77
CA PHE A 398 2.95 -18.88 -18.80
C PHE A 398 3.19 -20.37 -18.51
N TRP A 399 3.32 -20.67 -17.22
CA TRP A 399 3.10 -21.99 -16.66
C TRP A 399 1.72 -21.96 -16.01
N ILE A 400 0.76 -22.67 -16.62
CA ILE A 400 -0.62 -22.69 -16.14
C ILE A 400 -0.88 -24.00 -15.37
N ASN A 401 -1.29 -23.86 -14.10
CA ASN A 401 -1.67 -24.96 -13.24
C ASN A 401 -3.11 -25.37 -13.51
N TRP A 402 -3.33 -25.86 -14.74
CA TRP A 402 -4.60 -26.37 -15.21
C TRP A 402 -4.29 -27.31 -16.38
N PRO A 403 -4.88 -28.53 -16.41
CA PRO A 403 -5.87 -28.97 -15.42
C PRO A 403 -5.35 -29.59 -14.11
N CYS A 404 -4.12 -29.21 -13.71
CA CYS A 404 -3.47 -29.66 -12.49
C CYS A 404 -4.50 -29.91 -11.38
N SER A 405 -4.40 -31.09 -10.76
CA SER A 405 -5.36 -31.51 -9.75
C SER A 405 -4.64 -31.85 -8.45
N ASP A 406 -3.39 -31.40 -8.26
CA ASP A 406 -2.67 -31.83 -7.07
C ASP A 406 -3.18 -31.14 -5.79
N ASN A 407 -4.12 -30.20 -5.94
CA ASN A 407 -4.83 -29.62 -4.81
C ASN A 407 -6.29 -30.08 -4.88
N SER A 408 -6.58 -31.05 -5.76
CA SER A 408 -7.92 -31.59 -5.94
C SER A 408 -7.89 -33.08 -6.32
N LYS A 409 -7.24 -33.88 -5.48
CA LYS A 409 -6.65 -35.16 -5.85
C LYS A 409 -7.72 -36.22 -6.15
N GLN A 410 -8.94 -36.01 -5.65
CA GLN A 410 -10.03 -36.97 -5.81
C GLN A 410 -10.74 -36.75 -7.15
N HIS A 411 -10.41 -35.65 -7.85
CA HIS A 411 -11.22 -35.16 -8.95
C HIS A 411 -10.48 -35.27 -10.29
N LEU A 412 -11.28 -35.46 -11.34
CA LEU A 412 -10.82 -35.14 -12.68
C LEU A 412 -11.23 -33.71 -12.95
N ILE A 413 -10.37 -32.96 -13.63
CA ILE A 413 -10.73 -31.62 -14.05
C ILE A 413 -10.89 -31.58 -15.57
N MET A 414 -12.13 -31.84 -16.02
CA MET A 414 -12.31 -32.13 -17.41
C MET A 414 -12.79 -30.89 -18.18
N GLY A 415 -12.45 -29.69 -17.70
CA GLY A 415 -12.77 -28.47 -18.44
C GLY A 415 -12.21 -27.22 -17.76
N GLY A 416 -12.68 -26.03 -18.17
CA GLY A 416 -12.21 -24.75 -17.64
C GLY A 416 -11.52 -23.90 -18.71
N ASN A 417 -11.66 -24.34 -19.97
CA ASN A 417 -10.94 -23.73 -21.07
C ASN A 417 -10.78 -22.22 -20.86
N ASP A 418 -11.88 -21.46 -20.87
CA ASP A 418 -11.82 -20.01 -21.00
C ASP A 418 -11.49 -19.31 -19.67
N THR A 419 -11.57 -20.04 -18.55
CA THR A 419 -11.13 -19.49 -17.27
C THR A 419 -9.61 -19.26 -17.31
N PHE A 420 -8.85 -20.27 -17.76
CA PHE A 420 -7.39 -20.25 -17.76
C PHE A 420 -6.80 -19.75 -19.10
N LEU A 421 -7.55 -19.86 -20.20
CA LEU A 421 -7.06 -19.40 -21.48
C LEU A 421 -8.00 -18.32 -22.02
N HIS A 422 -7.81 -17.07 -21.57
CA HIS A 422 -8.78 -15.99 -21.79
C HIS A 422 -8.95 -15.73 -23.30
N PRO A 423 -10.18 -15.81 -23.85
CA PRO A 423 -10.41 -15.36 -25.22
C PRO A 423 -10.05 -13.88 -25.39
N GLY A 424 -9.42 -13.55 -26.52
CA GLY A 424 -9.22 -12.17 -26.92
C GLY A 424 -7.85 -11.59 -26.54
N VAL A 425 -6.99 -12.39 -25.87
CA VAL A 425 -5.70 -11.91 -25.42
C VAL A 425 -4.84 -11.63 -26.65
N ASP A 426 -4.23 -10.43 -26.65
CA ASP A 426 -3.28 -9.99 -27.65
C ASP A 426 -2.05 -10.90 -27.59
N PRO A 427 -1.82 -11.72 -28.65
CA PRO A 427 -0.76 -12.73 -28.65
C PRO A 427 0.67 -12.21 -28.47
N SER A 428 0.89 -10.91 -28.73
CA SER A 428 2.20 -10.32 -28.54
C SER A 428 2.52 -10.20 -27.04
N LYS A 429 1.53 -10.46 -26.19
CA LYS A 429 1.73 -10.40 -24.76
C LYS A 429 1.96 -11.80 -24.18
N ILE A 430 2.04 -12.82 -25.05
CA ILE A 430 2.22 -14.22 -24.64
C ILE A 430 3.49 -14.78 -25.29
N ASP A 431 4.54 -15.03 -24.52
CA ASP A 431 5.75 -15.64 -25.06
C ASP A 431 5.55 -17.14 -25.31
N GLY A 432 4.88 -17.83 -24.39
CA GLY A 432 4.63 -19.25 -24.52
C GLY A 432 3.56 -19.67 -23.52
N ILE A 433 3.00 -20.88 -23.70
CA ILE A 433 2.08 -21.49 -22.75
C ILE A 433 2.36 -23.01 -22.65
N VAL A 434 2.56 -23.50 -21.42
CA VAL A 434 2.58 -24.94 -21.17
C VAL A 434 1.65 -25.24 -19.99
N LEU A 435 0.92 -26.35 -20.12
CA LEU A 435 -0.02 -26.72 -19.08
C LEU A 435 0.63 -27.72 -18.12
N ASN A 436 0.32 -27.54 -16.83
CA ASN A 436 0.71 -28.45 -15.77
C ASN A 436 -0.55 -29.26 -15.46
N PRO A 437 -0.64 -30.53 -15.94
CA PRO A 437 -1.85 -31.34 -15.93
C PRO A 437 -1.95 -32.36 -14.80
N MET A 438 -2.85 -33.34 -14.96
CA MET A 438 -3.25 -34.29 -13.92
C MET A 438 -2.29 -35.48 -13.94
N GLN A 439 -2.15 -36.15 -12.79
CA GLN A 439 -1.27 -37.32 -12.74
C GLN A 439 -1.76 -38.45 -13.64
N GLN A 440 -3.06 -38.48 -13.97
CA GLN A 440 -3.61 -39.50 -14.85
C GLN A 440 -3.37 -39.03 -16.27
N ALA A 441 -2.33 -39.57 -16.94
CA ALA A 441 -1.86 -39.06 -18.22
C ALA A 441 -3.00 -38.87 -19.23
N GLU A 442 -3.77 -39.94 -19.49
CA GLU A 442 -4.81 -39.95 -20.51
C GLU A 442 -5.90 -38.90 -20.27
N ALA A 443 -6.18 -38.53 -19.01
CA ALA A 443 -7.35 -37.71 -18.71
C ALA A 443 -7.14 -36.27 -19.18
N ASN A 444 -5.88 -35.95 -19.52
CA ASN A 444 -5.45 -34.59 -19.80
C ASN A 444 -5.68 -34.21 -21.26
N LYS A 445 -6.23 -35.14 -22.08
CA LYS A 445 -6.28 -34.92 -23.53
C LYS A 445 -7.23 -33.77 -23.89
N SER A 446 -8.31 -33.57 -23.11
CA SER A 446 -9.21 -32.47 -23.43
C SER A 446 -8.48 -31.14 -23.31
N ALA A 447 -7.63 -31.04 -22.29
CA ALA A 447 -6.95 -29.80 -21.96
C ALA A 447 -5.80 -29.55 -22.94
N LEU A 448 -5.11 -30.63 -23.35
CA LEU A 448 -4.07 -30.53 -24.37
C LEU A 448 -4.66 -29.98 -25.68
N PHE A 449 -5.87 -30.44 -26.00
CA PHE A 449 -6.58 -30.03 -27.20
C PHE A 449 -6.97 -28.56 -27.09
N ALA A 450 -7.29 -28.09 -25.90
CA ALA A 450 -7.60 -26.68 -25.68
C ALA A 450 -6.37 -25.81 -25.95
N ILE A 451 -5.25 -26.13 -25.27
CA ILE A 451 -4.02 -25.35 -25.37
C ILE A 451 -3.50 -25.34 -26.80
N ALA A 452 -3.56 -26.50 -27.48
CA ALA A 452 -3.11 -26.60 -28.86
C ALA A 452 -3.81 -25.58 -29.76
N ASP A 453 -5.15 -25.51 -29.66
CA ASP A 453 -5.96 -24.66 -30.50
C ASP A 453 -5.72 -23.19 -30.16
N TYR A 454 -5.87 -22.87 -28.87
CA TYR A 454 -5.80 -21.53 -28.32
C TYR A 454 -4.45 -20.89 -28.60
N ALA A 455 -3.37 -21.63 -28.27
CA ALA A 455 -2.02 -21.10 -28.42
C ALA A 455 -1.68 -20.92 -29.91
N TRP A 456 -2.25 -21.77 -30.78
CA TRP A 456 -2.05 -21.63 -32.21
C TRP A 456 -2.85 -20.43 -32.74
N ASN A 457 -4.10 -20.32 -32.30
CA ASN A 457 -5.04 -19.33 -32.80
C ASN A 457 -5.88 -18.83 -31.63
N ILE A 458 -5.58 -17.64 -31.11
CA ILE A 458 -6.21 -17.20 -29.88
C ILE A 458 -7.73 -17.25 -30.08
N TRP A 459 -8.46 -17.89 -29.15
CA TRP A 459 -9.92 -17.88 -29.20
C TRP A 459 -10.42 -16.44 -29.24
N ASP A 460 -11.43 -16.22 -30.08
CA ASP A 460 -11.97 -14.88 -30.25
C ASP A 460 -12.88 -14.58 -29.05
N ASN A 461 -13.55 -15.63 -28.56
CA ASN A 461 -14.58 -15.45 -27.54
C ASN A 461 -14.85 -16.77 -26.81
N LYS A 462 -15.74 -16.70 -25.82
CA LYS A 462 -16.14 -17.84 -25.00
C LYS A 462 -16.76 -18.95 -25.87
N GLU A 463 -17.52 -18.54 -26.90
CA GLU A 463 -18.15 -19.49 -27.81
C GLU A 463 -17.10 -20.42 -28.44
N GLU A 464 -15.99 -19.84 -28.94
CA GLU A 464 -14.91 -20.59 -29.54
C GLU A 464 -14.29 -21.56 -28.52
N ALA A 465 -14.10 -21.10 -27.28
CA ALA A 465 -13.63 -21.89 -26.15
C ALA A 465 -14.55 -23.08 -25.89
N ASP A 466 -15.87 -22.82 -25.90
CA ASP A 466 -16.89 -23.84 -25.63
C ASP A 466 -16.96 -24.84 -26.78
N GLU A 467 -16.82 -24.36 -28.02
CA GLU A 467 -16.84 -25.23 -29.18
C GLU A 467 -15.65 -26.18 -29.13
N ASN A 468 -14.47 -25.63 -28.87
CA ASN A 468 -13.27 -26.43 -28.64
C ASN A 468 -13.54 -27.51 -27.60
N TRP A 469 -14.04 -27.11 -26.41
CA TRP A 469 -14.36 -28.05 -25.36
C TRP A 469 -15.27 -29.16 -25.90
N ASN A 470 -16.32 -28.77 -26.61
CA ASN A 470 -17.30 -29.74 -27.11
C ASN A 470 -16.62 -30.72 -28.05
N ASP A 471 -15.84 -30.22 -29.00
CA ASP A 471 -15.20 -31.07 -30.01
C ASP A 471 -14.11 -31.96 -29.38
N SER A 472 -13.53 -31.51 -28.25
CA SER A 472 -12.31 -32.10 -27.72
C SER A 472 -12.45 -33.60 -27.46
N PHE A 473 -13.64 -34.03 -27.01
CA PHE A 473 -13.93 -35.41 -26.61
C PHE A 473 -13.88 -36.38 -27.79
N LYS A 474 -14.20 -35.87 -28.99
CA LYS A 474 -14.13 -36.68 -30.19
C LYS A 474 -12.68 -37.06 -30.43
N TYR A 475 -11.79 -36.07 -30.27
CA TYR A 475 -10.38 -36.23 -30.57
C TYR A 475 -9.70 -36.99 -29.44
N MET A 476 -10.09 -36.66 -28.21
CA MET A 476 -9.57 -37.36 -27.04
C MET A 476 -9.91 -38.86 -27.18
N ASP A 477 -11.15 -39.16 -27.56
CA ASP A 477 -11.68 -40.51 -27.59
C ASP A 477 -11.15 -41.36 -28.74
N HIS A 478 -11.05 -40.80 -29.96
CA HIS A 478 -10.68 -41.60 -31.12
C HIS A 478 -10.00 -40.75 -32.20
N GLY A 479 -9.58 -39.52 -31.85
CA GLY A 479 -8.65 -38.73 -32.65
C GLY A 479 -9.17 -38.24 -34.01
N THR A 480 -10.50 -38.13 -34.21
CA THR A 480 -11.06 -37.62 -35.44
C THR A 480 -12.30 -36.76 -35.18
N ALA A 481 -12.79 -36.04 -36.21
CA ALA A 481 -13.96 -35.16 -36.10
C ALA A 481 -15.29 -35.92 -36.05
N GLU A 482 -15.27 -37.25 -36.25
CA GLU A 482 -16.49 -38.05 -36.18
C GLU A 482 -17.01 -38.12 -34.75
N GLU A 483 -18.31 -37.90 -34.57
CA GLU A 483 -18.89 -38.09 -33.27
C GLU A 483 -19.26 -39.57 -33.13
N THR A 484 -18.78 -40.23 -32.07
CA THR A 484 -19.20 -41.58 -31.75
C THR A 484 -20.03 -41.58 -30.47
N ASN A 485 -20.68 -42.71 -30.18
CA ASN A 485 -21.41 -42.84 -28.93
C ASN A 485 -20.48 -42.69 -27.74
N SER A 486 -19.24 -43.21 -27.87
CA SER A 486 -18.30 -43.13 -26.78
C SER A 486 -17.89 -41.67 -26.54
N SER A 487 -17.70 -40.91 -27.62
CA SER A 487 -17.31 -39.53 -27.43
C SER A 487 -18.48 -38.78 -26.81
N LEU A 488 -19.69 -39.05 -27.29
CA LEU A 488 -20.88 -38.44 -26.71
C LEU A 488 -20.95 -38.72 -25.21
N ALA A 489 -20.72 -39.98 -24.82
CA ALA A 489 -20.82 -40.41 -23.43
C ALA A 489 -19.70 -39.79 -22.59
N LEU A 490 -18.48 -39.75 -23.16
CA LEU A 490 -17.37 -39.15 -22.42
C LEU A 490 -17.67 -37.67 -22.17
N ARG A 491 -18.16 -36.96 -23.20
CA ARG A 491 -18.47 -35.55 -23.02
C ARG A 491 -19.53 -35.39 -21.93
N GLU A 492 -20.51 -36.30 -21.90
CA GLU A 492 -21.67 -36.16 -21.02
C GLU A 492 -21.24 -36.22 -19.55
N ILE A 493 -20.39 -37.18 -19.18
CA ILE A 493 -19.97 -37.27 -17.79
C ILE A 493 -19.00 -36.14 -17.43
N SER A 494 -18.21 -35.67 -18.40
CA SER A 494 -17.22 -34.62 -18.22
C SER A 494 -17.87 -33.28 -17.86
N LYS A 495 -19.15 -33.11 -18.25
CA LYS A 495 -19.93 -31.92 -17.95
C LYS A 495 -20.06 -31.77 -16.43
N HIS A 496 -19.84 -32.88 -15.72
CA HIS A 496 -20.04 -32.93 -14.28
C HIS A 496 -18.74 -33.20 -13.52
N MET A 497 -17.59 -33.11 -14.21
CA MET A 497 -16.30 -33.36 -13.57
C MET A 497 -15.33 -32.24 -13.90
N ILE A 498 -15.61 -31.04 -13.39
CA ILE A 498 -14.88 -29.85 -13.79
C ILE A 498 -14.45 -29.07 -12.55
N ASN A 499 -15.34 -29.01 -11.56
CA ASN A 499 -15.11 -28.26 -10.34
C ASN A 499 -13.95 -28.87 -9.55
N GLN A 500 -13.11 -27.98 -8.97
CA GLN A 500 -11.86 -28.36 -8.31
C GLN A 500 -12.06 -28.40 -6.80
N ASN A 501 -13.22 -27.93 -6.32
CA ASN A 501 -13.54 -27.91 -4.90
C ASN A 501 -12.40 -27.32 -4.06
N MET A 502 -11.88 -26.18 -4.50
CA MET A 502 -10.77 -25.49 -3.87
C MET A 502 -11.24 -24.16 -3.31
N ASP A 503 -10.48 -23.54 -2.41
CA ASP A 503 -10.82 -22.20 -1.96
C ASP A 503 -10.50 -21.19 -3.05
N GLY A 504 -10.61 -19.89 -2.70
CA GLY A 504 -10.53 -18.78 -3.63
C GLY A 504 -9.13 -18.50 -4.18
N ARG A 505 -8.15 -19.39 -3.93
CA ARG A 505 -6.79 -19.25 -4.49
C ARG A 505 -6.84 -19.46 -6.01
N VAL A 506 -7.92 -20.07 -6.48
CA VAL A 506 -8.14 -20.28 -7.90
C VAL A 506 -9.59 -19.89 -8.16
N ARG A 507 -9.88 -19.36 -9.35
CA ARG A 507 -11.28 -19.18 -9.72
C ARG A 507 -11.99 -20.54 -9.78
N PRO A 508 -13.24 -20.65 -9.26
CA PRO A 508 -13.95 -21.93 -9.25
C PRO A 508 -14.41 -22.25 -10.68
N LEU A 509 -14.21 -23.49 -11.11
CA LEU A 509 -14.70 -23.89 -12.43
C LEU A 509 -16.14 -24.38 -12.29
N GLN A 510 -16.97 -24.04 -13.26
CA GLN A 510 -18.39 -24.32 -13.20
C GLN A 510 -18.70 -25.65 -13.90
N GLU A 511 -19.34 -26.55 -13.15
CA GLU A 511 -19.76 -27.85 -13.66
C GLU A 511 -21.27 -27.98 -13.46
N SER A 512 -21.88 -28.94 -14.19
CA SER A 512 -23.32 -29.21 -14.11
C SER A 512 -24.13 -27.94 -14.41
N VAL A 513 -23.76 -27.24 -15.48
CA VAL A 513 -24.26 -25.88 -15.73
C VAL A 513 -25.73 -25.93 -16.17
N GLU A 514 -26.09 -26.97 -16.91
CA GLU A 514 -27.46 -27.13 -17.38
C GLU A 514 -28.30 -27.81 -16.29
N LEU A 515 -27.69 -28.75 -15.55
CA LEU A 515 -28.43 -29.51 -14.54
C LEU A 515 -28.70 -28.68 -13.28
N ALA A 516 -27.81 -27.73 -12.96
CA ALA A 516 -27.85 -27.08 -11.66
C ALA A 516 -29.14 -26.26 -11.45
N PRO A 517 -29.65 -25.50 -12.46
CA PRO A 517 -30.96 -24.85 -12.33
C PRO A 517 -32.08 -25.84 -11.97
N LYS A 518 -32.20 -26.91 -12.78
CA LYS A 518 -33.17 -27.98 -12.55
C LYS A 518 -33.06 -28.49 -11.11
N LEU A 519 -31.85 -28.50 -10.55
CA LEU A 519 -31.65 -29.06 -9.22
C LEU A 519 -32.13 -28.08 -8.16
N GLU A 520 -32.13 -26.78 -8.50
CA GLU A 520 -32.49 -25.72 -7.57
C GLU A 520 -34.02 -25.64 -7.45
N ALA A 536 -39.63 -34.66 -10.36
CA ALA A 536 -38.55 -35.61 -9.97
C ALA A 536 -38.29 -36.60 -11.10
N LEU A 537 -39.35 -36.95 -11.85
CA LEU A 537 -39.27 -37.96 -12.90
C LEU A 537 -38.42 -37.43 -14.07
N GLU A 538 -38.48 -36.11 -14.29
CA GLU A 538 -37.55 -35.47 -15.21
C GLU A 538 -36.13 -35.69 -14.69
N LEU A 539 -35.96 -35.57 -13.37
CA LEU A 539 -34.65 -35.69 -12.73
C LEU A 539 -34.13 -37.13 -12.79
N ILE A 540 -35.05 -38.12 -12.76
CA ILE A 540 -34.65 -39.51 -12.95
C ILE A 540 -34.11 -39.70 -14.37
N GLU A 541 -34.74 -39.04 -15.35
CA GLU A 541 -34.22 -39.06 -16.72
C GLU A 541 -32.79 -38.54 -16.71
N GLU A 542 -32.59 -37.34 -16.14
CA GLU A 542 -31.30 -36.68 -16.07
C GLU A 542 -30.24 -37.63 -15.49
N PHE A 543 -30.55 -38.25 -14.35
CA PHE A 543 -29.58 -39.08 -13.65
C PHE A 543 -29.38 -40.45 -14.31
N THR A 544 -30.42 -41.04 -14.88
CA THR A 544 -30.26 -42.35 -15.51
C THR A 544 -29.47 -42.19 -16.81
N ASN A 545 -29.63 -41.03 -17.47
CA ASN A 545 -28.90 -40.64 -18.67
C ASN A 545 -27.40 -40.61 -18.39
N LEU A 546 -27.03 -40.09 -17.21
CA LEU A 546 -25.62 -39.97 -16.83
C LEU A 546 -25.10 -41.35 -16.48
N GLN A 547 -25.95 -42.13 -15.82
CA GLN A 547 -25.57 -43.47 -15.38
C GLN A 547 -25.23 -44.32 -16.59
N LYS A 548 -25.98 -44.12 -17.68
CA LYS A 548 -25.86 -44.95 -18.87
C LYS A 548 -24.62 -44.54 -19.65
N ALA A 549 -24.34 -43.23 -19.69
CA ALA A 549 -23.18 -42.66 -20.37
C ALA A 549 -21.89 -43.18 -19.74
N ALA A 550 -21.81 -43.16 -18.40
CA ALA A 550 -20.65 -43.69 -17.69
C ALA A 550 -20.49 -45.18 -17.96
N GLU A 551 -21.61 -45.92 -17.96
CA GLU A 551 -21.60 -47.36 -18.20
C GLU A 551 -21.16 -47.62 -19.63
N TYR A 552 -21.79 -46.91 -20.57
CA TYR A 552 -21.48 -47.11 -21.97
C TYR A 552 -20.00 -46.83 -22.23
N TYR A 553 -19.49 -45.71 -21.70
CA TYR A 553 -18.08 -45.37 -21.87
C TYR A 553 -17.16 -46.42 -21.26
N LYS A 554 -17.49 -46.88 -20.04
CA LYS A 554 -16.73 -47.95 -19.41
C LYS A 554 -16.68 -49.17 -20.35
N ASN A 555 -17.80 -49.49 -21.02
CA ASN A 555 -17.88 -50.76 -21.76
C ASN A 555 -17.30 -50.62 -23.16
N ASN A 556 -17.33 -49.41 -23.75
CA ASN A 556 -17.06 -49.23 -25.16
C ASN A 556 -16.23 -47.97 -25.40
N PRO A 557 -15.06 -47.77 -24.75
CA PRO A 557 -14.27 -46.56 -24.95
C PRO A 557 -13.55 -46.57 -26.29
N GLY A 558 -13.46 -45.39 -26.92
CA GLY A 558 -12.62 -45.29 -28.11
C GLY A 558 -11.15 -45.58 -27.77
N ASN A 559 -10.76 -45.31 -26.51
CA ASN A 559 -9.39 -45.49 -26.08
C ASN A 559 -9.37 -46.25 -24.76
N GLU A 560 -8.86 -47.48 -24.79
CA GLU A 560 -8.87 -48.39 -23.66
C GLU A 560 -7.85 -47.97 -22.60
N ARG A 561 -6.75 -47.36 -23.03
CA ARG A 561 -5.82 -46.80 -22.06
C ARG A 561 -6.53 -45.76 -21.21
N THR A 562 -7.29 -44.87 -21.87
CA THR A 562 -7.98 -43.79 -21.18
C THR A 562 -8.94 -44.35 -20.13
N ARG A 563 -9.81 -45.28 -20.54
CA ARG A 563 -10.84 -45.90 -19.72
C ARG A 563 -10.21 -46.54 -18.49
N ASP A 564 -9.10 -47.27 -18.68
CA ASP A 564 -8.41 -47.94 -17.60
C ASP A 564 -7.92 -46.95 -16.54
N GLN A 565 -7.48 -45.76 -16.98
CA GLN A 565 -6.88 -44.77 -16.10
C GLN A 565 -7.96 -44.04 -15.29
N ILE A 566 -9.17 -43.92 -15.85
CA ILE A 566 -10.25 -43.20 -15.16
C ILE A 566 -11.31 -44.18 -14.64
N ILE A 567 -10.96 -45.47 -14.50
CA ILE A 567 -11.95 -46.48 -14.13
C ILE A 567 -12.60 -46.14 -12.78
N TYR A 568 -11.83 -45.56 -11.85
CA TYR A 568 -12.27 -45.19 -10.52
C TYR A 568 -13.47 -44.25 -10.57
N TRP A 569 -13.42 -43.26 -11.47
CA TRP A 569 -14.51 -42.31 -11.63
C TRP A 569 -15.71 -42.96 -12.30
N LEU A 570 -15.49 -43.92 -13.20
CA LEU A 570 -16.62 -44.49 -13.95
C LEU A 570 -17.46 -45.35 -13.00
N ASN A 571 -16.79 -46.06 -12.10
CA ASN A 571 -17.42 -46.86 -11.06
C ASN A 571 -18.06 -45.95 -10.03
N CYS A 572 -17.39 -44.84 -9.71
CA CYS A 572 -17.95 -43.90 -8.76
C CYS A 572 -19.29 -43.39 -9.27
N TRP A 573 -19.40 -43.19 -10.59
CA TRP A 573 -20.59 -42.67 -11.27
C TRP A 573 -21.81 -43.57 -11.06
N GLU A 574 -21.63 -44.88 -11.21
CA GLU A 574 -22.75 -45.79 -11.07
C GLU A 574 -23.37 -45.64 -9.67
N ASP A 575 -22.51 -45.74 -8.65
CA ASP A 575 -22.93 -45.62 -7.26
C ASP A 575 -23.52 -44.23 -6.98
N THR A 576 -22.86 -43.17 -7.48
CA THR A 576 -23.39 -41.82 -7.31
C THR A 576 -24.77 -41.68 -7.96
N MET A 577 -24.98 -42.33 -9.12
CA MET A 577 -26.26 -42.18 -9.79
C MET A 577 -27.35 -43.01 -9.09
N ASP A 578 -26.94 -44.14 -8.49
CA ASP A 578 -27.83 -44.99 -7.69
C ASP A 578 -28.28 -44.26 -6.43
N ALA A 579 -27.34 -43.58 -5.75
CA ALA A 579 -27.64 -42.84 -4.55
C ALA A 579 -28.74 -41.82 -4.82
N ALA A 580 -28.52 -40.98 -5.85
CA ALA A 580 -29.44 -39.92 -6.17
C ALA A 580 -30.77 -40.48 -6.67
N ILE A 581 -30.69 -41.51 -7.53
CA ILE A 581 -31.87 -42.06 -8.16
C ILE A 581 -32.84 -42.53 -7.08
N GLY A 582 -32.32 -43.29 -6.11
CA GLY A 582 -33.14 -43.79 -5.03
C GLY A 582 -33.92 -42.65 -4.36
N TYR A 583 -33.18 -41.66 -3.85
CA TYR A 583 -33.76 -40.58 -3.09
C TYR A 583 -34.88 -39.91 -3.88
N LEU A 584 -34.70 -39.78 -5.20
CA LEU A 584 -35.69 -39.13 -6.07
C LEU A 584 -36.97 -39.96 -6.14
N LYS A 585 -36.81 -41.29 -6.11
CA LYS A 585 -37.94 -42.21 -6.08
C LYS A 585 -38.71 -42.00 -4.79
N SER A 586 -38.00 -41.50 -3.76
CA SER A 586 -38.56 -41.39 -2.42
C SER A 586 -39.49 -40.18 -2.32
N ASP A 595 -45.02 -45.53 0.80
CA ASP A 595 -44.84 -45.75 2.26
C ASP A 595 -43.74 -46.78 2.48
N GLU A 596 -43.93 -47.98 1.94
CA GLU A 596 -42.90 -49.01 2.01
C GLU A 596 -41.76 -48.67 1.05
N ALA A 597 -42.12 -47.98 -0.04
CA ALA A 597 -41.25 -47.68 -1.16
C ALA A 597 -40.51 -46.37 -0.91
N ALA A 598 -41.09 -45.50 -0.08
CA ALA A 598 -40.44 -44.27 0.32
C ALA A 598 -39.37 -44.54 1.39
N TRP A 599 -39.46 -45.68 2.12
CA TRP A 599 -38.37 -46.13 2.96
C TRP A 599 -37.28 -46.76 2.11
N ALA A 600 -37.70 -47.65 1.19
CA ALA A 600 -36.84 -48.60 0.50
C ALA A 600 -35.83 -47.87 -0.40
N ASN A 601 -36.37 -46.97 -1.24
CA ASN A 601 -35.63 -46.19 -2.20
C ASN A 601 -34.77 -45.13 -1.50
N TYR A 602 -35.06 -44.89 -0.20
CA TYR A 602 -34.24 -44.04 0.63
C TYR A 602 -33.04 -44.83 1.15
N SER A 603 -33.28 -46.08 1.58
CA SER A 603 -32.28 -46.90 2.22
C SER A 603 -31.34 -47.56 1.21
N GLU A 604 -31.83 -47.74 -0.04
CA GLU A 604 -30.97 -48.21 -1.11
C GLU A 604 -29.89 -47.15 -1.34
N ALA A 605 -30.37 -45.90 -1.46
CA ALA A 605 -29.59 -44.73 -1.79
C ALA A 605 -28.42 -44.55 -0.84
N GLN A 606 -28.69 -44.64 0.47
CA GLN A 606 -27.69 -44.45 1.51
C GLN A 606 -26.52 -45.39 1.31
N SER A 607 -26.82 -46.63 0.93
CA SER A 607 -25.83 -47.68 0.75
C SER A 607 -24.98 -47.43 -0.50
N ALA A 608 -25.65 -47.05 -1.61
CA ALA A 608 -25.00 -46.74 -2.87
C ALA A 608 -24.00 -45.59 -2.69
N PHE A 609 -24.47 -44.47 -2.12
CA PHE A 609 -23.62 -43.32 -1.86
C PHE A 609 -22.34 -43.69 -1.12
N GLU A 610 -22.44 -44.57 -0.11
CA GLU A 610 -21.29 -44.99 0.66
C GLU A 610 -20.35 -45.85 -0.19
N LYS A 611 -20.92 -46.68 -1.07
CA LYS A 611 -20.15 -47.51 -1.98
C LYS A 611 -19.41 -46.62 -2.99
N SER A 612 -19.94 -45.41 -3.25
CA SER A 612 -19.44 -44.51 -4.27
C SER A 612 -18.06 -43.95 -3.89
N LYS A 613 -17.71 -44.08 -2.59
CA LYS A 613 -16.49 -43.51 -2.05
C LYS A 613 -15.41 -44.57 -1.90
N THR A 614 -15.63 -45.76 -2.50
CA THR A 614 -14.76 -46.92 -2.27
C THR A 614 -13.74 -47.14 -3.40
N TYR A 615 -13.70 -46.28 -4.42
CA TYR A 615 -12.83 -46.54 -5.57
C TYR A 615 -11.53 -45.75 -5.48
N GLY A 616 -10.49 -46.41 -4.95
CA GLY A 616 -9.20 -45.81 -4.63
C GLY A 616 -8.09 -46.11 -5.64
N PHE A 617 -7.17 -45.14 -5.77
CA PHE A 617 -5.96 -45.23 -6.58
C PHE A 617 -4.80 -44.63 -5.77
N HIS A 618 -3.58 -45.06 -6.08
CA HIS A 618 -2.41 -44.60 -5.38
C HIS A 618 -2.12 -43.14 -5.73
N TYR A 619 -1.77 -42.35 -4.71
CA TYR A 619 -1.34 -40.97 -4.86
C TYR A 619 -0.08 -40.77 -3.99
N VAL A 620 1.08 -41.13 -4.57
CA VAL A 620 2.42 -40.86 -4.07
C VAL A 620 2.73 -41.72 -2.84
N ASP A 621 1.96 -41.54 -1.75
CA ASP A 621 2.28 -42.17 -0.48
C ASP A 621 1.02 -42.50 0.31
N HIS A 622 -0.15 -42.48 -0.34
CA HIS A 622 -1.42 -42.79 0.29
C HIS A 622 -2.43 -43.08 -0.81
N THR A 623 -3.68 -43.39 -0.41
CA THR A 623 -4.74 -43.76 -1.32
C THR A 623 -5.76 -42.62 -1.38
N GLU A 624 -6.16 -42.26 -2.60
CA GLU A 624 -7.22 -41.29 -2.84
C GLU A 624 -8.42 -42.02 -3.43
N TYR A 625 -9.61 -41.49 -3.17
CA TYR A 625 -10.86 -42.10 -3.60
C TYR A 625 -11.55 -41.18 -4.59
N ALA A 626 -11.87 -41.73 -5.76
CA ALA A 626 -12.53 -40.95 -6.80
C ALA A 626 -13.87 -40.40 -6.33
N GLU A 627 -14.20 -39.19 -6.80
CA GLU A 627 -15.42 -38.48 -6.53
C GLU A 627 -15.85 -37.73 -7.79
N VAL A 628 -17.13 -37.81 -8.14
CA VAL A 628 -17.67 -37.14 -9.31
C VAL A 628 -18.80 -36.21 -8.87
N GLY A 629 -19.02 -35.14 -9.65
CA GLY A 629 -20.07 -34.17 -9.37
C GLY A 629 -19.97 -33.57 -7.97
N VAL A 630 -18.78 -33.07 -7.62
CA VAL A 630 -18.52 -32.48 -6.32
C VAL A 630 -19.29 -31.17 -6.11
N GLN A 631 -19.58 -30.42 -7.19
CA GLN A 631 -20.10 -29.07 -7.03
C GLN A 631 -21.59 -29.06 -6.67
N HIS A 632 -22.40 -29.82 -7.41
CA HIS A 632 -23.85 -29.74 -7.31
C HIS A 632 -24.45 -31.11 -6.96
N ILE A 633 -24.03 -32.15 -7.69
CA ILE A 633 -24.62 -33.49 -7.58
C ILE A 633 -24.43 -34.05 -6.16
N VAL A 634 -23.22 -33.94 -5.61
CA VAL A 634 -22.94 -34.53 -4.31
C VAL A 634 -23.69 -33.77 -3.21
N PRO A 635 -23.67 -32.42 -3.19
CA PRO A 635 -24.50 -31.65 -2.25
C PRO A 635 -25.99 -31.98 -2.35
N PHE A 636 -26.51 -32.08 -3.58
CA PHE A 636 -27.92 -32.39 -3.82
C PHE A 636 -28.28 -33.76 -3.26
N ILE A 637 -27.36 -34.72 -3.33
CA ILE A 637 -27.63 -36.03 -2.77
C ILE A 637 -27.77 -35.89 -1.25
N LYS A 638 -27.03 -34.94 -0.67
CA LYS A 638 -27.04 -34.74 0.77
C LYS A 638 -28.25 -33.88 1.19
N SER A 639 -28.61 -32.89 0.35
CA SER A 639 -29.74 -32.01 0.59
C SER A 639 -31.05 -32.79 0.58
N MET A 640 -31.16 -33.74 -0.36
CA MET A 640 -32.24 -34.68 -0.45
C MET A 640 -32.15 -35.68 0.70
N GLY A 641 -30.92 -36.02 1.09
CA GLY A 641 -30.65 -36.98 2.15
C GLY A 641 -31.61 -36.84 3.34
N GLN A 642 -31.70 -35.62 3.90
CA GLN A 642 -32.52 -35.36 5.08
C GLN A 642 -33.21 -34.01 4.97
N PHE B 31 22.95 5.59 36.80
CA PHE B 31 21.78 4.80 36.30
C PHE B 31 22.29 3.49 35.71
N TYR B 32 21.54 2.41 35.99
CA TYR B 32 21.84 1.08 35.45
C TYR B 32 21.44 1.00 33.98
N GLU B 33 22.32 0.33 33.20
CA GLU B 33 22.03 -0.10 31.85
C GLU B 33 21.24 -1.41 31.96
N ILE B 34 20.01 -1.38 31.40
CA ILE B 34 19.12 -2.52 31.44
C ILE B 34 18.55 -2.76 30.04
N TYR B 35 18.70 -4.00 29.54
CA TYR B 35 18.17 -4.43 28.26
C TYR B 35 17.32 -5.69 28.48
N PRO B 36 16.15 -5.82 27.82
CA PRO B 36 15.50 -4.71 27.11
C PRO B 36 15.22 -3.51 28.01
N LYS B 37 15.10 -2.35 27.35
CA LYS B 37 14.84 -1.09 28.00
C LYS B 37 13.51 -1.16 28.76
N PRO B 38 13.54 -1.02 30.11
CA PRO B 38 12.32 -0.98 30.90
C PRO B 38 11.33 0.04 30.33
N GLN B 39 10.05 -0.34 30.30
CA GLN B 39 9.01 0.52 29.74
C GLN B 39 9.01 1.83 30.50
N GLU B 40 9.16 1.72 31.83
CA GLU B 40 9.27 2.87 32.72
C GLU B 40 10.22 2.54 33.87
N ILE B 41 11.11 3.48 34.17
CA ILE B 41 11.97 3.34 35.31
C ILE B 41 12.27 4.73 35.89
N SER B 42 12.26 4.83 37.21
CA SER B 42 12.68 6.06 37.88
C SER B 42 13.41 5.74 39.17
N TYR B 43 14.40 6.57 39.52
CA TYR B 43 15.15 6.35 40.74
C TYR B 43 14.68 7.35 41.79
N SER B 44 14.12 6.84 42.89
CA SER B 44 13.54 7.67 43.94
C SER B 44 14.61 8.50 44.63
N GLY B 45 15.87 8.07 44.49
CA GLY B 45 16.95 8.68 45.24
C GLY B 45 17.29 7.81 46.44
N GLY B 46 18.52 7.97 46.95
CA GLY B 46 18.99 7.10 48.02
C GLY B 46 19.47 5.77 47.46
N GLU B 47 20.22 5.06 48.31
CA GLU B 47 20.83 3.78 47.98
C GLU B 47 20.89 3.01 49.28
N PHE B 48 21.35 1.76 49.22
CA PHE B 48 21.66 0.98 50.40
C PHE B 48 22.62 -0.14 50.02
N GLN B 49 23.18 -0.77 51.06
CA GLN B 49 24.07 -1.91 50.99
C GLN B 49 23.23 -3.16 51.26
N ILE B 50 23.30 -4.13 50.34
CA ILE B 50 22.69 -5.42 50.58
C ILE B 50 23.54 -6.16 51.61
N SER B 51 22.88 -6.66 52.66
CA SER B 51 23.51 -7.48 53.69
C SER B 51 23.98 -8.79 53.10
N ASP B 52 24.95 -9.43 53.79
CA ASP B 52 25.62 -10.64 53.34
C ASP B 52 24.67 -11.84 53.36
N GLU B 53 23.68 -11.82 54.27
CA GLU B 53 22.71 -12.89 54.41
C GLU B 53 21.32 -12.38 54.03
N ILE B 54 20.63 -13.11 53.15
CA ILE B 54 19.42 -12.63 52.49
C ILE B 54 18.20 -13.42 52.96
N ASN B 55 17.10 -12.70 53.19
CA ASN B 55 15.82 -13.35 53.41
C ASN B 55 15.02 -13.32 52.10
N ILE B 56 14.65 -14.51 51.60
CA ILE B 56 13.86 -14.61 50.39
C ILE B 56 12.42 -14.98 50.77
N VAL B 57 11.45 -14.23 50.21
CA VAL B 57 10.06 -14.64 50.28
C VAL B 57 9.56 -14.92 48.86
N TYR B 58 8.80 -16.02 48.74
CA TYR B 58 8.12 -16.38 47.51
C TYR B 58 6.61 -16.49 47.74
N ASP B 59 5.82 -16.17 46.71
CA ASP B 59 4.42 -16.54 46.69
C ASP B 59 4.26 -17.90 46.02
N ASP B 60 3.19 -18.62 46.39
CA ASP B 60 2.80 -19.81 45.66
C ASP B 60 2.58 -19.41 44.21
N GLY B 61 3.03 -20.26 43.28
CA GLY B 61 2.94 -19.97 41.85
C GLY B 61 4.30 -19.68 41.23
N ILE B 62 5.28 -19.25 42.04
CA ILE B 62 6.66 -19.11 41.59
C ILE B 62 7.22 -20.51 41.30
N ASP B 63 7.69 -20.72 40.07
CA ASP B 63 8.11 -22.05 39.64
C ASP B 63 9.55 -22.31 40.11
N THR B 64 10.02 -23.55 39.91
CA THR B 64 11.36 -23.93 40.31
C THR B 64 12.42 -23.17 39.51
N TYR B 65 12.06 -22.78 38.27
CA TYR B 65 12.99 -22.10 37.38
C TYR B 65 13.29 -20.71 37.90
N THR B 66 12.24 -20.04 38.39
CA THR B 66 12.37 -18.70 38.94
C THR B 66 13.21 -18.75 40.23
N LYS B 67 13.02 -19.79 41.05
CA LYS B 67 13.73 -19.89 42.31
C LYS B 67 15.22 -20.15 42.07
N LYS B 68 15.52 -21.06 41.14
CA LYS B 68 16.90 -21.33 40.78
C LYS B 68 17.60 -20.07 40.26
N ARG B 69 16.94 -19.29 39.40
CA ARG B 69 17.56 -18.08 38.90
C ARG B 69 17.89 -17.13 40.05
N VAL B 70 17.02 -17.06 41.07
CA VAL B 70 17.30 -16.20 42.20
C VAL B 70 18.53 -16.71 42.95
N ASP B 71 18.58 -18.03 43.20
CA ASP B 71 19.73 -18.63 43.86
C ASP B 71 21.01 -18.24 43.12
N GLU B 72 21.02 -18.47 41.79
CA GLU B 72 22.15 -18.19 40.93
C GLU B 72 22.59 -16.73 41.05
N VAL B 73 21.62 -15.80 41.09
CA VAL B 73 21.93 -14.39 41.11
C VAL B 73 22.60 -14.03 42.45
N LEU B 74 22.11 -14.63 43.54
CA LEU B 74 22.65 -14.37 44.87
C LEU B 74 24.03 -15.03 45.04
N GLU B 75 24.19 -16.23 44.49
CA GLU B 75 25.45 -16.98 44.62
C GLU B 75 26.59 -16.21 43.96
N ALA B 76 26.34 -15.71 42.74
CA ALA B 76 27.27 -14.95 41.92
C ALA B 76 27.68 -13.62 42.56
N SER B 77 26.88 -13.10 43.51
CA SER B 77 27.25 -11.90 44.26
C SER B 77 27.79 -12.29 45.64
N ASN B 78 28.19 -13.56 45.81
CA ASN B 78 28.70 -14.09 47.07
C ASN B 78 27.76 -13.70 48.21
N LEU B 79 26.48 -14.06 48.09
CA LEU B 79 25.53 -13.78 49.16
C LEU B 79 25.00 -15.12 49.67
N GLU B 80 24.65 -15.18 50.97
CA GLU B 80 23.97 -16.33 51.53
C GLU B 80 22.49 -15.98 51.68
N ALA B 81 21.61 -16.99 51.57
CA ALA B 81 20.19 -16.73 51.47
C ALA B 81 19.38 -17.81 52.18
N THR B 82 18.28 -17.39 52.80
CA THR B 82 17.34 -18.31 53.43
C THR B 82 15.93 -17.99 52.97
N VAL B 83 15.15 -19.05 52.69
CA VAL B 83 13.75 -18.88 52.36
C VAL B 83 12.94 -18.96 53.65
N SER B 84 12.09 -17.97 53.87
CA SER B 84 11.10 -18.01 54.92
C SER B 84 9.76 -17.60 54.33
N ASN B 85 8.72 -17.55 55.18
CA ASN B 85 7.40 -17.19 54.70
C ASN B 85 7.08 -15.77 55.13
N GLU B 86 8.06 -15.09 55.74
CA GLU B 86 7.80 -13.76 56.25
C GLU B 86 9.01 -12.83 56.05
N ILE B 87 8.69 -11.54 55.86
CA ILE B 87 9.62 -10.43 55.76
C ILE B 87 10.34 -10.29 57.10
N VAL B 88 11.69 -10.23 57.05
CA VAL B 88 12.51 -10.17 58.25
C VAL B 88 13.16 -8.80 58.32
N PRO B 89 12.94 -7.99 59.39
CA PRO B 89 13.61 -6.70 59.51
C PRO B 89 15.09 -6.89 59.87
N GLY B 90 15.94 -5.95 59.43
CA GLY B 90 17.34 -5.90 59.84
C GLY B 90 18.26 -6.75 58.96
N LYS B 91 17.74 -7.17 57.80
CA LYS B 91 18.52 -7.73 56.71
C LYS B 91 17.78 -7.45 55.41
N THR B 92 18.48 -7.58 54.27
CA THR B 92 17.90 -7.32 52.96
C THR B 92 16.89 -8.43 52.64
N ASN B 93 15.72 -8.04 52.14
CA ASN B 93 14.70 -9.00 51.79
C ASN B 93 14.56 -9.09 50.27
N PHE B 94 14.45 -10.33 49.78
CA PHE B 94 14.25 -10.57 48.36
C PHE B 94 12.88 -11.20 48.17
N LEU B 95 11.95 -10.43 47.60
CA LEU B 95 10.56 -10.86 47.46
C LEU B 95 10.29 -11.15 45.99
N VAL B 96 9.75 -12.35 45.70
CA VAL B 96 9.28 -12.64 44.35
C VAL B 96 7.89 -13.27 44.45
N GLY B 97 6.89 -12.64 43.82
CA GLY B 97 5.52 -13.11 43.96
C GLY B 97 4.63 -12.78 42.75
N ILE B 98 3.36 -13.15 42.87
CA ILE B 98 2.41 -13.01 41.78
C ILE B 98 1.19 -12.19 42.24
N ASN B 99 0.78 -11.26 41.38
CA ASN B 99 -0.35 -10.39 41.66
C ASN B 99 -1.64 -11.22 41.81
N GLU B 100 -2.42 -10.87 42.85
CA GLU B 100 -3.70 -11.48 43.19
C GLU B 100 -3.54 -12.94 43.63
N SER B 101 -2.35 -13.31 44.12
CA SER B 101 -2.12 -14.67 44.61
C SER B 101 -2.52 -14.77 46.08
N GLY B 102 -2.65 -13.60 46.72
CA GLY B 102 -2.87 -13.49 48.15
C GLY B 102 -1.73 -14.07 48.99
N GLY B 103 -0.49 -13.93 48.51
CA GLY B 103 0.68 -14.32 49.32
C GLY B 103 1.27 -13.12 50.05
N VAL B 104 2.31 -13.37 50.85
CA VAL B 104 3.02 -12.33 51.56
C VAL B 104 3.52 -11.25 50.59
N VAL B 105 4.07 -11.67 49.44
CA VAL B 105 4.65 -10.71 48.51
C VAL B 105 3.55 -9.86 47.89
N ASP B 106 2.46 -10.51 47.49
CA ASP B 106 1.33 -9.87 46.84
C ASP B 106 0.81 -8.77 47.75
N ASN B 107 0.63 -9.09 49.05
CA ASN B 107 0.07 -8.14 50.02
C ASN B 107 1.08 -7.05 50.33
N TYR B 108 2.37 -7.41 50.38
CA TYR B 108 3.41 -6.42 50.64
C TYR B 108 3.37 -5.31 49.58
N PHE B 109 3.33 -5.70 48.30
CA PHE B 109 3.23 -4.75 47.21
C PHE B 109 1.96 -3.89 47.36
N ASN B 110 0.89 -4.51 47.86
CA ASN B 110 -0.39 -3.84 48.03
C ASN B 110 -0.27 -2.69 49.03
N LYS B 111 0.41 -2.98 50.15
CA LYS B 111 0.57 -2.04 51.26
C LYS B 111 1.58 -0.94 50.93
N ASN B 112 2.66 -1.29 50.22
CA ASN B 112 3.85 -0.45 50.20
C ASN B 112 4.18 0.10 48.81
N ILE B 113 3.77 -0.62 47.76
CA ILE B 113 4.25 -0.28 46.42
C ILE B 113 3.04 0.12 45.57
N PRO B 114 2.57 1.37 45.68
CA PRO B 114 1.27 1.77 45.12
C PRO B 114 1.22 1.48 43.62
N HIS B 115 0.19 0.75 43.20
CA HIS B 115 -0.03 0.45 41.79
C HIS B 115 -1.52 0.26 41.52
N ASP B 116 -1.89 0.29 40.23
CA ASP B 116 -3.25 -0.03 39.80
C ASP B 116 -3.32 -1.53 39.52
N GLU B 117 -4.45 -2.15 39.86
CA GLU B 117 -4.61 -3.57 39.59
C GLU B 117 -4.78 -3.78 38.08
N SER B 118 -5.16 -2.71 37.39
CA SER B 118 -5.51 -2.74 35.97
C SER B 118 -4.26 -2.90 35.12
N PHE B 119 -3.12 -2.46 35.68
CA PHE B 119 -1.81 -2.60 35.05
C PHE B 119 -1.62 -4.02 34.50
N PHE B 120 -1.91 -5.02 35.35
CA PHE B 120 -1.58 -6.41 35.08
C PHE B 120 -2.58 -7.04 34.11
N ASP B 121 -3.74 -6.41 33.94
CA ASP B 121 -4.70 -6.89 32.97
C ASP B 121 -4.44 -6.26 31.61
N GLU B 122 -3.98 -5.00 31.62
CA GLU B 122 -3.90 -4.18 30.43
C GLU B 122 -2.55 -4.34 29.72
N LYS B 123 -1.58 -4.98 30.38
CA LYS B 123 -0.25 -5.09 29.80
C LYS B 123 0.20 -6.55 29.78
N MET B 124 0.98 -6.90 28.75
CA MET B 124 1.52 -8.25 28.63
C MET B 124 2.84 -8.34 29.37
N ASP B 125 3.04 -9.48 30.04
CA ASP B 125 4.27 -9.82 30.75
C ASP B 125 4.57 -8.75 31.80
N ALA B 126 3.50 -8.25 32.45
CA ALA B 126 3.60 -7.13 33.36
C ALA B 126 4.31 -7.56 34.63
N ASN B 127 5.31 -6.75 35.03
CA ASN B 127 6.09 -6.95 36.24
C ASN B 127 6.54 -5.60 36.80
N ILE B 128 6.52 -5.50 38.13
CA ILE B 128 7.07 -4.33 38.81
C ILE B 128 8.28 -4.82 39.59
N VAL B 129 9.39 -4.09 39.45
CA VAL B 129 10.59 -4.35 40.22
C VAL B 129 10.82 -3.12 41.11
N SER B 130 10.86 -3.36 42.42
CA SER B 130 11.08 -2.31 43.41
C SER B 130 12.32 -2.63 44.24
N VAL B 131 13.23 -1.65 44.29
CA VAL B 131 14.40 -1.65 45.13
C VAL B 131 14.29 -0.43 46.05
N LYS B 132 14.02 -0.68 47.33
CA LYS B 132 13.74 0.39 48.27
C LYS B 132 14.25 0.00 49.66
N ASP B 133 15.33 0.67 50.09
CA ASP B 133 15.79 0.64 51.47
C ASP B 133 15.56 -0.73 52.12
N GLY B 134 16.33 -1.74 51.68
CA GLY B 134 16.35 -3.03 52.36
C GLY B 134 15.44 -4.08 51.72
N VAL B 135 14.50 -3.64 50.87
CA VAL B 135 13.54 -4.55 50.28
C VAL B 135 13.79 -4.58 48.77
N ILE B 136 14.09 -5.77 48.24
CA ILE B 136 14.19 -5.99 46.80
C ILE B 136 13.04 -6.91 46.41
N GLY B 137 12.12 -6.39 45.60
CA GLY B 137 10.86 -7.06 45.32
C GLY B 137 10.52 -7.16 43.83
N VAL B 138 9.91 -8.28 43.44
CA VAL B 138 9.30 -8.47 42.13
C VAL B 138 7.88 -8.96 42.35
N ILE B 139 6.92 -8.33 41.64
CA ILE B 139 5.53 -8.77 41.55
C ILE B 139 5.17 -8.82 40.07
N ALA B 140 4.50 -9.89 39.67
CA ALA B 140 4.18 -10.10 38.27
C ALA B 140 2.84 -10.80 38.16
N GLU B 141 2.27 -10.83 36.94
CA GLU B 141 0.98 -11.45 36.72
C GLU B 141 1.12 -12.98 36.71
N ASP B 142 2.30 -13.47 36.31
CA ASP B 142 2.56 -14.90 36.28
C ASP B 142 4.05 -15.17 36.49
N THR B 143 4.42 -16.45 36.65
CA THR B 143 5.78 -16.82 37.01
C THR B 143 6.75 -16.55 35.86
N ASP B 144 6.27 -16.55 34.60
CA ASP B 144 7.15 -16.18 33.51
C ASP B 144 7.61 -14.73 33.69
N SER B 145 6.64 -13.86 34.01
CA SER B 145 6.95 -12.44 34.14
C SER B 145 7.67 -12.14 35.45
N ALA B 146 7.42 -12.95 36.48
CA ALA B 146 8.26 -12.92 37.68
C ALA B 146 9.73 -13.19 37.30
N PHE B 147 9.92 -14.21 36.45
CA PHE B 147 11.25 -14.59 35.96
C PHE B 147 11.89 -13.41 35.23
N TYR B 148 11.10 -12.68 34.44
CA TYR B 148 11.61 -11.54 33.69
C TYR B 148 12.07 -10.44 34.66
N GLY B 149 11.24 -10.16 35.68
CA GLY B 149 11.59 -9.23 36.75
C GLY B 149 12.90 -9.61 37.44
N VAL B 150 13.09 -10.90 37.71
CA VAL B 150 14.30 -11.40 38.37
C VAL B 150 15.52 -11.27 37.43
N THR B 151 15.26 -11.33 36.12
CA THR B 151 16.27 -11.24 35.09
C THR B 151 16.77 -9.80 34.98
N THR B 152 15.84 -8.85 35.18
CA THR B 152 16.26 -7.46 35.24
C THR B 152 17.24 -7.23 36.39
N LEU B 153 16.95 -7.82 37.54
CA LEU B 153 17.81 -7.68 38.71
C LEU B 153 19.13 -8.39 38.48
N LYS B 154 19.14 -9.49 37.71
CA LYS B 154 20.40 -10.13 37.35
C LYS B 154 21.34 -9.11 36.70
N HIS B 155 20.81 -8.28 35.81
CA HIS B 155 21.66 -7.32 35.11
C HIS B 155 22.14 -6.20 36.02
N VAL B 156 21.26 -5.79 36.95
CA VAL B 156 21.55 -4.77 37.95
C VAL B 156 22.65 -5.27 38.90
N PHE B 157 22.53 -6.54 39.34
CA PHE B 157 23.47 -7.12 40.28
C PHE B 157 24.87 -7.25 39.66
N ASN B 158 24.94 -7.37 38.33
CA ASN B 158 26.22 -7.36 37.63
C ASN B 158 26.78 -5.94 37.55
N GLN B 159 26.06 -4.95 38.10
CA GLN B 159 26.46 -3.56 37.93
C GLN B 159 26.67 -2.84 39.27
N LEU B 160 26.66 -3.57 40.40
CA LEU B 160 26.69 -2.95 41.71
C LEU B 160 28.09 -2.43 42.03
N GLU B 161 28.14 -1.19 42.54
CA GLU B 161 29.40 -0.56 42.92
C GLU B 161 29.74 -0.90 44.37
N GLU B 162 31.05 -1.02 44.64
CA GLU B 162 31.63 -1.22 45.97
C GLU B 162 31.21 -2.57 46.56
N GLY B 163 30.67 -2.53 47.78
CA GLY B 163 30.21 -3.73 48.47
C GLY B 163 28.69 -3.88 48.38
N ASN B 164 28.21 -4.22 47.17
CA ASN B 164 26.81 -4.53 46.94
C ASN B 164 25.95 -3.32 47.26
N GLU B 165 26.39 -2.14 46.82
CA GLU B 165 25.58 -0.95 46.95
C GLU B 165 24.64 -0.86 45.75
N ILE B 166 23.35 -0.60 46.03
CA ILE B 166 22.30 -0.64 45.03
C ILE B 166 21.42 0.60 45.18
N LYS B 167 21.15 1.25 44.04
CA LYS B 167 20.30 2.44 44.01
C LYS B 167 18.83 2.05 44.21
N ASN B 168 18.10 2.89 44.93
CA ASN B 168 16.65 2.81 45.05
C ASN B 168 16.02 3.11 43.69
N PHE B 169 15.16 2.21 43.21
CA PHE B 169 14.47 2.43 41.95
C PHE B 169 13.20 1.58 41.89
N ARG B 170 12.36 1.90 40.89
CA ARG B 170 11.16 1.18 40.56
C ARG B 170 11.05 1.08 39.05
N ALA B 171 10.89 -0.15 38.55
CA ALA B 171 10.54 -0.41 37.16
C ALA B 171 9.12 -0.97 37.11
N ASP B 172 8.27 -0.32 36.31
CA ASP B 172 6.93 -0.79 35.99
C ASP B 172 6.94 -1.26 34.54
N ASP B 173 7.06 -2.58 34.31
CA ASP B 173 7.60 -3.10 33.07
C ASP B 173 6.62 -4.09 32.44
N TYR B 174 6.75 -4.29 31.12
CA TYR B 174 5.83 -5.11 30.34
C TYR B 174 6.32 -5.20 28.89
N ALA B 175 5.87 -6.25 28.18
CA ALA B 175 6.22 -6.50 26.80
C ALA B 175 5.15 -5.90 25.89
N GLU B 176 5.57 -5.25 24.79
CA GLU B 176 4.63 -4.70 23.82
C GLU B 176 4.31 -5.74 22.74
N VAL B 177 5.14 -6.79 22.62
CA VAL B 177 4.91 -7.92 21.71
C VAL B 177 4.94 -9.20 22.54
N ALA B 178 3.88 -10.01 22.38
CA ALA B 178 3.63 -11.18 23.19
C ALA B 178 4.58 -12.33 22.89
N HIS B 179 5.00 -12.48 21.63
CA HIS B 179 5.82 -13.62 21.22
C HIS B 179 7.13 -13.12 20.61
N ARG B 180 8.26 -13.48 21.24
CA ARG B 180 9.55 -12.89 20.93
C ARG B 180 10.62 -13.99 20.92
N GLY B 181 11.28 -14.18 19.79
CA GLY B 181 12.26 -15.25 19.76
C GLY B 181 12.94 -15.40 18.40
N PHE B 182 13.38 -16.63 18.14
CA PHE B 182 14.10 -16.97 16.94
C PHE B 182 13.70 -18.36 16.48
N ILE B 183 13.95 -18.63 15.20
CA ILE B 183 13.58 -19.91 14.61
C ILE B 183 14.75 -20.46 13.79
N GLU B 184 14.99 -21.75 13.95
CA GLU B 184 15.97 -22.46 13.15
C GLU B 184 15.26 -22.96 11.89
N GLY B 185 15.09 -22.05 10.92
CA GLY B 185 14.36 -22.34 9.69
C GLY B 185 15.08 -21.87 8.41
N TYR B 186 16.41 -21.73 8.46
CA TYR B 186 17.16 -21.25 7.31
C TYR B 186 17.62 -22.43 6.47
N TYR B 187 18.19 -22.15 5.31
CA TYR B 187 18.78 -23.24 4.57
C TYR B 187 20.28 -23.26 4.92
N GLY B 188 20.71 -24.27 5.64
CA GLY B 188 22.09 -24.30 6.11
C GLY B 188 22.32 -25.50 7.02
N ASN B 189 23.51 -25.58 7.61
CA ASN B 189 23.84 -26.62 8.56
C ASN B 189 23.01 -26.39 9.82
N PRO B 190 22.50 -27.46 10.46
CA PRO B 190 21.78 -27.31 11.72
C PRO B 190 22.69 -26.73 12.79
N TRP B 191 22.08 -26.07 13.77
CA TRP B 191 22.79 -25.77 15.00
C TRP B 191 23.01 -27.09 15.74
N SER B 192 24.16 -27.23 16.42
CA SER B 192 24.37 -28.40 17.25
C SER B 192 23.48 -28.29 18.49
N ASN B 193 23.28 -29.41 19.20
CA ASN B 193 22.43 -29.40 20.39
C ASN B 193 22.96 -28.40 21.42
N GLU B 194 24.29 -28.32 21.53
CA GLU B 194 24.92 -27.39 22.44
C GLU B 194 24.72 -25.94 21.96
N ASP B 195 24.78 -25.72 20.64
CA ASP B 195 24.52 -24.41 20.03
C ASP B 195 23.13 -23.94 20.43
N ARG B 196 22.13 -24.82 20.31
CA ARG B 196 20.73 -24.50 20.57
C ARG B 196 20.56 -24.06 22.03
N ALA B 197 21.19 -24.80 22.95
CA ALA B 197 21.10 -24.54 24.38
C ALA B 197 21.79 -23.22 24.69
N GLU B 198 22.88 -22.94 23.99
CA GLU B 198 23.57 -21.66 24.18
C GLU B 198 22.72 -20.48 23.71
N LEU B 199 21.97 -20.65 22.61
CA LEU B 199 21.15 -19.57 22.09
C LEU B 199 19.96 -19.32 23.02
N MET B 200 19.37 -20.40 23.54
CA MET B 200 18.32 -20.27 24.54
C MET B 200 18.84 -19.63 25.83
N LYS B 201 20.04 -20.02 26.28
CA LYS B 201 20.62 -19.35 27.44
C LYS B 201 20.74 -17.84 27.19
N PHE B 202 21.31 -17.47 26.04
CA PHE B 202 21.51 -16.07 25.67
C PHE B 202 20.16 -15.34 25.67
N GLY B 203 19.19 -15.90 24.92
CA GLY B 203 17.90 -15.26 24.78
C GLY B 203 17.23 -15.11 26.13
N GLY B 204 17.47 -16.09 27.01
CA GLY B 204 16.91 -16.13 28.35
C GLY B 204 17.44 -15.02 29.28
N ASP B 205 18.50 -14.32 28.86
CA ASP B 205 18.91 -13.13 29.61
C ASP B 205 18.17 -11.87 29.14
N TYR B 206 17.40 -11.94 28.04
CA TYR B 206 16.85 -10.71 27.46
C TYR B 206 15.33 -10.85 27.23
N LYS B 207 14.72 -11.77 27.98
CA LYS B 207 13.27 -11.88 28.03
C LYS B 207 12.66 -12.44 26.74
N LEU B 208 13.43 -13.12 25.88
CA LEU B 208 12.84 -13.83 24.75
C LEU B 208 12.06 -15.04 25.26
N ASN B 209 10.98 -15.44 24.57
CA ASN B 209 10.15 -16.52 25.09
C ASN B 209 9.87 -17.62 24.04
N GLN B 210 10.52 -17.55 22.87
CA GLN B 210 10.38 -18.63 21.88
C GLN B 210 11.72 -18.95 21.21
N TYR B 211 12.07 -20.24 21.20
CA TYR B 211 12.96 -20.81 20.19
C TYR B 211 12.17 -21.81 19.35
N VAL B 212 11.99 -21.54 18.06
CA VAL B 212 11.18 -22.46 17.28
C VAL B 212 12.09 -23.47 16.59
N PHE B 213 11.91 -24.75 16.97
CA PHE B 213 12.67 -25.87 16.44
C PHE B 213 12.01 -26.36 15.15
N ALA B 214 12.68 -26.09 14.02
CA ALA B 214 12.20 -26.50 12.72
C ALA B 214 13.36 -26.98 11.81
N PRO B 215 14.41 -27.67 12.32
CA PRO B 215 15.57 -28.00 11.50
C PRO B 215 15.19 -28.91 10.33
N LYS B 216 15.64 -28.55 9.12
CA LYS B 216 15.24 -29.24 7.89
C LYS B 216 15.78 -30.66 7.88
N ASP B 217 16.79 -30.95 8.72
CA ASP B 217 17.43 -32.25 8.71
C ASP B 217 16.80 -33.20 9.73
N ASP B 218 15.79 -32.71 10.48
CA ASP B 218 15.08 -33.61 11.39
C ASP B 218 13.82 -34.07 10.68
N PRO B 219 13.81 -35.32 10.16
CA PRO B 219 12.65 -35.82 9.39
C PRO B 219 11.40 -35.98 10.25
N TYR B 220 11.58 -36.07 11.57
CA TYR B 220 10.48 -36.41 12.45
C TYR B 220 9.45 -35.28 12.52
N HIS B 221 9.81 -34.08 12.04
CA HIS B 221 8.86 -32.97 12.07
C HIS B 221 8.13 -32.87 10.73
N ASN B 222 8.58 -33.63 9.73
CA ASN B 222 7.98 -33.50 8.42
C ASN B 222 7.86 -34.85 7.72
N SER B 223 8.96 -35.33 7.13
CA SER B 223 8.86 -36.43 6.20
C SER B 223 8.48 -37.71 6.94
N LYS B 224 8.70 -37.71 8.26
CA LYS B 224 8.28 -38.78 9.16
C LYS B 224 7.42 -38.19 10.28
N TRP B 225 6.53 -37.25 9.95
CA TRP B 225 5.79 -36.58 11.00
C TRP B 225 4.89 -37.54 11.79
N ARG B 226 4.54 -38.68 11.19
CA ARG B 226 3.65 -39.64 11.83
C ARG B 226 4.39 -40.50 12.86
N ASP B 227 5.73 -40.60 12.74
CA ASP B 227 6.53 -41.52 13.53
C ASP B 227 6.93 -40.88 14.86
N LEU B 228 6.87 -41.68 15.93
CA LEU B 228 7.36 -41.29 17.23
C LEU B 228 8.88 -41.25 17.21
N TYR B 229 9.48 -40.40 18.06
CA TYR B 229 10.92 -40.37 18.24
C TYR B 229 11.36 -41.68 18.90
N PRO B 230 12.51 -42.26 18.49
CA PRO B 230 13.17 -43.31 19.27
C PRO B 230 13.85 -42.65 20.46
N GLU B 231 14.33 -43.48 21.39
CA GLU B 231 14.66 -43.07 22.74
C GLU B 231 15.80 -42.06 22.80
N GLU B 232 16.91 -42.32 22.11
CA GLU B 232 18.10 -41.49 22.31
C GLU B 232 17.93 -40.11 21.66
N LYS B 233 17.14 -40.04 20.59
CA LYS B 233 16.84 -38.76 19.97
C LYS B 233 15.90 -37.97 20.88
N LEU B 234 14.93 -38.67 21.47
CA LEU B 234 13.96 -38.10 22.39
C LEU B 234 14.67 -37.46 23.59
N SER B 235 15.69 -38.13 24.13
CA SER B 235 16.40 -37.61 25.29
C SER B 235 17.07 -36.27 24.96
N GLU B 236 17.56 -36.13 23.72
CA GLU B 236 18.10 -34.89 23.21
C GLU B 236 17.02 -33.80 23.15
N ILE B 237 15.84 -34.16 22.63
CA ILE B 237 14.73 -33.20 22.58
C ILE B 237 14.44 -32.74 24.01
N LYS B 238 14.47 -33.71 24.94
CA LYS B 238 14.17 -33.43 26.34
C LYS B 238 15.12 -32.35 26.83
N LYS B 239 16.43 -32.53 26.56
CA LYS B 239 17.44 -31.59 27.00
C LYS B 239 17.13 -30.18 26.49
N LEU B 240 16.66 -30.07 25.22
CA LEU B 240 16.39 -28.77 24.61
C LEU B 240 15.18 -28.11 25.27
N ALA B 241 14.15 -28.92 25.54
CA ALA B 241 12.95 -28.49 26.24
C ALA B 241 13.28 -28.02 27.64
N GLN B 242 14.08 -28.82 28.36
CA GLN B 242 14.59 -28.48 29.68
C GLN B 242 15.22 -27.09 29.66
N MET B 243 16.15 -26.85 28.71
CA MET B 243 16.83 -25.57 28.64
C MET B 243 15.86 -24.43 28.34
N GLY B 244 14.89 -24.68 27.46
CA GLY B 244 13.83 -23.71 27.16
C GLY B 244 13.06 -23.32 28.43
N ASN B 245 12.90 -24.29 29.34
CA ASN B 245 12.06 -24.17 30.53
C ASN B 245 12.79 -23.43 31.66
N GLU B 246 14.11 -23.69 31.81
CA GLU B 246 14.94 -23.02 32.79
C GLU B 246 15.22 -21.56 32.43
N THR B 247 15.20 -21.24 31.14
CA THR B 247 15.66 -19.92 30.71
C THR B 247 14.48 -19.03 30.32
N LYS B 248 13.29 -19.64 30.24
CA LYS B 248 12.03 -19.07 29.78
C LYS B 248 12.04 -18.85 28.27
N ASN B 249 13.16 -19.19 27.61
CA ASN B 249 13.32 -19.07 26.18
C ASN B 249 12.74 -20.35 25.56
N ARG B 250 11.42 -20.45 25.67
CA ARG B 250 10.65 -21.68 25.58
C ARG B 250 10.83 -22.31 24.19
N TYR B 251 11.11 -23.62 24.24
CA TYR B 251 11.31 -24.47 23.09
C TYR B 251 9.94 -24.73 22.46
N VAL B 252 9.83 -24.43 21.16
CA VAL B 252 8.58 -24.57 20.44
C VAL B 252 8.76 -25.67 19.39
N TYR B 253 8.00 -26.76 19.51
CA TYR B 253 8.17 -27.80 18.52
C TYR B 253 7.24 -27.53 17.34
N ALA B 254 7.82 -27.36 16.15
CA ALA B 254 7.07 -27.10 14.92
C ALA B 254 6.85 -28.38 14.11
N LEU B 255 5.57 -28.73 13.90
CA LEU B 255 5.22 -29.93 13.16
C LEU B 255 4.67 -29.51 11.80
N HIS B 256 5.10 -30.23 10.75
CA HIS B 256 4.56 -30.10 9.41
C HIS B 256 3.83 -31.38 9.03
N PRO B 257 2.50 -31.47 9.28
CA PRO B 257 1.74 -32.64 8.88
C PRO B 257 0.99 -32.51 7.56
N PHE B 258 1.35 -31.52 6.71
CA PHE B 258 0.61 -31.32 5.48
C PHE B 258 1.38 -31.63 4.20
N MET B 259 2.69 -31.88 4.26
CA MET B 259 3.46 -32.06 3.03
C MET B 259 3.55 -33.53 2.58
N ASN B 260 3.79 -34.42 3.54
CA ASN B 260 4.11 -35.82 3.29
C ASN B 260 3.09 -36.69 4.02
N ASN B 261 2.45 -37.61 3.31
CA ASN B 261 1.38 -38.42 3.90
C ASN B 261 0.54 -37.55 4.83
N PRO B 262 -0.07 -36.46 4.31
CA PRO B 262 -0.68 -35.41 5.14
C PRO B 262 -1.95 -35.82 5.89
N VAL B 263 -2.34 -35.01 6.88
CA VAL B 263 -3.61 -35.18 7.58
C VAL B 263 -4.72 -35.28 6.55
N ARG B 264 -5.51 -36.35 6.63
CA ARG B 264 -6.56 -36.59 5.64
C ARG B 264 -7.85 -35.92 6.10
N PHE B 265 -8.59 -35.38 5.13
CA PHE B 265 -9.84 -34.75 5.46
C PHE B 265 -10.96 -35.29 4.56
N ASP B 266 -10.69 -36.40 3.86
CA ASP B 266 -11.64 -36.96 2.92
C ASP B 266 -12.81 -37.63 3.65
N THR B 267 -12.53 -38.23 4.81
CA THR B 267 -13.59 -38.75 5.70
C THR B 267 -13.32 -38.35 7.14
N GLU B 268 -14.37 -38.43 7.97
CA GLU B 268 -14.29 -38.10 9.39
C GLU B 268 -13.42 -39.12 10.11
N GLU B 269 -13.47 -40.38 9.67
CA GLU B 269 -12.72 -41.46 10.28
C GLU B 269 -11.21 -41.24 10.06
N ASN B 270 -10.82 -40.89 8.82
CA ASN B 270 -9.44 -40.66 8.47
C ASN B 270 -8.92 -39.44 9.25
N TYR B 271 -9.76 -38.41 9.35
CA TYR B 271 -9.40 -37.18 10.04
C TYR B 271 -9.15 -37.43 11.53
N GLN B 272 -10.04 -38.20 12.16
CA GLN B 272 -9.95 -38.46 13.59
C GLN B 272 -8.70 -39.29 13.88
N ASN B 273 -8.40 -40.26 12.98
CA ASN B 273 -7.21 -41.09 13.11
C ASN B 273 -5.98 -40.17 13.05
N ASP B 274 -6.02 -39.22 12.12
CA ASP B 274 -4.85 -38.43 11.78
C ASP B 274 -4.60 -37.41 12.88
N LEU B 275 -5.68 -36.79 13.35
CA LEU B 275 -5.64 -35.90 14.49
C LEU B 275 -5.00 -36.67 15.65
N GLY B 276 -5.37 -37.94 15.76
CA GLY B 276 -4.89 -38.79 16.84
C GLY B 276 -3.38 -39.05 16.74
N VAL B 277 -2.88 -39.12 15.51
CA VAL B 277 -1.45 -39.30 15.28
C VAL B 277 -0.70 -38.06 15.81
N ILE B 278 -1.23 -36.87 15.51
CA ILE B 278 -0.70 -35.62 16.04
C ILE B 278 -0.67 -35.66 17.57
N LYS B 279 -1.79 -36.06 18.19
CA LYS B 279 -1.89 -36.09 19.64
C LYS B 279 -0.83 -37.04 20.22
N ALA B 280 -0.59 -38.16 19.51
CA ALA B 280 0.39 -39.15 19.94
C ALA B 280 1.80 -38.54 19.85
N LYS B 281 2.03 -37.77 18.80
CA LYS B 281 3.33 -37.16 18.56
C LYS B 281 3.58 -36.13 19.65
N PHE B 282 2.57 -35.28 19.85
CA PHE B 282 2.63 -34.23 20.85
C PHE B 282 2.74 -34.81 22.26
N THR B 283 2.04 -35.94 22.54
CA THR B 283 2.05 -36.56 23.85
C THR B 283 3.47 -36.98 24.22
N GLN B 284 4.20 -37.59 23.28
CA GLN B 284 5.54 -38.04 23.53
C GLN B 284 6.41 -36.86 23.94
N LEU B 285 6.16 -35.71 23.32
CA LEU B 285 6.96 -34.52 23.55
C LEU B 285 6.58 -33.87 24.88
N LEU B 286 5.27 -33.90 25.21
CA LEU B 286 4.78 -33.42 26.49
C LEU B 286 5.46 -34.17 27.62
N GLU B 287 5.64 -35.49 27.43
CA GLU B 287 6.24 -36.33 28.45
C GLU B 287 7.71 -36.03 28.60
N ASN B 288 8.27 -35.29 27.63
CA ASN B 288 9.69 -34.96 27.62
C ASN B 288 9.90 -33.45 27.70
N ASP B 289 9.02 -32.75 28.44
CA ASP B 289 9.17 -31.37 28.92
C ASP B 289 8.80 -30.28 27.90
N VAL B 290 8.29 -30.69 26.73
CA VAL B 290 7.87 -29.74 25.71
C VAL B 290 6.56 -29.07 26.14
N ARG B 291 6.48 -27.73 25.96
CA ARG B 291 5.34 -26.98 26.49
C ARG B 291 4.78 -25.96 25.50
N GLN B 292 5.20 -26.03 24.22
CA GLN B 292 4.62 -25.21 23.18
C GLN B 292 4.88 -25.91 21.85
N PHE B 293 3.92 -25.76 20.94
CA PHE B 293 3.89 -26.36 19.61
C PHE B 293 3.53 -25.28 18.60
N ALA B 294 3.91 -25.52 17.34
CA ALA B 294 3.60 -24.69 16.19
C ALA B 294 3.23 -25.61 15.02
N ILE B 295 2.50 -25.09 14.03
CA ILE B 295 2.08 -25.88 12.89
C ILE B 295 2.59 -25.21 11.63
N LEU B 296 3.29 -26.01 10.79
CA LEU B 296 3.81 -25.53 9.52
C LEU B 296 2.93 -26.08 8.41
N ALA B 297 2.69 -25.27 7.37
CA ALA B 297 1.85 -25.71 6.27
C ALA B 297 2.34 -25.15 4.94
N ASP B 298 3.59 -24.69 4.86
CA ASP B 298 4.10 -24.08 3.64
C ASP B 298 4.54 -25.14 2.61
N ASP B 299 4.52 -24.74 1.33
CA ASP B 299 4.99 -25.57 0.22
C ASP B 299 4.12 -26.82 0.04
N ALA B 300 2.86 -26.75 0.47
CA ALA B 300 1.99 -27.90 0.36
C ALA B 300 0.56 -27.47 0.11
N SER B 301 -0.18 -28.28 -0.65
CA SER B 301 -1.61 -28.11 -0.83
C SER B 301 -2.31 -27.84 0.49
N ALA B 302 -3.42 -27.09 0.43
CA ALA B 302 -4.41 -27.11 1.50
C ALA B 302 -5.20 -28.43 1.46
N PRO B 303 -5.95 -28.78 2.52
CA PRO B 303 -6.81 -29.96 2.48
C PRO B 303 -7.94 -29.80 1.45
N ALA B 304 -8.57 -30.94 1.11
CA ALA B 304 -9.80 -30.94 0.33
C ALA B 304 -10.76 -29.89 0.88
N GLN B 305 -11.25 -29.04 -0.02
CA GLN B 305 -12.13 -27.92 0.30
C GLN B 305 -11.34 -26.65 0.57
N GLY B 306 -10.01 -26.78 0.78
CA GLY B 306 -9.18 -25.60 0.96
C GLY B 306 -8.96 -25.27 2.44
N ALA B 307 -8.64 -23.99 2.71
CA ALA B 307 -7.94 -23.61 3.94
C ALA B 307 -8.83 -23.64 5.19
N SER B 308 -10.16 -23.77 5.04
CA SER B 308 -11.04 -23.78 6.20
C SER B 308 -10.81 -25.02 7.07
N MET B 309 -10.14 -26.02 6.49
CA MET B 309 -9.87 -27.26 7.19
C MET B 309 -8.68 -27.08 8.15
N TYR B 310 -7.76 -26.14 7.84
CA TYR B 310 -6.71 -25.80 8.78
C TYR B 310 -7.31 -25.38 10.12
N VAL B 311 -8.38 -24.56 10.03
CA VAL B 311 -9.03 -23.96 11.20
C VAL B 311 -9.69 -25.07 12.01
N LYS B 312 -10.46 -25.93 11.31
CA LYS B 312 -10.94 -27.17 11.91
C LYS B 312 -9.83 -27.86 12.70
N LEU B 313 -8.66 -28.13 12.10
CA LEU B 313 -7.59 -28.84 12.79
C LEU B 313 -7.03 -28.05 13.97
N LEU B 314 -6.85 -26.74 13.81
CA LEU B 314 -6.26 -25.91 14.85
C LEU B 314 -7.19 -25.84 16.07
N THR B 315 -8.50 -25.70 15.83
CA THR B 315 -9.46 -25.59 16.92
C THR B 315 -9.43 -26.87 17.76
N ASP B 316 -9.45 -28.01 17.06
CA ASP B 316 -9.43 -29.34 17.66
C ASP B 316 -8.18 -29.53 18.51
N LEU B 317 -7.02 -29.16 17.98
CA LEU B 317 -5.75 -29.28 18.69
C LEU B 317 -5.77 -28.38 19.93
N THR B 318 -6.29 -27.16 19.77
CA THR B 318 -6.42 -26.20 20.86
C THR B 318 -7.25 -26.79 21.98
N ARG B 319 -8.39 -27.40 21.62
CA ARG B 319 -9.22 -28.07 22.62
C ARG B 319 -8.39 -29.10 23.37
N TRP B 320 -7.58 -29.87 22.62
CA TRP B 320 -6.80 -30.95 23.21
C TRP B 320 -5.72 -30.40 24.15
N LEU B 321 -5.06 -29.32 23.71
CA LEU B 321 -4.00 -28.72 24.50
C LEU B 321 -4.58 -28.23 25.81
N GLU B 322 -5.80 -27.69 25.76
CA GLU B 322 -6.48 -27.21 26.95
C GLU B 322 -6.72 -28.36 27.92
N GLU B 323 -7.07 -29.53 27.39
CA GLU B 323 -7.35 -30.69 28.22
C GLU B 323 -6.04 -31.16 28.84
N GLN B 324 -4.93 -31.02 28.09
CA GLN B 324 -3.64 -31.50 28.55
C GLN B 324 -3.11 -30.62 29.69
N GLN B 325 -3.65 -29.40 29.79
CA GLN B 325 -3.26 -28.45 30.83
C GLN B 325 -3.52 -28.98 32.25
N SER B 326 -4.47 -29.90 32.44
CA SER B 326 -4.66 -30.54 33.74
C SER B 326 -3.37 -31.22 34.19
N THR B 327 -2.76 -32.00 33.28
CA THR B 327 -1.53 -32.75 33.51
C THR B 327 -0.30 -31.83 33.49
N TYR B 328 -0.32 -30.82 32.60
CA TYR B 328 0.84 -29.98 32.31
C TYR B 328 0.43 -28.50 32.39
N PRO B 329 0.35 -27.92 33.62
CA PRO B 329 -0.23 -26.60 33.83
C PRO B 329 0.54 -25.49 33.11
N ASP B 330 1.84 -25.71 32.90
CA ASP B 330 2.73 -24.73 32.26
C ASP B 330 2.70 -24.85 30.74
N LEU B 331 1.83 -25.72 30.19
CA LEU B 331 1.74 -25.90 28.75
C LEU B 331 1.06 -24.69 28.11
N LYS B 332 1.64 -24.18 27.01
CA LYS B 332 1.12 -23.01 26.32
C LYS B 332 0.22 -23.46 25.18
N THR B 333 -0.92 -22.76 25.02
CA THR B 333 -1.91 -23.12 24.00
C THR B 333 -1.76 -22.25 22.76
N ASP B 334 -0.91 -21.23 22.81
CA ASP B 334 -0.62 -20.46 21.61
C ASP B 334 -0.09 -21.38 20.52
N LEU B 335 -0.53 -21.14 19.29
CA LEU B 335 -0.17 -21.96 18.14
C LEU B 335 0.17 -21.05 16.96
N MET B 336 1.46 -21.00 16.60
N MET B 336 1.45 -21.03 16.57
CA MET B 336 1.86 -20.36 15.37
CA MET B 336 1.90 -20.32 15.38
C MET B 336 1.42 -21.24 14.21
C MET B 336 1.61 -21.18 14.15
N PHE B 337 0.96 -20.59 13.13
CA PHE B 337 0.62 -21.29 11.90
C PHE B 337 1.34 -20.65 10.71
N CYS B 338 2.19 -21.44 10.00
CA CYS B 338 2.85 -20.89 8.83
C CYS B 338 2.06 -21.26 7.58
N PRO B 339 1.39 -20.30 6.90
CA PRO B 339 0.65 -20.57 5.65
C PRO B 339 1.59 -20.68 4.45
N SER B 340 1.05 -21.26 3.38
CA SER B 340 1.75 -21.42 2.11
C SER B 340 1.99 -20.07 1.42
N ASP B 341 1.24 -19.01 1.81
CA ASP B 341 1.48 -17.70 1.22
C ASP B 341 1.91 -16.68 2.29
N TYR B 342 2.89 -17.08 3.12
CA TYR B 342 3.49 -16.24 4.13
C TYR B 342 4.01 -14.93 3.51
N TYR B 343 4.24 -14.92 2.20
CA TYR B 343 4.82 -13.78 1.49
C TYR B 343 3.74 -12.80 0.98
N GLY B 344 2.46 -13.04 1.26
CA GLY B 344 1.36 -12.23 0.71
C GLY B 344 1.06 -10.96 1.52
N ASN B 345 -0.01 -10.26 1.13
CA ASN B 345 -0.41 -9.01 1.79
C ASN B 345 -1.67 -9.23 2.64
N GLY B 346 -2.17 -10.46 2.66
CA GLY B 346 -3.28 -10.85 3.52
C GLY B 346 -4.65 -10.83 2.85
N SER B 347 -4.70 -10.49 1.55
CA SER B 347 -5.96 -10.37 0.82
C SER B 347 -6.40 -11.72 0.26
N SER B 348 -5.50 -12.71 0.24
CA SER B 348 -5.79 -14.01 -0.32
C SER B 348 -6.93 -14.68 0.46
N ALA B 349 -7.66 -15.55 -0.24
CA ALA B 349 -8.71 -16.38 0.30
C ALA B 349 -8.22 -17.23 1.48
N GLN B 350 -7.04 -17.87 1.36
CA GLN B 350 -6.49 -18.72 2.40
C GLN B 350 -6.28 -17.91 3.68
N LEU B 351 -5.65 -16.74 3.54
CA LEU B 351 -5.35 -15.97 4.73
C LEU B 351 -6.67 -15.56 5.38
N LYS B 352 -7.65 -15.15 4.57
CA LYS B 352 -8.97 -14.75 5.07
C LYS B 352 -9.62 -15.90 5.83
N GLU B 353 -9.55 -17.12 5.27
CA GLU B 353 -10.03 -18.32 5.96
C GLU B 353 -9.28 -18.53 7.29
N LEU B 354 -7.96 -18.40 7.27
CA LEU B 354 -7.17 -18.59 8.48
C LEU B 354 -7.57 -17.57 9.55
N ASN B 355 -7.93 -16.34 9.13
CA ASN B 355 -8.25 -15.28 10.08
C ASN B 355 -9.48 -15.61 10.92
N LYS B 356 -10.28 -16.58 10.49
CA LYS B 356 -11.46 -17.00 11.23
C LYS B 356 -11.09 -17.94 12.36
N ALA B 357 -9.80 -18.20 12.58
CA ALA B 357 -9.39 -19.05 13.69
C ALA B 357 -9.63 -18.33 15.02
N GLU B 358 -9.57 -19.07 16.14
CA GLU B 358 -9.59 -18.49 17.48
C GLU B 358 -8.35 -17.64 17.72
N ASP B 359 -8.33 -16.96 18.88
CA ASP B 359 -7.40 -15.87 19.16
C ASP B 359 -6.05 -16.40 19.60
N ASN B 360 -5.99 -17.70 19.91
CA ASN B 360 -4.75 -18.35 20.29
C ASN B 360 -3.90 -18.70 19.06
N VAL B 361 -4.44 -18.52 17.85
CA VAL B 361 -3.69 -18.84 16.65
C VAL B 361 -3.02 -17.57 16.13
N SER B 362 -1.74 -17.71 15.75
CA SER B 362 -1.00 -16.65 15.08
C SER B 362 -0.77 -17.02 13.61
N ILE B 363 -0.82 -16.02 12.73
CA ILE B 363 -0.57 -16.22 11.32
C ILE B 363 0.74 -15.56 10.93
N VAL B 364 1.64 -16.39 10.41
CA VAL B 364 3.04 -16.07 10.11
C VAL B 364 3.17 -15.44 8.72
N MET B 365 3.79 -14.26 8.70
CA MET B 365 4.04 -13.55 7.44
C MET B 365 5.49 -13.08 7.45
N THR B 366 6.07 -12.93 6.26
CA THR B 366 7.45 -12.47 6.18
C THR B 366 7.49 -11.00 5.81
N GLY B 367 6.32 -10.36 5.69
CA GLY B 367 6.22 -8.90 5.63
C GLY B 367 6.03 -8.36 4.22
N GLY B 368 5.42 -9.18 3.34
CA GLY B 368 4.94 -8.68 2.05
C GLY B 368 5.82 -9.12 0.88
N ARG B 369 6.97 -9.73 1.22
CA ARG B 369 7.86 -10.43 0.30
C ARG B 369 8.76 -11.37 1.10
N ILE B 370 9.64 -12.14 0.44
CA ILE B 370 10.44 -13.12 1.17
C ILE B 370 11.24 -12.40 2.25
N TRP B 371 11.88 -11.29 1.86
CA TRP B 371 12.87 -10.58 2.66
C TRP B 371 12.24 -9.30 3.20
N GLY B 372 11.05 -9.42 3.77
CA GLY B 372 10.31 -8.26 4.24
C GLY B 372 10.68 -7.88 5.68
N GLU B 373 10.04 -6.82 6.18
CA GLU B 373 10.48 -6.19 7.42
C GLU B 373 9.27 -6.00 8.34
N VAL B 374 9.56 -5.81 9.65
CA VAL B 374 8.54 -5.41 10.61
C VAL B 374 8.13 -3.98 10.29
N ASP B 375 7.02 -3.87 9.57
CA ASP B 375 6.65 -2.63 8.91
C ASP B 375 5.18 -2.33 9.21
N GLU B 376 4.94 -1.09 9.67
CA GLU B 376 3.62 -0.71 10.15
C GLU B 376 2.63 -0.64 8.99
N ASN B 377 3.11 -0.20 7.82
CA ASN B 377 2.28 -0.09 6.63
C ASN B 377 1.82 -1.47 6.15
N PHE B 378 2.73 -2.46 6.11
CA PHE B 378 2.36 -3.82 5.73
C PHE B 378 1.38 -4.40 6.76
N ALA B 379 1.65 -4.13 8.04
CA ALA B 379 0.88 -4.73 9.11
C ALA B 379 -0.54 -4.15 9.16
N ASN B 380 -0.68 -2.88 8.80
CA ASN B 380 -1.99 -2.24 8.82
C ASN B 380 -2.86 -2.76 7.67
N ASN B 381 -2.27 -2.79 6.46
CA ASN B 381 -2.87 -3.38 5.28
C ASN B 381 -3.26 -4.83 5.52
N PHE B 382 -2.37 -5.61 6.18
CA PHE B 382 -2.62 -7.03 6.43
C PHE B 382 -3.89 -7.18 7.26
N MET B 383 -4.01 -6.38 8.32
CA MET B 383 -5.17 -6.45 9.18
C MET B 383 -6.45 -6.09 8.43
N ASN B 384 -6.40 -5.08 7.55
CA ASN B 384 -7.57 -4.69 6.77
C ASN B 384 -7.90 -5.76 5.74
N ASN B 385 -6.87 -6.20 5.02
CA ASN B 385 -6.98 -7.17 3.93
C ASN B 385 -7.62 -8.48 4.36
N ILE B 386 -7.30 -8.93 5.59
CA ILE B 386 -7.64 -10.30 5.97
C ILE B 386 -9.02 -10.36 6.65
N SER B 387 -9.54 -9.18 7.02
CA SER B 387 -10.83 -9.02 7.69
C SER B 387 -11.94 -9.67 6.88
N THR B 388 -12.89 -10.30 7.59
CA THR B 388 -14.16 -10.69 7.00
C THR B 388 -15.25 -10.45 8.04
N GLU B 389 -16.52 -10.45 7.63
CA GLU B 389 -17.63 -10.17 8.53
C GLU B 389 -17.60 -11.14 9.72
N GLY B 390 -17.64 -10.58 10.92
CA GLY B 390 -17.56 -11.35 12.16
C GLY B 390 -16.11 -11.66 12.56
N HIS B 391 -15.17 -11.37 11.66
CA HIS B 391 -13.77 -11.75 11.85
C HIS B 391 -12.84 -10.59 11.55
N PRO B 392 -12.63 -9.67 12.52
CA PRO B 392 -11.68 -8.56 12.35
C PRO B 392 -10.29 -9.11 12.07
N GLY B 393 -9.47 -8.35 11.34
CA GLY B 393 -8.12 -8.80 10.99
C GLY B 393 -7.18 -8.77 12.20
N ARG B 394 -6.58 -9.93 12.51
CA ARG B 394 -5.57 -9.99 13.56
C ARG B 394 -4.25 -9.49 13.00
N ALA B 395 -3.41 -8.99 13.91
CA ALA B 395 -2.04 -8.58 13.63
C ALA B 395 -1.25 -9.75 13.02
N PRO B 396 -0.29 -9.48 12.10
CA PRO B 396 0.58 -10.54 11.55
C PRO B 396 1.64 -10.96 12.54
N PHE B 397 1.95 -12.25 12.56
CA PHE B 397 3.11 -12.72 13.30
C PHE B 397 4.27 -12.81 12.32
N PHE B 398 5.30 -11.97 12.52
CA PHE B 398 6.41 -11.81 11.60
C PHE B 398 7.46 -12.90 11.80
N TRP B 399 7.80 -13.57 10.69
CA TRP B 399 9.03 -14.33 10.54
C TRP B 399 9.96 -13.46 9.71
N ILE B 400 11.02 -12.95 10.34
CA ILE B 400 11.95 -12.08 9.64
C ILE B 400 13.19 -12.87 9.21
N ASN B 401 13.52 -12.79 7.90
CA ASN B 401 14.71 -13.41 7.33
C ASN B 401 15.94 -12.50 7.54
N TRP B 402 16.24 -12.25 8.81
CA TRP B 402 17.38 -11.49 9.28
C TRP B 402 17.73 -11.98 10.68
N PRO B 403 19.02 -12.27 10.97
CA PRO B 403 20.12 -12.01 10.02
C PRO B 403 20.47 -13.10 8.99
N CYS B 404 19.51 -13.99 8.71
CA CYS B 404 19.62 -15.10 7.78
C CYS B 404 20.59 -14.78 6.64
N SER B 405 21.54 -15.70 6.41
CA SER B 405 22.61 -15.50 5.44
C SER B 405 22.56 -16.56 4.35
N ASP B 406 21.43 -17.27 4.20
CA ASP B 406 21.43 -18.38 3.26
C ASP B 406 21.36 -17.90 1.81
N ASN B 407 21.25 -16.59 1.61
CA ASN B 407 21.43 -16.02 0.28
C ASN B 407 22.69 -15.15 0.28
N SER B 408 23.57 -15.37 1.28
CA SER B 408 24.79 -14.58 1.40
C SER B 408 25.84 -15.32 2.21
N LYS B 409 26.18 -16.53 1.75
CA LYS B 409 26.66 -17.62 2.58
C LYS B 409 28.12 -17.37 3.01
N GLN B 410 28.79 -16.44 2.33
CA GLN B 410 30.19 -16.10 2.54
C GLN B 410 30.31 -15.10 3.68
N HIS B 411 29.16 -14.55 4.14
CA HIS B 411 29.15 -13.36 4.97
C HIS B 411 28.58 -13.66 6.36
N LEU B 412 29.02 -12.84 7.32
CA LEU B 412 28.29 -12.62 8.56
C LEU B 412 27.43 -11.38 8.36
N ILE B 413 26.23 -11.38 8.99
CA ILE B 413 25.39 -10.20 8.92
C ILE B 413 25.26 -9.62 10.32
N MET B 414 26.21 -8.75 10.68
CA MET B 414 26.38 -8.34 12.07
C MET B 414 25.67 -7.00 12.35
N GLY B 415 24.67 -6.68 11.54
CA GLY B 415 23.86 -5.50 11.81
C GLY B 415 22.63 -5.47 10.92
N GLY B 416 21.93 -4.32 10.90
CA GLY B 416 20.74 -4.12 10.10
C GLY B 416 19.51 -3.86 10.98
N ASN B 417 19.76 -3.70 12.28
CA ASN B 417 18.69 -3.49 13.25
C ASN B 417 17.47 -2.80 12.63
N ASP B 418 17.62 -1.50 12.29
CA ASP B 418 16.44 -0.67 12.08
C ASP B 418 15.81 -0.88 10.69
N THR B 419 16.53 -1.53 9.76
CA THR B 419 15.99 -1.88 8.46
C THR B 419 14.89 -2.94 8.59
N PHE B 420 15.13 -3.97 9.43
CA PHE B 420 14.24 -5.10 9.61
C PHE B 420 13.26 -4.91 10.77
N LEU B 421 13.67 -4.17 11.81
CA LEU B 421 12.78 -3.90 12.93
C LEU B 421 12.53 -2.40 13.03
N HIS B 422 11.48 -1.91 12.33
CA HIS B 422 11.25 -0.48 12.17
C HIS B 422 10.98 0.22 13.49
N PRO B 423 11.77 1.26 13.85
CA PRO B 423 11.40 2.14 14.95
C PRO B 423 10.01 2.74 14.69
N GLY B 424 9.21 2.85 15.76
CA GLY B 424 7.95 3.58 15.73
C GLY B 424 6.71 2.72 15.46
N VAL B 425 6.90 1.41 15.21
CA VAL B 425 5.75 0.60 14.83
C VAL B 425 4.82 0.44 16.01
N ASP B 426 3.54 0.72 15.76
CA ASP B 426 2.46 0.49 16.71
C ASP B 426 2.45 -1.00 17.06
N PRO B 427 2.69 -1.37 18.35
CA PRO B 427 2.81 -2.77 18.73
C PRO B 427 1.50 -3.55 18.64
N SER B 428 0.38 -2.84 18.49
CA SER B 428 -0.91 -3.50 18.33
C SER B 428 -1.04 -4.06 16.91
N LYS B 429 -0.09 -3.72 16.02
CA LYS B 429 -0.05 -4.28 14.69
C LYS B 429 1.01 -5.39 14.58
N ILE B 430 1.55 -5.85 15.72
CA ILE B 430 2.57 -6.90 15.73
C ILE B 430 2.10 -8.00 16.67
N ASP B 431 1.77 -9.18 16.12
CA ASP B 431 1.36 -10.29 16.97
C ASP B 431 2.59 -10.91 17.65
N GLY B 432 3.68 -11.08 16.88
CA GLY B 432 4.91 -11.70 17.34
C GLY B 432 6.01 -11.42 16.33
N ILE B 433 7.28 -11.68 16.73
CA ILE B 433 8.46 -11.59 15.88
C ILE B 433 9.42 -12.72 16.25
N VAL B 434 9.79 -13.53 15.24
CA VAL B 434 10.88 -14.48 15.38
C VAL B 434 11.88 -14.24 14.24
N LEU B 435 13.18 -14.21 14.61
CA LEU B 435 14.23 -14.04 13.63
C LEU B 435 14.65 -15.40 13.06
N ASN B 436 14.90 -15.42 11.74
CA ASN B 436 15.51 -16.55 11.07
C ASN B 436 16.98 -16.20 10.84
N PRO B 437 17.93 -16.75 11.65
CA PRO B 437 19.33 -16.31 11.71
C PRO B 437 20.32 -17.12 10.87
N MET B 438 21.61 -16.99 11.19
CA MET B 438 22.70 -17.53 10.38
C MET B 438 23.00 -18.96 10.83
N GLN B 439 23.61 -19.76 9.95
CA GLN B 439 24.00 -21.12 10.34
C GLN B 439 25.04 -21.13 11.47
N GLN B 440 25.82 -20.06 11.62
CA GLN B 440 26.80 -20.01 12.69
C GLN B 440 26.10 -19.49 13.95
N ALA B 441 25.71 -20.43 14.83
CA ALA B 441 24.86 -20.15 15.99
C ALA B 441 25.34 -18.92 16.76
N GLU B 442 26.63 -18.87 17.13
CA GLU B 442 27.16 -17.82 18.00
C GLU B 442 27.09 -16.43 17.35
N ALA B 443 27.23 -16.35 16.02
CA ALA B 443 27.33 -15.08 15.33
C ALA B 443 26.03 -14.28 15.45
N ASN B 444 24.96 -14.96 15.91
CA ASN B 444 23.61 -14.43 15.88
C ASN B 444 23.28 -13.57 17.12
N LYS B 445 24.21 -13.46 18.06
CA LYS B 445 23.89 -12.95 19.39
C LYS B 445 23.55 -11.45 19.34
N SER B 446 24.19 -10.71 18.44
CA SER B 446 23.87 -9.30 18.25
C SER B 446 22.40 -9.14 17.83
N ALA B 447 21.95 -10.00 16.90
CA ALA B 447 20.61 -9.91 16.35
C ALA B 447 19.56 -10.40 17.36
N LEU B 448 19.89 -11.45 18.12
CA LEU B 448 19.04 -11.87 19.23
C LEU B 448 18.82 -10.73 20.24
N PHE B 449 19.87 -9.94 20.47
CA PHE B 449 19.84 -8.84 21.42
C PHE B 449 19.00 -7.69 20.86
N ALA B 450 19.04 -7.48 19.55
CA ALA B 450 18.21 -6.48 18.90
C ALA B 450 16.73 -6.83 19.04
N ILE B 451 16.36 -8.06 18.65
CA ILE B 451 14.97 -8.51 18.70
C ILE B 451 14.45 -8.53 20.15
N ALA B 452 15.27 -9.02 21.08
CA ALA B 452 14.92 -9.03 22.49
C ALA B 452 14.45 -7.65 22.92
N ASP B 453 15.28 -6.63 22.64
CA ASP B 453 15.03 -5.28 23.12
C ASP B 453 13.79 -4.72 22.44
N TYR B 454 13.81 -4.73 21.10
CA TYR B 454 12.77 -4.12 20.27
C TYR B 454 11.38 -4.68 20.59
N ALA B 455 11.29 -6.02 20.63
CA ALA B 455 10.01 -6.70 20.74
C ALA B 455 9.44 -6.53 22.14
N TRP B 456 10.32 -6.39 23.13
CA TRP B 456 9.85 -6.04 24.46
C TRP B 456 9.42 -4.57 24.54
N ASN B 457 10.16 -3.67 23.88
CA ASN B 457 9.98 -2.22 23.99
C ASN B 457 10.36 -1.56 22.67
N ILE B 458 9.34 -1.28 21.84
CA ILE B 458 9.58 -0.87 20.47
C ILE B 458 10.52 0.34 20.50
N TRP B 459 11.58 0.29 19.67
CA TRP B 459 12.50 1.40 19.54
C TRP B 459 11.74 2.63 19.07
N ASP B 460 12.07 3.78 19.66
CA ASP B 460 11.41 5.03 19.31
C ASP B 460 11.90 5.48 17.95
N ASN B 461 13.20 5.35 17.71
CA ASN B 461 13.86 5.95 16.56
C ASN B 461 15.14 5.17 16.23
N LYS B 462 15.85 5.62 15.19
CA LYS B 462 17.02 4.95 14.66
C LYS B 462 18.17 5.02 15.66
N GLU B 463 18.21 6.12 16.43
CA GLU B 463 19.26 6.31 17.43
C GLU B 463 19.17 5.20 18.49
N GLU B 464 17.94 4.83 18.89
CA GLU B 464 17.75 3.75 19.85
C GLU B 464 18.22 2.42 19.25
N ALA B 465 17.88 2.18 17.98
CA ALA B 465 18.35 1.00 17.23
C ALA B 465 19.88 0.95 17.18
N ASP B 466 20.51 2.10 16.95
CA ASP B 466 21.96 2.18 16.81
C ASP B 466 22.61 2.00 18.18
N GLU B 467 21.98 2.56 19.21
CA GLU B 467 22.45 2.42 20.57
C GLU B 467 22.41 0.93 20.96
N ASN B 468 21.27 0.27 20.68
CA ASN B 468 21.16 -1.15 20.97
C ASN B 468 22.29 -1.92 20.29
N TRP B 469 22.51 -1.63 18.99
CA TRP B 469 23.55 -2.27 18.22
C TRP B 469 24.93 -2.07 18.87
N ASN B 470 25.26 -0.84 19.26
CA ASN B 470 26.56 -0.57 19.86
C ASN B 470 26.76 -1.42 21.11
N ASP B 471 25.76 -1.40 21.99
CA ASP B 471 25.81 -2.11 23.27
C ASP B 471 25.83 -3.63 23.09
N SER B 472 25.30 -4.10 21.95
CA SER B 472 25.02 -5.52 21.75
C SER B 472 26.30 -6.38 21.85
N PHE B 473 27.44 -5.81 21.43
CA PHE B 473 28.72 -6.51 21.41
C PHE B 473 29.26 -6.79 22.82
N LYS B 474 28.88 -5.96 23.80
CA LYS B 474 29.35 -6.18 25.15
C LYS B 474 28.69 -7.46 25.66
N TYR B 475 27.38 -7.59 25.39
CA TYR B 475 26.58 -8.67 25.92
C TYR B 475 26.81 -9.92 25.10
N MET B 476 26.93 -9.73 23.79
CA MET B 476 27.37 -10.82 22.92
C MET B 476 28.68 -11.41 23.46
N ASP B 477 29.62 -10.51 23.80
CA ASP B 477 31.00 -10.89 24.08
C ASP B 477 31.16 -11.53 25.45
N HIS B 478 30.53 -10.95 26.48
CA HIS B 478 30.74 -11.40 27.84
C HIS B 478 29.50 -11.18 28.71
N GLY B 479 28.36 -10.82 28.09
CA GLY B 479 27.05 -10.89 28.75
C GLY B 479 26.79 -9.87 29.86
N THR B 480 27.46 -8.70 29.82
CA THR B 480 27.24 -7.65 30.81
C THR B 480 27.46 -6.28 30.18
N ALA B 481 27.16 -5.21 30.93
CA ALA B 481 27.23 -3.85 30.40
C ALA B 481 28.65 -3.29 30.40
N GLU B 482 29.63 -4.05 30.88
CA GLU B 482 30.99 -3.54 30.92
C GLU B 482 31.58 -3.56 29.50
N GLU B 483 32.17 -2.44 29.09
CA GLU B 483 32.92 -2.39 27.84
C GLU B 483 34.27 -3.03 28.10
N THR B 484 34.69 -3.98 27.23
CA THR B 484 36.02 -4.56 27.33
C THR B 484 36.72 -4.40 25.98
N ASN B 485 38.04 -4.60 25.96
CA ASN B 485 38.84 -4.56 24.73
C ASN B 485 38.29 -5.51 23.66
N SER B 486 37.90 -6.73 24.05
CA SER B 486 37.38 -7.74 23.13
C SER B 486 36.04 -7.28 22.57
N SER B 487 35.21 -6.69 23.42
CA SER B 487 33.92 -6.21 22.93
C SER B 487 34.13 -5.03 22.00
N LEU B 488 35.16 -4.21 22.27
CA LEU B 488 35.45 -3.08 21.40
C LEU B 488 35.92 -3.57 20.03
N ALA B 489 36.76 -4.61 20.05
CA ALA B 489 37.31 -5.17 18.83
C ALA B 489 36.20 -5.83 18.00
N LEU B 490 35.31 -6.58 18.67
CA LEU B 490 34.26 -7.31 17.98
C LEU B 490 33.33 -6.32 17.28
N ARG B 491 32.99 -5.23 17.96
CA ARG B 491 32.17 -4.18 17.38
C ARG B 491 32.89 -3.53 16.20
N GLU B 492 34.21 -3.35 16.30
CA GLU B 492 34.95 -2.64 15.27
C GLU B 492 34.90 -3.40 13.94
N ILE B 493 35.12 -4.71 13.98
CA ILE B 493 35.13 -5.47 12.73
C ILE B 493 33.71 -5.65 12.20
N SER B 494 32.73 -5.69 13.10
CA SER B 494 31.32 -5.90 12.77
C SER B 494 30.75 -4.70 12.00
N LYS B 495 31.33 -3.51 12.21
CA LYS B 495 31.02 -2.31 11.45
C LYS B 495 31.16 -2.56 9.95
N HIS B 496 31.91 -3.61 9.58
CA HIS B 496 32.30 -3.84 8.20
C HIS B 496 31.86 -5.23 7.71
N MET B 497 30.94 -5.87 8.44
CA MET B 497 30.38 -7.17 8.10
C MET B 497 28.86 -7.15 8.26
N ILE B 498 28.20 -6.38 7.40
CA ILE B 498 26.77 -6.13 7.55
C ILE B 498 26.11 -6.31 6.17
N ASN B 499 26.72 -5.73 5.13
CA ASN B 499 26.17 -5.84 3.79
C ASN B 499 26.01 -7.30 3.35
N GLN B 500 24.89 -7.60 2.67
CA GLN B 500 24.52 -8.95 2.27
C GLN B 500 24.98 -9.26 0.85
N ASN B 501 25.32 -8.21 0.08
CA ASN B 501 25.69 -8.40 -1.32
C ASN B 501 24.60 -9.15 -2.08
N MET B 502 23.34 -8.73 -1.90
CA MET B 502 22.20 -9.38 -2.54
C MET B 502 21.56 -8.40 -3.52
N ASP B 503 20.71 -8.89 -4.43
CA ASP B 503 19.99 -7.99 -5.32
C ASP B 503 18.88 -7.30 -4.53
N GLY B 504 18.01 -6.59 -5.26
CA GLY B 504 17.01 -5.73 -4.64
C GLY B 504 15.81 -6.46 -4.04
N ARG B 505 15.89 -7.81 -3.88
CA ARG B 505 14.84 -8.59 -3.23
C ARG B 505 14.80 -8.27 -1.74
N VAL B 506 15.90 -7.70 -1.23
CA VAL B 506 16.01 -7.22 0.14
C VAL B 506 16.63 -5.82 0.10
N ARG B 507 16.28 -4.97 1.07
CA ARG B 507 16.94 -3.69 1.18
C ARG B 507 18.42 -3.91 1.54
N PRO B 508 19.36 -3.21 0.88
CA PRO B 508 20.79 -3.34 1.17
C PRO B 508 21.12 -2.81 2.56
N LEU B 509 21.93 -3.56 3.33
CA LEU B 509 22.32 -3.05 4.63
C LEU B 509 23.62 -2.28 4.47
N GLN B 510 23.72 -1.16 5.20
CA GLN B 510 24.86 -0.26 5.08
C GLN B 510 25.97 -0.67 6.05
N GLU B 511 27.16 -0.91 5.50
CA GLU B 511 28.34 -1.20 6.32
C GLU B 511 29.41 -0.16 6.00
N SER B 512 30.50 -0.16 6.78
CA SER B 512 31.58 0.80 6.60
C SER B 512 31.02 2.21 6.46
N VAL B 513 30.08 2.57 7.33
CA VAL B 513 29.36 3.82 7.16
C VAL B 513 30.32 5.01 7.36
N GLU B 514 31.14 4.97 8.42
CA GLU B 514 32.02 6.10 8.73
C GLU B 514 33.23 6.14 7.79
N LEU B 515 33.63 4.99 7.23
CA LEU B 515 34.88 4.90 6.48
C LEU B 515 34.67 5.13 4.99
N ALA B 516 33.45 4.88 4.51
CA ALA B 516 33.15 4.92 3.08
C ALA B 516 33.31 6.34 2.53
N PRO B 517 32.85 7.41 3.24
CA PRO B 517 33.15 8.78 2.80
C PRO B 517 34.65 9.00 2.67
N LYS B 518 35.43 8.43 3.61
CA LYS B 518 36.87 8.58 3.59
C LYS B 518 37.48 7.87 2.38
N LEU B 519 36.89 6.75 1.96
CA LEU B 519 37.39 6.01 0.81
C LEU B 519 36.99 6.72 -0.47
N GLU B 520 35.85 7.43 -0.43
CA GLU B 520 35.30 8.10 -1.60
C GLU B 520 36.11 9.36 -1.91
N ALA B 521 36.26 10.22 -0.89
CA ALA B 521 37.05 11.44 -0.98
C ALA B 521 38.48 11.12 -1.38
N PHE B 522 39.02 9.98 -0.92
CA PHE B 522 40.34 9.55 -1.35
C PHE B 522 40.33 9.31 -2.86
N LYS B 523 39.25 8.70 -3.36
CA LYS B 523 39.11 8.43 -4.78
C LYS B 523 39.08 9.75 -5.57
N GLN B 524 38.35 10.74 -5.04
CA GLN B 524 38.15 12.03 -5.69
C GLN B 524 39.47 12.82 -5.71
N LYS B 525 40.24 12.73 -4.62
CA LYS B 525 41.51 13.44 -4.50
C LYS B 525 42.50 12.86 -5.51
N TYR B 526 42.49 11.53 -5.64
CA TYR B 526 43.32 10.81 -6.59
C TYR B 526 42.92 11.20 -8.02
N ILE B 532 48.40 12.92 -1.94
CA ILE B 532 47.48 12.01 -1.20
C ILE B 532 48.21 11.37 -0.01
N LYS B 533 49.54 11.56 0.06
CA LYS B 533 50.36 10.94 1.10
C LYS B 533 49.68 11.06 2.46
N GLU B 534 49.31 12.30 2.83
CA GLU B 534 48.66 12.58 4.11
C GLU B 534 47.30 11.89 4.20
N ASP B 535 46.62 11.74 3.05
CA ASP B 535 45.30 11.12 3.03
C ASP B 535 45.43 9.59 3.03
N ALA B 536 46.50 9.06 2.41
CA ALA B 536 46.70 7.63 2.30
C ALA B 536 47.14 7.04 3.64
N LEU B 537 48.02 7.76 4.34
CA LEU B 537 48.52 7.38 5.65
C LEU B 537 47.38 7.35 6.66
N GLU B 538 46.42 8.27 6.53
CA GLU B 538 45.30 8.33 7.45
C GLU B 538 44.39 7.11 7.24
N LEU B 539 44.31 6.63 5.99
CA LEU B 539 43.59 5.42 5.65
C LEU B 539 44.34 4.19 6.17
N ILE B 540 45.68 4.30 6.26
CA ILE B 540 46.48 3.21 6.77
C ILE B 540 46.26 3.05 8.29
N GLU B 541 46.06 4.16 8.99
CA GLU B 541 45.61 4.10 10.38
C GLU B 541 44.29 3.32 10.45
N GLU B 542 43.35 3.72 9.59
CA GLU B 542 42.03 3.12 9.49
C GLU B 542 42.12 1.60 9.36
N PHE B 543 42.98 1.14 8.45
CA PHE B 543 43.06 -0.27 8.15
C PHE B 543 43.94 -1.06 9.11
N THR B 544 44.96 -0.42 9.71
CA THR B 544 45.77 -1.14 10.68
C THR B 544 44.94 -1.34 11.95
N ASN B 545 44.06 -0.38 12.23
CA ASN B 545 43.15 -0.37 13.37
C ASN B 545 42.18 -1.56 13.31
N LEU B 546 41.75 -1.91 12.10
CA LEU B 546 40.86 -3.04 11.90
C LEU B 546 41.66 -4.34 12.01
N GLN B 547 42.87 -4.34 11.44
CA GLN B 547 43.68 -5.55 11.46
C GLN B 547 43.97 -5.95 12.90
N LYS B 548 44.17 -4.94 13.75
CA LYS B 548 44.55 -5.13 15.14
C LYS B 548 43.34 -5.63 15.93
N ALA B 549 42.17 -5.06 15.65
CA ALA B 549 40.91 -5.43 16.25
C ALA B 549 40.62 -6.91 16.05
N ALA B 550 40.74 -7.38 14.79
CA ALA B 550 40.43 -8.76 14.46
C ALA B 550 41.44 -9.71 15.12
N GLU B 551 42.71 -9.29 15.14
CA GLU B 551 43.79 -10.05 15.74
C GLU B 551 43.56 -10.16 17.25
N TYR B 552 43.30 -9.02 17.89
CA TYR B 552 43.02 -8.97 19.31
C TYR B 552 41.79 -9.81 19.65
N TYR B 553 40.71 -9.65 18.88
CA TYR B 553 39.54 -10.47 19.13
C TYR B 553 39.85 -11.97 18.99
N LYS B 554 40.59 -12.34 17.94
CA LYS B 554 41.00 -13.72 17.72
C LYS B 554 41.73 -14.28 18.95
N ASN B 555 42.66 -13.51 19.51
CA ASN B 555 43.55 -13.99 20.58
C ASN B 555 42.87 -13.91 21.95
N ASN B 556 41.97 -12.93 22.14
CA ASN B 556 41.46 -12.70 23.48
C ASN B 556 39.94 -12.52 23.48
N PRO B 557 39.15 -13.49 22.99
CA PRO B 557 37.69 -13.33 22.92
C PRO B 557 37.02 -13.49 24.27
N GLY B 558 35.91 -12.76 24.48
CA GLY B 558 35.15 -12.94 25.70
C GLY B 558 34.46 -14.30 25.68
N ASN B 559 34.17 -14.80 24.48
CA ASN B 559 33.52 -16.10 24.31
C ASN B 559 34.29 -16.94 23.28
N GLU B 560 34.95 -18.00 23.76
CA GLU B 560 35.81 -18.83 22.92
C GLU B 560 34.97 -19.62 21.92
N ARG B 561 33.76 -20.00 22.31
CA ARG B 561 32.81 -20.62 21.39
C ARG B 561 32.56 -19.71 20.17
N THR B 562 32.32 -18.42 20.43
CA THR B 562 32.04 -17.47 19.38
C THR B 562 33.22 -17.35 18.41
N ARG B 563 34.43 -17.20 18.96
CA ARG B 563 35.66 -16.98 18.21
C ARG B 563 35.89 -18.14 17.25
N ASP B 564 35.74 -19.37 17.74
CA ASP B 564 35.99 -20.56 16.95
C ASP B 564 35.03 -20.67 15.75
N GLN B 565 33.77 -20.23 15.93
CA GLN B 565 32.75 -20.32 14.90
C GLN B 565 32.99 -19.26 13.82
N ILE B 566 33.63 -18.13 14.16
CA ILE B 566 33.86 -17.07 13.19
C ILE B 566 35.33 -16.96 12.77
N ILE B 567 36.14 -17.98 13.08
CA ILE B 567 37.58 -17.93 12.86
C ILE B 567 37.90 -17.65 11.38
N TYR B 568 37.08 -18.19 10.47
CA TYR B 568 37.26 -17.99 9.03
C TYR B 568 37.30 -16.51 8.69
N TRP B 569 36.37 -15.74 9.27
CA TRP B 569 36.29 -14.32 8.97
C TRP B 569 37.45 -13.57 9.63
N LEU B 570 37.95 -14.08 10.76
CA LEU B 570 38.97 -13.36 11.51
C LEU B 570 40.28 -13.43 10.75
N ASN B 571 40.54 -14.58 10.14
CA ASN B 571 41.71 -14.86 9.31
C ASN B 571 41.59 -14.11 7.99
N CYS B 572 40.38 -14.10 7.42
CA CYS B 572 40.14 -13.36 6.20
C CYS B 572 40.46 -11.89 6.41
N TRP B 573 40.16 -11.37 7.60
CA TRP B 573 40.42 -9.99 8.00
C TRP B 573 41.90 -9.63 7.93
N GLU B 574 42.78 -10.55 8.37
CA GLU B 574 44.22 -10.32 8.38
C GLU B 574 44.73 -10.03 6.96
N ASP B 575 44.44 -10.95 6.04
CA ASP B 575 44.88 -10.89 4.66
C ASP B 575 44.22 -9.73 3.92
N THR B 576 42.96 -9.43 4.25
CA THR B 576 42.23 -8.34 3.61
C THR B 576 42.86 -7.00 3.98
N MET B 577 43.33 -6.87 5.22
CA MET B 577 43.87 -5.60 5.66
C MET B 577 45.29 -5.41 5.14
N ASP B 578 45.99 -6.52 4.95
CA ASP B 578 47.30 -6.54 4.33
C ASP B 578 47.21 -5.94 2.93
N ALA B 579 46.19 -6.38 2.16
CA ALA B 579 46.03 -5.99 0.77
C ALA B 579 45.79 -4.49 0.67
N ALA B 580 44.88 -3.99 1.52
CA ALA B 580 44.53 -2.58 1.56
C ALA B 580 45.72 -1.73 2.01
N ILE B 581 46.41 -2.14 3.10
CA ILE B 581 47.57 -1.39 3.55
C ILE B 581 48.62 -1.41 2.43
N GLY B 582 48.93 -2.61 1.92
CA GLY B 582 49.91 -2.77 0.85
C GLY B 582 49.72 -1.77 -0.30
N TYR B 583 48.52 -1.76 -0.88
CA TYR B 583 48.21 -0.91 -2.02
C TYR B 583 48.28 0.57 -1.61
N LEU B 584 47.96 0.88 -0.35
CA LEU B 584 48.06 2.26 0.09
C LEU B 584 49.53 2.66 0.24
N LYS B 585 50.37 1.68 0.60
CA LYS B 585 51.82 1.88 0.63
C LYS B 585 52.31 2.14 -0.79
N SER B 586 51.66 1.47 -1.76
CA SER B 586 52.04 1.63 -3.15
C SER B 586 51.55 2.98 -3.69
N ALA B 589 54.56 6.10 -2.03
CA ALA B 589 55.64 5.34 -2.68
C ALA B 589 55.85 5.84 -4.11
N ILE B 590 54.78 5.82 -4.93
CA ILE B 590 54.81 6.40 -6.26
C ILE B 590 54.94 7.92 -6.13
N GLU B 591 54.29 8.46 -5.09
CA GLU B 591 54.18 9.89 -4.83
C GLU B 591 55.46 10.41 -4.17
N GLU B 592 56.27 9.50 -3.61
CA GLU B 592 57.59 9.81 -3.09
C GLU B 592 58.64 9.59 -4.18
N GLY B 593 58.25 8.79 -5.20
CA GLY B 593 59.13 8.47 -6.30
C GLY B 593 59.88 7.16 -6.08
N ASP B 594 59.49 6.42 -5.03
CA ASP B 594 60.16 5.18 -4.68
C ASP B 594 59.60 4.05 -5.56
N ASP B 595 60.34 3.70 -6.61
CA ASP B 595 59.86 2.78 -7.63
C ASP B 595 59.98 1.33 -7.16
N GLU B 596 60.94 1.06 -6.27
CA GLU B 596 61.15 -0.29 -5.77
C GLU B 596 60.08 -0.66 -4.74
N ALA B 597 59.71 0.33 -3.91
CA ALA B 597 58.76 0.13 -2.83
C ALA B 597 57.35 0.04 -3.40
N ALA B 598 57.02 0.95 -4.31
CA ALA B 598 55.75 0.99 -5.02
C ALA B 598 55.46 -0.34 -5.72
N TRP B 599 56.51 -1.00 -6.22
CA TRP B 599 56.34 -2.29 -6.85
C TRP B 599 56.22 -3.40 -5.82
N ALA B 600 57.00 -3.31 -4.73
CA ALA B 600 57.09 -4.37 -3.73
C ALA B 600 55.79 -4.46 -2.91
N ASN B 601 55.26 -3.30 -2.53
CA ASN B 601 54.04 -3.17 -1.74
C ASN B 601 52.82 -3.52 -2.57
N TYR B 602 52.95 -3.40 -3.91
CA TYR B 602 51.89 -3.73 -4.85
C TYR B 602 51.77 -5.24 -4.95
N SER B 603 52.92 -5.90 -5.20
CA SER B 603 52.97 -7.35 -5.36
C SER B 603 52.61 -8.02 -4.03
N GLU B 604 52.90 -7.32 -2.92
CA GLU B 604 52.63 -7.83 -1.58
C GLU B 604 51.12 -7.88 -1.38
N ALA B 605 50.48 -6.75 -1.68
CA ALA B 605 49.06 -6.52 -1.51
C ALA B 605 48.26 -7.44 -2.44
N GLN B 606 48.83 -7.74 -3.61
CA GLN B 606 48.18 -8.64 -4.57
C GLN B 606 48.08 -10.04 -3.97
N SER B 607 49.17 -10.51 -3.37
CA SER B 607 49.27 -11.86 -2.84
C SER B 607 48.44 -12.04 -1.56
N ALA B 608 48.37 -10.99 -0.73
CA ALA B 608 47.57 -11.05 0.48
C ALA B 608 46.09 -11.18 0.14
N PHE B 609 45.61 -10.40 -0.85
CA PHE B 609 44.21 -10.45 -1.22
C PHE B 609 43.82 -11.84 -1.69
N GLU B 610 44.73 -12.54 -2.38
CA GLU B 610 44.43 -13.86 -2.88
C GLU B 610 44.30 -14.85 -1.73
N LYS B 611 45.11 -14.66 -0.68
CA LYS B 611 45.14 -15.57 0.47
C LYS B 611 43.88 -15.37 1.30
N SER B 612 43.28 -14.17 1.19
CA SER B 612 42.12 -13.79 1.96
C SER B 612 40.89 -14.63 1.58
N LYS B 613 40.94 -15.29 0.41
CA LYS B 613 39.81 -16.06 -0.08
C LYS B 613 39.98 -17.55 0.20
N THR B 614 40.85 -17.89 1.15
CA THR B 614 41.23 -19.29 1.37
C THR B 614 40.59 -19.92 2.61
N TYR B 615 39.75 -19.18 3.36
CA TYR B 615 39.27 -19.68 4.64
C TYR B 615 37.86 -20.25 4.49
N GLY B 616 37.80 -21.57 4.28
CA GLY B 616 36.57 -22.28 3.95
C GLY B 616 35.93 -23.00 5.13
N PHE B 617 34.60 -23.04 5.12
CA PHE B 617 33.80 -23.80 6.06
C PHE B 617 32.74 -24.55 5.25
N HIS B 618 32.25 -25.64 5.84
CA HIS B 618 31.25 -26.48 5.22
C HIS B 618 29.91 -25.75 5.19
N TYR B 619 29.24 -25.78 4.02
CA TYR B 619 27.87 -25.30 3.87
C TYR B 619 27.01 -26.36 3.20
N VAL B 620 26.49 -27.29 4.03
CA VAL B 620 25.50 -28.28 3.67
C VAL B 620 26.11 -29.34 2.77
N ASP B 621 26.55 -28.95 1.56
CA ASP B 621 26.99 -29.92 0.58
C ASP B 621 28.17 -29.39 -0.24
N HIS B 622 28.86 -28.37 0.27
CA HIS B 622 30.00 -27.76 -0.43
C HIS B 622 30.72 -26.84 0.55
N THR B 623 31.81 -26.23 0.08
CA THR B 623 32.63 -25.35 0.91
C THR B 623 32.38 -23.89 0.50
N GLU B 624 32.14 -23.03 1.50
CA GLU B 624 32.10 -21.60 1.29
C GLU B 624 33.35 -20.98 1.89
N TYR B 625 33.77 -19.83 1.35
CA TYR B 625 34.98 -19.16 1.76
C TYR B 625 34.61 -17.80 2.33
N ALA B 626 35.03 -17.56 3.57
CA ALA B 626 34.69 -16.33 4.27
C ALA B 626 35.17 -15.11 3.48
N GLU B 627 34.36 -14.05 3.54
CA GLU B 627 34.70 -12.77 2.94
C GLU B 627 34.24 -11.68 3.91
N VAL B 628 35.03 -10.62 4.04
CA VAL B 628 34.68 -9.50 4.90
C VAL B 628 34.77 -8.20 4.10
N GLY B 629 34.03 -7.18 4.53
CA GLY B 629 34.01 -5.87 3.90
C GLY B 629 33.64 -5.93 2.41
N VAL B 630 32.56 -6.66 2.09
CA VAL B 630 32.09 -6.85 0.73
C VAL B 630 31.62 -5.54 0.10
N GLN B 631 31.01 -4.63 0.87
CA GLN B 631 30.35 -3.49 0.24
C GLN B 631 31.35 -2.44 -0.26
N HIS B 632 32.25 -1.98 0.63
CA HIS B 632 33.16 -0.89 0.33
C HIS B 632 34.62 -1.34 0.32
N ILE B 633 35.04 -2.12 1.34
CA ILE B 633 36.44 -2.44 1.54
C ILE B 633 36.98 -3.26 0.37
N VAL B 634 36.29 -4.33 -0.01
CA VAL B 634 36.71 -5.16 -1.13
C VAL B 634 36.70 -4.35 -2.43
N PRO B 635 35.63 -3.60 -2.79
CA PRO B 635 35.66 -2.75 -3.98
C PRO B 635 36.83 -1.78 -4.02
N PHE B 636 37.20 -1.23 -2.86
CA PHE B 636 38.24 -0.23 -2.75
C PHE B 636 39.59 -0.86 -3.04
N ILE B 637 39.78 -2.09 -2.56
CA ILE B 637 41.01 -2.83 -2.78
C ILE B 637 41.18 -3.08 -4.28
N LYS B 638 40.14 -3.60 -4.95
CA LYS B 638 40.18 -3.81 -6.39
C LYS B 638 40.35 -2.49 -7.14
N SER B 639 39.61 -1.45 -6.73
CA SER B 639 39.68 -0.14 -7.36
C SER B 639 41.11 0.41 -7.32
N MET B 640 41.72 0.31 -6.13
CA MET B 640 43.11 0.65 -5.84
C MET B 640 44.04 -0.23 -6.68
N GLY B 641 43.81 -1.54 -6.60
CA GLY B 641 44.57 -2.54 -7.34
C GLY B 641 44.70 -2.16 -8.81
N GLN B 642 43.57 -1.75 -9.42
CA GLN B 642 43.51 -1.46 -10.84
C GLN B 642 44.32 -0.21 -11.18
N ASN B 643 44.04 0.90 -10.49
CA ASN B 643 44.66 2.20 -10.74
C ASN B 643 46.19 2.07 -10.75
N LEU B 644 46.75 1.52 -9.67
CA LEU B 644 48.17 1.19 -9.59
C LEU B 644 48.55 0.26 -10.76
N PHE C 31 -3.25 1.75 -41.60
CA PHE C 31 -3.01 2.81 -42.61
C PHE C 31 -3.47 4.17 -42.07
N TYR C 32 -4.75 4.29 -41.68
CA TYR C 32 -5.26 5.54 -41.13
C TYR C 32 -4.85 5.72 -39.68
N GLU C 33 -4.42 6.95 -39.36
CA GLU C 33 -4.16 7.38 -37.98
C GLU C 33 -5.50 7.77 -37.37
N ILE C 34 -5.87 7.08 -36.27
CA ILE C 34 -7.14 7.31 -35.59
C ILE C 34 -6.89 7.43 -34.08
N TYR C 35 -7.37 8.53 -33.50
CA TYR C 35 -7.32 8.77 -32.06
C TYR C 35 -8.72 9.08 -31.55
N PRO C 36 -9.13 8.54 -30.36
CA PRO C 36 -8.38 7.48 -29.69
C PRO C 36 -8.21 6.24 -30.56
N LYS C 37 -7.19 5.47 -30.17
CA LYS C 37 -6.84 4.22 -30.82
C LYS C 37 -8.03 3.27 -30.77
N PRO C 38 -8.58 2.88 -31.93
CA PRO C 38 -9.70 1.94 -31.99
C PRO C 38 -9.33 0.64 -31.26
N GLN C 39 -10.28 0.10 -30.49
CA GLN C 39 -9.99 -1.11 -29.72
C GLN C 39 -9.54 -2.23 -30.67
N GLU C 40 -10.23 -2.35 -31.80
CA GLU C 40 -9.81 -3.28 -32.84
C GLU C 40 -10.11 -2.71 -34.21
N ILE C 41 -9.09 -2.78 -35.07
CA ILE C 41 -9.30 -2.39 -36.45
C ILE C 41 -8.53 -3.33 -37.37
N SER C 42 -9.15 -3.67 -38.49
CA SER C 42 -8.49 -4.46 -39.52
C SER C 42 -8.96 -4.01 -40.90
N TYR C 43 -8.06 -4.09 -41.87
CA TYR C 43 -8.39 -3.67 -43.22
C TYR C 43 -8.54 -4.92 -44.09
N SER C 44 -9.72 -5.08 -44.70
CA SER C 44 -10.06 -6.30 -45.42
C SER C 44 -9.43 -6.28 -46.82
N GLY C 45 -8.62 -5.26 -47.10
CA GLY C 45 -8.05 -5.09 -48.43
C GLY C 45 -9.12 -4.62 -49.41
N GLY C 46 -8.68 -4.02 -50.52
CA GLY C 46 -9.63 -3.37 -51.40
C GLY C 46 -9.95 -1.96 -50.92
N GLU C 47 -10.33 -1.11 -51.87
CA GLU C 47 -10.65 0.28 -51.63
C GLU C 47 -11.76 0.62 -52.61
N PHE C 48 -12.28 1.84 -52.54
CA PHE C 48 -13.24 2.36 -53.51
C PHE C 48 -13.22 3.88 -53.43
N GLN C 49 -13.88 4.51 -54.40
CA GLN C 49 -14.07 5.95 -54.42
C GLN C 49 -15.50 6.24 -54.01
N ILE C 50 -15.64 7.21 -53.10
CA ILE C 50 -16.95 7.69 -52.70
C ILE C 50 -17.49 8.55 -53.83
N SER C 51 -18.74 8.26 -54.23
CA SER C 51 -19.45 9.01 -55.25
C SER C 51 -19.71 10.44 -54.76
N ASP C 52 -19.94 11.36 -55.70
CA ASP C 52 -20.17 12.77 -55.42
C ASP C 52 -21.50 12.95 -54.71
N GLU C 53 -22.48 12.09 -54.99
CA GLU C 53 -23.78 12.16 -54.34
C GLU C 53 -23.94 10.95 -53.42
N ILE C 54 -24.30 11.20 -52.16
CA ILE C 54 -24.35 10.19 -51.11
C ILE C 54 -25.79 9.94 -50.66
N ASN C 55 -26.10 8.67 -50.37
CA ASN C 55 -27.36 8.32 -49.76
C ASN C 55 -27.12 8.04 -48.27
N ILE C 56 -27.84 8.78 -47.41
CA ILE C 56 -27.73 8.60 -45.97
C ILE C 56 -28.94 7.84 -45.46
N VAL C 57 -28.72 6.83 -44.62
CA VAL C 57 -29.79 6.18 -43.89
C VAL C 57 -29.56 6.32 -42.40
N TYR C 58 -30.62 6.72 -41.67
CA TYR C 58 -30.60 6.71 -40.22
C TYR C 58 -31.65 5.76 -39.66
N ASP C 59 -31.42 5.32 -38.43
CA ASP C 59 -32.46 4.70 -37.61
C ASP C 59 -33.08 5.76 -36.71
N ASP C 60 -34.31 5.52 -36.28
CA ASP C 60 -34.91 6.26 -35.18
C ASP C 60 -33.98 6.09 -33.98
N GLY C 61 -33.81 7.17 -33.21
CA GLY C 61 -32.88 7.15 -32.07
C GLY C 61 -31.63 8.00 -32.33
N ILE C 62 -31.25 8.17 -33.62
CA ILE C 62 -30.15 9.05 -34.01
C ILE C 62 -30.59 10.50 -33.77
N ASP C 63 -29.83 11.22 -32.94
CA ASP C 63 -30.21 12.58 -32.54
C ASP C 63 -29.80 13.57 -33.63
N THR C 64 -30.27 14.81 -33.51
CA THR C 64 -29.97 15.85 -34.49
C THR C 64 -28.48 16.18 -34.51
N TYR C 65 -27.79 15.94 -33.38
CA TYR C 65 -26.39 16.31 -33.25
C TYR C 65 -25.53 15.38 -34.11
N THR C 66 -25.91 14.10 -34.11
CA THR C 66 -25.28 13.08 -34.92
C THR C 66 -25.52 13.38 -36.40
N LYS C 67 -26.74 13.81 -36.75
CA LYS C 67 -27.07 14.05 -38.15
C LYS C 67 -26.28 15.25 -38.67
N LYS C 68 -26.18 16.31 -37.86
CA LYS C 68 -25.43 17.51 -38.20
C LYS C 68 -23.95 17.19 -38.43
N ARG C 69 -23.35 16.39 -37.54
CA ARG C 69 -21.94 16.03 -37.72
C ARG C 69 -21.73 15.28 -39.04
N VAL C 70 -22.68 14.40 -39.41
CA VAL C 70 -22.60 13.72 -40.70
C VAL C 70 -22.65 14.77 -41.81
N ASP C 71 -23.63 15.69 -41.74
CA ASP C 71 -23.72 16.78 -42.69
C ASP C 71 -22.37 17.48 -42.82
N GLU C 72 -21.78 17.86 -41.67
CA GLU C 72 -20.53 18.62 -41.60
C GLU C 72 -19.36 17.84 -42.20
N VAL C 73 -19.32 16.51 -41.98
CA VAL C 73 -18.24 15.70 -42.51
C VAL C 73 -18.36 15.61 -44.05
N LEU C 74 -19.61 15.49 -44.54
CA LEU C 74 -19.85 15.38 -45.96
C LEU C 74 -19.60 16.72 -46.67
N GLU C 75 -20.07 17.82 -46.07
CA GLU C 75 -19.89 19.16 -46.63
C GLU C 75 -18.41 19.45 -46.85
N ALA C 76 -17.58 19.14 -45.84
CA ALA C 76 -16.15 19.41 -45.82
C ALA C 76 -15.39 18.60 -46.87
N SER C 77 -15.91 17.44 -47.27
CA SER C 77 -15.32 16.67 -48.35
C SER C 77 -15.96 17.01 -49.70
N ASN C 78 -16.70 18.12 -49.75
CA ASN C 78 -17.41 18.57 -50.95
C ASN C 78 -18.27 17.43 -51.49
N LEU C 79 -19.19 16.95 -50.65
CA LEU C 79 -20.05 15.86 -51.07
C LEU C 79 -21.50 16.31 -50.98
N GLU C 80 -22.34 15.84 -51.92
CA GLU C 80 -23.78 16.06 -51.88
C GLU C 80 -24.44 14.84 -51.23
N ALA C 81 -25.52 15.08 -50.48
CA ALA C 81 -26.12 14.03 -49.66
C ALA C 81 -27.64 14.15 -49.65
N THR C 82 -28.31 13.00 -49.62
CA THR C 82 -29.76 12.95 -49.47
C THR C 82 -30.12 11.86 -48.48
N VAL C 83 -31.04 12.19 -47.55
CA VAL C 83 -31.58 11.22 -46.61
C VAL C 83 -32.75 10.51 -47.27
N SER C 84 -32.74 9.18 -47.20
CA SER C 84 -33.86 8.35 -47.62
C SER C 84 -34.01 7.23 -46.60
N ASN C 85 -34.94 6.30 -46.84
CA ASN C 85 -35.17 5.23 -45.89
C ASN C 85 -34.72 3.89 -46.46
N GLU C 86 -33.99 3.92 -47.58
CA GLU C 86 -33.60 2.70 -48.27
C GLU C 86 -32.12 2.77 -48.68
N ILE C 87 -31.50 1.59 -48.84
CA ILE C 87 -30.14 1.46 -49.31
C ILE C 87 -30.14 1.54 -50.84
N VAL C 88 -29.61 2.64 -51.38
CA VAL C 88 -29.71 2.95 -52.80
C VAL C 88 -28.52 2.35 -53.56
N PRO C 89 -28.74 1.38 -54.48
CA PRO C 89 -27.65 0.82 -55.27
C PRO C 89 -27.03 1.84 -56.22
N GLY C 90 -25.71 1.72 -56.44
CA GLY C 90 -25.02 2.50 -57.47
C GLY C 90 -24.62 3.91 -57.03
N LYS C 91 -24.60 4.14 -55.72
CA LYS C 91 -23.94 5.30 -55.11
C LYS C 91 -23.46 4.91 -53.71
N THR C 92 -22.60 5.76 -53.12
CA THR C 92 -22.06 5.46 -51.79
C THR C 92 -23.19 5.64 -50.76
N ASN C 93 -23.32 4.65 -49.86
CA ASN C 93 -24.33 4.69 -48.82
C ASN C 93 -23.66 4.98 -47.47
N PHE C 94 -24.21 5.98 -46.76
CA PHE C 94 -23.77 6.35 -45.44
C PHE C 94 -24.86 5.96 -44.44
N LEU C 95 -24.59 4.92 -43.65
CA LEU C 95 -25.58 4.36 -42.74
C LEU C 95 -25.15 4.68 -41.31
N VAL C 96 -26.05 5.27 -40.52
CA VAL C 96 -25.77 5.45 -39.10
C VAL C 96 -27.01 5.00 -38.33
N GLY C 97 -26.84 4.10 -37.35
CA GLY C 97 -27.99 3.52 -36.68
C GLY C 97 -27.66 2.89 -35.32
N ILE C 98 -28.67 2.22 -34.74
CA ILE C 98 -28.60 1.74 -33.36
C ILE C 98 -28.96 0.26 -33.30
N ASN C 99 -28.17 -0.49 -32.53
CA ASN C 99 -28.37 -1.90 -32.34
C ASN C 99 -29.73 -2.15 -31.68
N GLU C 100 -30.48 -3.13 -32.22
CA GLU C 100 -31.75 -3.59 -31.68
C GLU C 100 -32.84 -2.52 -31.81
N SER C 101 -32.68 -1.59 -32.76
CA SER C 101 -33.67 -0.55 -33.00
C SER C 101 -34.71 -1.06 -34.00
N GLY C 102 -34.32 -2.13 -34.71
CA GLY C 102 -35.10 -2.69 -35.79
C GLY C 102 -35.29 -1.73 -36.95
N GLY C 103 -34.35 -0.80 -37.15
CA GLY C 103 -34.34 0.07 -38.33
C GLY C 103 -33.56 -0.57 -39.48
N VAL C 104 -33.53 0.12 -40.62
CA VAL C 104 -32.89 -0.34 -41.84
C VAL C 104 -31.39 -0.57 -41.62
N VAL C 105 -30.75 0.33 -40.85
CA VAL C 105 -29.31 0.22 -40.61
C VAL C 105 -29.05 -0.97 -39.69
N ASP C 106 -29.86 -1.10 -38.63
CA ASP C 106 -29.77 -2.18 -37.66
C ASP C 106 -29.91 -3.51 -38.37
N ASN C 107 -30.87 -3.58 -39.30
CA ASN C 107 -31.15 -4.81 -40.04
C ASN C 107 -29.99 -5.11 -41.00
N TYR C 108 -29.45 -4.06 -41.63
CA TYR C 108 -28.37 -4.19 -42.59
C TYR C 108 -27.13 -4.81 -41.97
N PHE C 109 -26.70 -4.29 -40.80
CA PHE C 109 -25.58 -4.83 -40.06
C PHE C 109 -25.82 -6.30 -39.71
N ASN C 110 -27.07 -6.65 -39.36
CA ASN C 110 -27.43 -8.00 -38.97
C ASN C 110 -27.11 -8.98 -40.10
N LYS C 111 -27.53 -8.61 -41.32
CA LYS C 111 -27.36 -9.42 -42.52
C LYS C 111 -25.89 -9.41 -42.98
N ASN C 112 -25.26 -8.23 -42.96
CA ASN C 112 -24.07 -8.02 -43.79
C ASN C 112 -22.79 -7.95 -42.96
N ILE C 113 -22.89 -7.48 -41.72
CA ILE C 113 -21.70 -7.18 -40.94
C ILE C 113 -21.75 -8.07 -39.69
N PRO C 114 -21.21 -9.32 -39.77
CA PRO C 114 -21.45 -10.31 -38.73
C PRO C 114 -20.90 -9.82 -37.40
N HIS C 115 -21.68 -10.00 -36.32
CA HIS C 115 -21.25 -9.59 -34.99
C HIS C 115 -22.09 -10.31 -33.94
N ASP C 116 -21.59 -10.32 -32.70
CA ASP C 116 -22.35 -10.85 -31.57
C ASP C 116 -23.17 -9.72 -30.96
N GLU C 117 -24.39 -10.04 -30.53
CA GLU C 117 -25.24 -9.05 -29.90
C GLU C 117 -24.69 -8.70 -28.52
N SER C 118 -23.94 -9.65 -27.93
CA SER C 118 -23.41 -9.53 -26.59
C SER C 118 -22.41 -8.38 -26.51
N PHE C 119 -21.71 -8.12 -27.62
CA PHE C 119 -20.73 -7.05 -27.76
C PHE C 119 -21.29 -5.76 -27.15
N PHE C 120 -22.53 -5.41 -27.52
CA PHE C 120 -23.13 -4.13 -27.16
C PHE C 120 -23.54 -4.09 -25.69
N ASP C 121 -23.72 -5.27 -25.08
CA ASP C 121 -24.02 -5.36 -23.67
C ASP C 121 -22.73 -5.40 -22.84
N GLU C 122 -21.70 -6.07 -23.37
CA GLU C 122 -20.46 -6.33 -22.67
C GLU C 122 -19.55 -5.10 -22.62
N LYS C 123 -19.72 -4.17 -23.57
CA LYS C 123 -18.76 -3.09 -23.77
C LYS C 123 -19.45 -1.73 -23.69
N MET C 124 -18.75 -0.74 -23.13
CA MET C 124 -19.26 0.61 -22.96
C MET C 124 -18.96 1.42 -24.21
N ASP C 125 -19.95 2.20 -24.65
CA ASP C 125 -19.85 3.10 -25.79
C ASP C 125 -19.53 2.31 -27.05
N ALA C 126 -20.14 1.11 -27.17
CA ALA C 126 -19.80 0.17 -28.24
C ALA C 126 -20.37 0.66 -29.58
N ASN C 127 -19.49 0.65 -30.59
CA ASN C 127 -19.80 1.03 -31.96
C ASN C 127 -18.92 0.24 -32.93
N ILE C 128 -19.52 -0.19 -34.03
CA ILE C 128 -18.81 -0.83 -35.13
C ILE C 128 -18.86 0.14 -36.30
N VAL C 129 -17.68 0.40 -36.87
CA VAL C 129 -17.56 1.18 -38.08
C VAL C 129 -17.13 0.22 -39.18
N SER C 130 -17.92 0.20 -40.27
CA SER C 130 -17.63 -0.64 -41.43
C SER C 130 -17.61 0.22 -42.69
N VAL C 131 -16.52 0.04 -43.44
CA VAL C 131 -16.25 0.64 -44.73
C VAL C 131 -16.00 -0.51 -45.69
N LYS C 132 -16.94 -0.73 -46.62
CA LYS C 132 -16.91 -1.90 -47.48
C LYS C 132 -17.62 -1.58 -48.79
N ASP C 133 -16.83 -1.43 -49.87
CA ASP C 133 -17.35 -1.44 -51.23
C ASP C 133 -18.66 -0.68 -51.36
N GLY C 134 -18.64 0.64 -51.12
CA GLY C 134 -19.78 1.49 -51.41
C GLY C 134 -20.66 1.75 -50.20
N VAL C 135 -20.47 0.98 -49.12
CA VAL C 135 -21.24 1.13 -47.91
C VAL C 135 -20.31 1.59 -46.79
N ILE C 136 -20.54 2.81 -46.29
CA ILE C 136 -19.92 3.31 -45.07
C ILE C 136 -21.02 3.29 -44.00
N GLY C 137 -20.78 2.55 -42.90
CA GLY C 137 -21.80 2.29 -41.92
C GLY C 137 -21.32 2.44 -40.48
N VAL C 138 -22.20 2.93 -39.59
CA VAL C 138 -21.98 2.93 -38.15
C VAL C 138 -23.22 2.34 -37.47
N ILE C 139 -22.97 1.36 -36.58
CA ILE C 139 -23.97 0.79 -35.68
C ILE C 139 -23.46 0.95 -34.25
N ALA C 140 -24.33 1.41 -33.37
CA ALA C 140 -23.93 1.76 -32.02
C ALA C 140 -25.01 1.33 -31.04
N GLU C 141 -24.66 1.24 -29.76
CA GLU C 141 -25.65 0.88 -28.76
C GLU C 141 -26.58 2.06 -28.49
N ASP C 142 -26.08 3.28 -28.70
CA ASP C 142 -26.88 4.49 -28.50
C ASP C 142 -26.39 5.61 -29.42
N THR C 143 -27.12 6.73 -29.42
CA THR C 143 -26.81 7.83 -30.32
C THR C 143 -25.51 8.52 -29.91
N ASP C 144 -25.13 8.47 -28.63
CA ASP C 144 -23.84 9.01 -28.24
C ASP C 144 -22.72 8.22 -28.93
N SER C 145 -22.81 6.89 -28.85
CA SER C 145 -21.77 6.04 -29.38
C SER C 145 -21.82 6.01 -30.91
N ALA C 146 -23.00 6.24 -31.47
CA ALA C 146 -23.12 6.43 -32.92
C ALA C 146 -22.31 7.67 -33.33
N PHE C 147 -22.44 8.74 -32.54
CA PHE C 147 -21.72 9.99 -32.77
C PHE C 147 -20.20 9.76 -32.68
N TYR C 148 -19.76 8.87 -31.79
CA TYR C 148 -18.35 8.51 -31.70
C TYR C 148 -17.91 7.79 -32.97
N GLY C 149 -18.70 6.81 -33.42
CA GLY C 149 -18.44 6.12 -34.68
C GLY C 149 -18.28 7.09 -35.86
N VAL C 150 -19.16 8.11 -35.90
CA VAL C 150 -19.16 9.14 -36.93
C VAL C 150 -17.92 10.02 -36.77
N THR C 151 -17.41 10.16 -35.54
CA THR C 151 -16.25 10.98 -35.25
C THR C 151 -14.99 10.29 -35.75
N THR C 152 -14.96 8.96 -35.63
CA THR C 152 -13.87 8.21 -36.23
C THR C 152 -13.78 8.43 -37.75
N LEU C 153 -14.93 8.46 -38.41
CA LEU C 153 -15.00 8.66 -39.85
C LEU C 153 -14.60 10.08 -40.22
N LYS C 154 -14.92 11.06 -39.36
CA LYS C 154 -14.47 12.43 -39.58
C LYS C 154 -12.95 12.44 -39.76
N HIS C 155 -12.24 11.73 -38.87
CA HIS C 155 -10.79 11.70 -38.92
C HIS C 155 -10.29 11.00 -40.19
N VAL C 156 -10.98 9.91 -40.56
CA VAL C 156 -10.65 9.15 -41.75
C VAL C 156 -10.84 10.02 -42.99
N PHE C 157 -11.95 10.79 -43.02
CA PHE C 157 -12.27 11.65 -44.16
C PHE C 157 -11.28 12.80 -44.31
N ASN C 158 -10.52 13.13 -43.25
CA ASN C 158 -9.47 14.13 -43.32
C ASN C 158 -8.18 13.51 -43.86
N GLN C 159 -8.19 12.19 -44.10
CA GLN C 159 -6.97 11.49 -44.52
C GLN C 159 -7.15 10.76 -45.85
N LEU C 160 -8.17 11.12 -46.65
CA LEU C 160 -8.48 10.41 -47.87
C LEU C 160 -7.56 10.84 -49.01
N GLU C 161 -6.96 9.86 -49.71
CA GLU C 161 -6.09 10.13 -50.84
C GLU C 161 -6.91 10.24 -52.12
N GLU C 162 -6.39 11.00 -53.10
CA GLU C 162 -6.86 11.10 -54.48
C GLU C 162 -8.25 11.75 -54.55
N GLY C 163 -9.15 11.14 -55.34
CA GLY C 163 -10.54 11.59 -55.44
C GLY C 163 -11.46 10.81 -54.50
N ASN C 164 -11.28 11.06 -53.19
CA ASN C 164 -12.10 10.46 -52.15
C ASN C 164 -11.95 8.93 -52.15
N GLU C 165 -10.71 8.46 -52.27
CA GLU C 165 -10.46 7.03 -52.17
C GLU C 165 -10.38 6.64 -50.70
N ILE C 166 -11.13 5.60 -50.32
CA ILE C 166 -11.22 5.15 -48.93
C ILE C 166 -11.00 3.65 -48.90
N LYS C 167 -10.14 3.21 -47.97
CA LYS C 167 -9.83 1.79 -47.85
C LYS C 167 -10.92 1.07 -47.08
N ASN C 168 -11.14 -0.20 -47.46
CA ASN C 168 -12.07 -1.10 -46.77
C ASN C 168 -11.49 -1.45 -45.41
N PHE C 169 -12.27 -1.16 -44.35
CA PHE C 169 -11.88 -1.53 -43.00
C PHE C 169 -13.12 -1.76 -42.13
N ARG C 170 -12.87 -2.34 -40.94
CA ARG C 170 -13.86 -2.53 -39.90
C ARG C 170 -13.23 -2.22 -38.54
N ALA C 171 -13.88 -1.35 -37.77
CA ALA C 171 -13.49 -1.05 -36.40
C ALA C 171 -14.60 -1.51 -35.46
N ASP C 172 -14.25 -2.41 -34.53
CA ASP C 172 -15.15 -2.82 -33.46
C ASP C 172 -14.66 -2.17 -32.18
N ASP C 173 -15.34 -1.09 -31.76
CA ASP C 173 -14.74 -0.09 -30.87
C ASP C 173 -15.63 0.13 -29.65
N TYR C 174 -15.03 0.65 -28.57
CA TYR C 174 -15.68 0.81 -27.28
C TYR C 174 -14.73 1.52 -26.31
N ALA C 175 -15.31 2.20 -25.32
CA ALA C 175 -14.55 2.87 -24.26
C ALA C 175 -14.24 1.89 -23.13
N GLU C 176 -13.04 1.95 -22.57
CA GLU C 176 -12.71 1.13 -21.40
C GLU C 176 -13.01 1.86 -20.09
N VAL C 177 -13.16 3.21 -20.15
CA VAL C 177 -13.55 4.04 -19.01
C VAL C 177 -14.78 4.84 -19.43
N ALA C 178 -15.82 4.78 -18.58
CA ALA C 178 -17.14 5.28 -18.86
C ALA C 178 -17.19 6.81 -18.88
N HIS C 179 -16.41 7.47 -18.00
CA HIS C 179 -16.50 8.92 -17.86
C HIS C 179 -15.13 9.55 -18.12
N ARG C 180 -15.05 10.41 -19.15
CA ARG C 180 -13.79 10.89 -19.72
C ARG C 180 -13.89 12.37 -20.03
N GLY C 181 -13.07 13.20 -19.36
CA GLY C 181 -13.11 14.62 -19.70
C GLY C 181 -12.20 15.49 -18.85
N PHE C 182 -12.65 16.72 -18.62
CA PHE C 182 -11.89 17.74 -17.94
C PHE C 182 -12.81 18.55 -17.02
N ILE C 183 -12.20 19.17 -16.00
CA ILE C 183 -12.92 19.97 -15.04
C ILE C 183 -12.22 21.32 -14.85
N GLU C 184 -13.02 22.39 -14.81
CA GLU C 184 -12.52 23.72 -14.52
C GLU C 184 -12.62 23.93 -13.00
N GLY C 185 -11.59 23.46 -12.30
CA GLY C 185 -11.57 23.39 -10.85
C GLY C 185 -10.20 23.74 -10.27
N TYR C 186 -9.40 24.53 -11.00
CA TYR C 186 -8.06 24.89 -10.52
C TYR C 186 -8.14 26.22 -9.80
N TYR C 187 -7.03 26.64 -9.20
CA TYR C 187 -7.01 28.00 -8.68
C TYR C 187 -6.36 28.89 -9.73
N GLY C 188 -7.15 29.76 -10.35
CA GLY C 188 -6.64 30.64 -11.40
C GLY C 188 -7.78 31.40 -12.06
N ASN C 189 -7.47 32.10 -13.15
CA ASN C 189 -8.46 32.86 -13.89
C ASN C 189 -9.43 31.90 -14.56
N PRO C 190 -10.75 32.23 -14.61
CA PRO C 190 -11.70 31.38 -15.31
C PRO C 190 -11.36 31.34 -16.79
N TRP C 191 -11.67 30.21 -17.43
CA TRP C 191 -11.74 30.20 -18.88
C TRP C 191 -12.87 31.13 -19.31
N SER C 192 -12.70 31.81 -20.46
CA SER C 192 -13.77 32.60 -21.02
C SER C 192 -14.84 31.67 -21.59
N ASN C 193 -16.03 32.20 -21.87
CA ASN C 193 -17.12 31.37 -22.39
C ASN C 193 -16.72 30.79 -23.74
N GLU C 194 -16.05 31.61 -24.55
CA GLU C 194 -15.47 31.19 -25.81
C GLU C 194 -14.45 30.06 -25.59
N ASP C 195 -13.58 30.20 -24.57
CA ASP C 195 -12.58 29.18 -24.19
C ASP C 195 -13.27 27.85 -23.88
N ARG C 196 -14.33 27.89 -23.08
CA ARG C 196 -15.05 26.68 -22.69
C ARG C 196 -15.58 25.95 -23.91
N ALA C 197 -16.16 26.71 -24.86
CA ALA C 197 -16.77 26.14 -26.05
C ALA C 197 -15.69 25.56 -26.95
N GLU C 198 -14.52 26.20 -26.97
CA GLU C 198 -13.43 25.70 -27.79
C GLU C 198 -12.88 24.38 -27.22
N LEU C 199 -12.86 24.26 -25.89
CA LEU C 199 -12.34 23.05 -25.27
C LEU C 199 -13.31 21.88 -25.50
N MET C 200 -14.60 22.15 -25.35
CA MET C 200 -15.63 21.15 -25.62
C MET C 200 -15.57 20.70 -27.09
N LYS C 201 -15.40 21.66 -28.01
CA LYS C 201 -15.25 21.33 -29.42
C LYS C 201 -14.07 20.39 -29.61
N PHE C 202 -12.91 20.75 -29.03
CA PHE C 202 -11.69 19.96 -29.14
C PHE C 202 -11.93 18.54 -28.60
N GLY C 203 -12.44 18.47 -27.36
CA GLY C 203 -12.70 17.20 -26.71
C GLY C 203 -13.71 16.39 -27.52
N GLY C 204 -14.63 17.11 -28.17
CA GLY C 204 -15.67 16.51 -28.99
C GLY C 204 -15.13 15.83 -30.25
N ASP C 205 -13.86 16.05 -30.60
CA ASP C 205 -13.25 15.33 -31.70
C ASP C 205 -12.61 14.00 -31.26
N TYR C 206 -12.47 13.76 -29.94
CA TYR C 206 -11.72 12.58 -29.45
C TYR C 206 -12.54 11.82 -28.41
N LYS C 207 -13.87 11.93 -28.51
CA LYS C 207 -14.76 11.04 -27.77
C LYS C 207 -14.81 11.33 -26.27
N LEU C 208 -14.38 12.52 -25.82
CA LEU C 208 -14.57 12.90 -24.42
C LEU C 208 -16.05 13.17 -24.16
N ASN C 209 -16.54 12.90 -22.94
CA ASN C 209 -17.98 13.02 -22.70
C ASN C 209 -18.31 13.90 -21.50
N GLN C 210 -17.33 14.57 -20.88
CA GLN C 210 -17.55 15.42 -19.72
C GLN C 210 -16.70 16.71 -19.77
N TYR C 211 -17.38 17.87 -19.66
CA TYR C 211 -16.77 19.11 -19.20
C TYR C 211 -17.45 19.48 -17.88
N VAL C 212 -16.70 19.44 -16.78
CA VAL C 212 -17.32 19.72 -15.50
C VAL C 212 -17.10 21.19 -15.18
N PHE C 213 -18.21 21.92 -15.10
CA PHE C 213 -18.24 23.34 -14.81
C PHE C 213 -18.26 23.55 -13.30
N ALA C 214 -17.16 24.09 -12.78
CA ALA C 214 -16.98 24.33 -11.35
C ALA C 214 -16.18 25.60 -11.09
N PRO C 215 -16.29 26.67 -11.91
CA PRO C 215 -15.44 27.85 -11.75
C PRO C 215 -15.66 28.54 -10.40
N LYS C 216 -14.56 28.86 -9.72
CA LYS C 216 -14.60 29.38 -8.36
C LYS C 216 -15.25 30.77 -8.34
N ASP C 217 -15.29 31.45 -9.47
CA ASP C 217 -15.77 32.82 -9.52
C ASP C 217 -17.27 32.88 -9.83
N ASP C 218 -17.90 31.72 -10.09
CA ASP C 218 -19.35 31.70 -10.25
C ASP C 218 -19.97 31.33 -8.90
N PRO C 219 -20.53 32.33 -8.17
CA PRO C 219 -21.10 32.08 -6.85
C PRO C 219 -22.38 31.24 -6.87
N TYR C 220 -23.04 31.16 -8.04
CA TYR C 220 -24.32 30.48 -8.10
C TYR C 220 -24.18 28.97 -7.89
N HIS C 221 -22.95 28.43 -7.94
CA HIS C 221 -22.76 27.00 -7.72
C HIS C 221 -22.41 26.72 -6.26
N ASN C 222 -22.11 27.77 -5.50
CA ASN C 222 -21.68 27.54 -4.13
C ASN C 222 -22.29 28.57 -3.18
N SER C 223 -21.68 29.76 -3.15
CA SER C 223 -22.00 30.68 -2.08
C SER C 223 -23.41 31.24 -2.26
N LYS C 224 -23.94 31.12 -3.49
CA LYS C 224 -25.31 31.44 -3.84
C LYS C 224 -26.02 30.21 -4.43
N TRP C 225 -25.74 29.02 -3.89
CA TRP C 225 -26.27 27.81 -4.47
C TRP C 225 -27.80 27.78 -4.48
N ARG C 226 -28.44 28.45 -3.52
CA ARG C 226 -29.90 28.45 -3.38
C ARG C 226 -30.57 29.34 -4.43
N ASP C 227 -29.80 30.27 -5.03
CA ASP C 227 -30.32 31.32 -5.90
C ASP C 227 -30.40 30.86 -7.34
N LEU C 228 -31.48 31.26 -8.03
CA LEU C 228 -31.63 30.98 -9.46
C LEU C 228 -30.80 31.97 -10.26
N TYR C 229 -30.31 31.53 -11.42
CA TYR C 229 -29.58 32.41 -12.32
C TYR C 229 -30.51 33.51 -12.84
N PRO C 230 -30.02 34.76 -12.96
CA PRO C 230 -30.72 35.80 -13.72
C PRO C 230 -30.60 35.48 -15.21
N GLU C 231 -31.45 36.13 -16.03
CA GLU C 231 -31.70 35.78 -17.42
C GLU C 231 -30.40 35.74 -18.25
N GLU C 232 -29.56 36.78 -18.13
CA GLU C 232 -28.45 36.97 -19.04
C GLU C 232 -27.32 35.97 -18.76
N LYS C 233 -27.10 35.64 -17.49
CA LYS C 233 -26.13 34.62 -17.13
C LYS C 233 -26.63 33.26 -17.59
N LEU C 234 -27.94 33.02 -17.41
CA LEU C 234 -28.58 31.79 -17.82
C LEU C 234 -28.38 31.52 -19.32
N SER C 235 -28.47 32.59 -20.14
CA SER C 235 -28.32 32.45 -21.58
C SER C 235 -26.91 32.00 -21.97
N GLU C 236 -25.90 32.46 -21.21
CA GLU C 236 -24.53 32.01 -21.34
C GLU C 236 -24.38 30.52 -20.99
N ILE C 237 -24.99 30.09 -19.86
CA ILE C 237 -25.00 28.68 -19.46
C ILE C 237 -25.63 27.84 -20.57
N LYS C 238 -26.75 28.35 -21.11
CA LYS C 238 -27.46 27.66 -22.19
C LYS C 238 -26.50 27.38 -23.33
N LYS C 239 -25.77 28.41 -23.76
CA LYS C 239 -24.81 28.28 -24.85
C LYS C 239 -23.76 27.20 -24.54
N LEU C 240 -23.29 27.13 -23.28
CA LEU C 240 -22.29 26.14 -22.89
C LEU C 240 -22.89 24.73 -22.95
N ALA C 241 -24.11 24.58 -22.40
CA ALA C 241 -24.87 23.34 -22.45
C ALA C 241 -25.09 22.90 -23.89
N GLN C 242 -25.50 23.86 -24.74
CA GLN C 242 -25.70 23.66 -26.17
C GLN C 242 -24.44 23.06 -26.80
N MET C 243 -23.27 23.64 -26.48
CA MET C 243 -22.01 23.20 -27.08
C MET C 243 -21.65 21.80 -26.60
N GLY C 244 -21.90 21.51 -25.32
CA GLY C 244 -21.73 20.18 -24.76
C GLY C 244 -22.53 19.14 -25.55
N ASN C 245 -23.75 19.52 -25.97
CA ASN C 245 -24.70 18.60 -26.56
C ASN C 245 -24.35 18.32 -28.03
N GLU C 246 -23.89 19.35 -28.74
CA GLU C 246 -23.49 19.20 -30.14
C GLU C 246 -22.19 18.45 -30.29
N THR C 247 -21.30 18.55 -29.29
CA THR C 247 -19.98 17.96 -29.42
C THR C 247 -19.91 16.61 -28.72
N LYS C 248 -20.93 16.33 -27.89
CA LYS C 248 -21.04 15.20 -26.99
C LYS C 248 -20.09 15.30 -25.80
N ASN C 249 -19.30 16.39 -25.76
CA ASN C 249 -18.41 16.69 -24.65
C ASN C 249 -19.28 17.38 -23.60
N ARG C 250 -20.17 16.59 -23.00
CA ARG C 250 -21.33 17.02 -22.26
C ARG C 250 -20.94 17.92 -21.09
N TYR C 251 -21.67 19.02 -20.99
CA TYR C 251 -21.56 20.01 -19.92
C TYR C 251 -22.19 19.43 -18.66
N VAL C 252 -21.39 19.40 -17.58
CA VAL C 252 -21.82 18.85 -16.30
C VAL C 252 -21.88 20.00 -15.30
N TYR C 253 -23.06 20.28 -14.74
CA TYR C 253 -23.11 21.36 -13.77
C TYR C 253 -22.80 20.82 -12.38
N ALA C 254 -21.78 21.38 -11.75
CA ALA C 254 -21.36 20.97 -10.42
C ALA C 254 -21.92 21.95 -9.37
N LEU C 255 -22.78 21.43 -8.49
CA LEU C 255 -23.35 22.22 -7.42
C LEU C 255 -22.67 21.83 -6.11
N HIS C 256 -22.39 22.85 -5.28
CA HIS C 256 -21.92 22.68 -3.90
C HIS C 256 -22.97 23.23 -2.95
N PRO C 257 -23.88 22.38 -2.43
CA PRO C 257 -24.89 22.80 -1.47
C PRO C 257 -24.54 22.54 -0.01
N PHE C 258 -23.26 22.24 0.30
CA PHE C 258 -22.88 21.83 1.63
C PHE C 258 -21.99 22.81 2.39
N MET C 259 -21.46 23.85 1.73
CA MET C 259 -20.48 24.73 2.39
C MET C 259 -21.14 25.96 3.01
N ASN C 260 -22.10 26.55 2.32
CA ASN C 260 -22.70 27.83 2.68
C ASN C 260 -24.21 27.64 2.77
N ASN C 261 -24.81 28.03 3.89
CA ASN C 261 -26.23 27.80 4.13
C ASN C 261 -26.62 26.43 3.57
N PRO C 262 -26.04 25.33 4.08
CA PRO C 262 -26.18 24.02 3.44
C PRO C 262 -27.54 23.35 3.63
N VAL C 263 -27.76 22.30 2.81
CA VAL C 263 -28.90 21.39 2.95
C VAL C 263 -29.02 20.98 4.40
N ARG C 264 -30.19 21.26 5.01
CA ARG C 264 -30.38 20.98 6.42
C ARG C 264 -30.91 19.56 6.55
N PHE C 265 -30.42 18.85 7.56
CA PHE C 265 -30.91 17.50 7.80
C PHE C 265 -31.47 17.37 9.21
N ASP C 266 -31.63 18.50 9.93
CA ASP C 266 -32.08 18.50 11.31
C ASP C 266 -33.52 18.04 11.43
N THR C 267 -34.37 18.43 10.46
CA THR C 267 -35.76 17.98 10.40
C THR C 267 -36.09 17.51 8.99
N GLU C 268 -37.15 16.71 8.87
CA GLU C 268 -37.62 16.20 7.59
C GLU C 268 -38.14 17.35 6.73
N GLU C 269 -38.80 18.34 7.36
CA GLU C 269 -39.37 19.48 6.66
C GLU C 269 -38.27 20.35 6.05
N ASN C 270 -37.19 20.55 6.81
CA ASN C 270 -36.07 21.39 6.39
C ASN C 270 -35.34 20.69 5.23
N TYR C 271 -35.22 19.37 5.33
CA TYR C 271 -34.58 18.58 4.31
C TYR C 271 -35.37 18.63 2.99
N GLN C 272 -36.71 18.46 3.10
CA GLN C 272 -37.56 18.41 1.92
C GLN C 272 -37.58 19.78 1.24
N ASN C 273 -37.52 20.85 2.06
CA ASN C 273 -37.49 22.19 1.49
C ASN C 273 -36.18 22.34 0.70
N ASP C 274 -35.11 21.83 1.29
CA ASP C 274 -33.76 22.06 0.78
C ASP C 274 -33.56 21.26 -0.50
N LEU C 275 -34.02 19.99 -0.46
CA LEU C 275 -34.03 19.13 -1.62
C LEU C 275 -34.75 19.85 -2.75
N GLY C 276 -35.87 20.48 -2.40
CA GLY C 276 -36.68 21.21 -3.36
C GLY C 276 -35.93 22.39 -3.97
N VAL C 277 -35.01 22.99 -3.19
CA VAL C 277 -34.22 24.11 -3.68
C VAL C 277 -33.28 23.60 -4.79
N ILE C 278 -32.60 22.47 -4.53
CA ILE C 278 -31.77 21.80 -5.53
C ILE C 278 -32.58 21.54 -6.80
N LYS C 279 -33.80 20.99 -6.61
CA LYS C 279 -34.66 20.65 -7.74
C LYS C 279 -34.98 21.91 -8.56
N ALA C 280 -35.25 23.02 -7.85
CA ALA C 280 -35.57 24.28 -8.54
C ALA C 280 -34.34 24.73 -9.33
N LYS C 281 -33.16 24.56 -8.73
CA LYS C 281 -31.94 25.01 -9.36
C LYS C 281 -31.69 24.20 -10.62
N PHE C 282 -31.79 22.87 -10.48
CA PHE C 282 -31.56 21.94 -11.58
C PHE C 282 -32.64 22.10 -12.66
N THR C 283 -33.88 22.40 -12.27
CA THR C 283 -34.97 22.59 -13.21
C THR C 283 -34.61 23.73 -14.16
N GLN C 284 -34.16 24.86 -13.60
CA GLN C 284 -33.81 26.02 -14.41
C GLN C 284 -32.78 25.61 -15.47
N LEU C 285 -31.86 24.72 -15.06
CA LEU C 285 -30.74 24.35 -15.90
C LEU C 285 -31.19 23.33 -16.95
N LEU C 286 -32.08 22.41 -16.54
CA LEU C 286 -32.74 21.50 -17.48
C LEU C 286 -33.42 22.29 -18.60
N GLU C 287 -34.13 23.36 -18.24
CA GLU C 287 -34.86 24.17 -19.22
C GLU C 287 -33.88 24.88 -20.16
N ASN C 288 -32.58 24.88 -19.81
CA ASN C 288 -31.58 25.59 -20.60
C ASN C 288 -30.51 24.61 -21.09
N ASP C 289 -30.94 23.37 -21.42
CA ASP C 289 -30.21 22.38 -22.20
C ASP C 289 -29.18 21.57 -21.40
N VAL C 290 -29.11 21.81 -20.08
CA VAL C 290 -28.21 21.05 -19.22
C VAL C 290 -28.74 19.62 -19.05
N ARG C 291 -27.84 18.63 -19.14
CA ARG C 291 -28.25 17.23 -19.19
C ARG C 291 -27.38 16.35 -18.29
N GLN C 292 -26.56 16.96 -17.41
CA GLN C 292 -25.79 16.21 -16.43
C GLN C 292 -25.38 17.17 -15.30
N PHE C 293 -25.30 16.59 -14.09
CA PHE C 293 -25.05 17.28 -12.84
C PHE C 293 -24.02 16.50 -12.02
N ALA C 294 -23.38 17.21 -11.09
CA ALA C 294 -22.41 16.65 -10.16
C ALA C 294 -22.62 17.33 -8.81
N ILE C 295 -22.18 16.68 -7.73
CA ILE C 295 -22.33 17.20 -6.38
C ILE C 295 -20.94 17.31 -5.76
N LEU C 296 -20.63 18.52 -5.25
CA LEU C 296 -19.39 18.80 -4.57
C LEU C 296 -19.68 18.88 -3.06
N ALA C 297 -18.73 18.43 -2.25
CA ALA C 297 -18.91 18.38 -0.81
C ALA C 297 -17.59 18.55 -0.06
N ASP C 298 -16.54 18.96 -0.78
CA ASP C 298 -15.21 19.17 -0.21
C ASP C 298 -15.16 20.44 0.66
N ASP C 299 -14.28 20.43 1.68
CA ASP C 299 -13.99 21.58 2.52
C ASP C 299 -15.19 21.98 3.37
N ALA C 300 -16.05 21.02 3.71
CA ALA C 300 -17.24 21.33 4.48
C ALA C 300 -17.66 20.12 5.31
N SER C 301 -18.21 20.39 6.48
CA SER C 301 -18.77 19.36 7.33
C SER C 301 -19.69 18.42 6.54
N ALA C 302 -19.79 17.18 7.00
CA ALA C 302 -20.92 16.31 6.67
C ALA C 302 -22.19 16.82 7.35
N PRO C 303 -23.38 16.31 6.98
CA PRO C 303 -24.59 16.64 7.73
C PRO C 303 -24.60 16.01 9.12
N ALA C 304 -25.45 16.55 10.00
CA ALA C 304 -25.76 15.91 11.26
C ALA C 304 -25.89 14.40 11.03
N GLN C 305 -25.13 13.63 11.81
CA GLN C 305 -25.09 12.18 11.74
C GLN C 305 -23.98 11.70 10.79
N GLY C 306 -23.37 12.61 10.01
CA GLY C 306 -22.24 12.25 9.16
C GLY C 306 -22.67 11.83 7.75
N ALA C 307 -21.80 11.07 7.08
CA ALA C 307 -21.79 10.96 5.63
C ALA C 307 -22.97 10.14 5.07
N SER C 308 -23.66 9.37 5.93
CA SER C 308 -24.75 8.53 5.46
C SER C 308 -25.89 9.39 4.89
N MET C 309 -25.87 10.68 5.22
CA MET C 309 -26.89 11.60 4.73
C MET C 309 -26.60 12.05 3.30
N TYR C 310 -25.32 12.07 2.88
CA TYR C 310 -25.02 12.28 1.46
C TYR C 310 -25.80 11.29 0.61
N VAL C 311 -25.77 10.02 1.02
CA VAL C 311 -26.37 8.93 0.26
C VAL C 311 -27.89 9.11 0.17
N LYS C 312 -28.50 9.42 1.32
CA LYS C 312 -29.89 9.86 1.36
C LYS C 312 -30.16 10.93 0.31
N LEU C 313 -29.35 12.00 0.26
CA LEU C 313 -29.61 13.08 -0.70
C LEU C 313 -29.36 12.62 -2.14
N LEU C 314 -28.33 11.81 -2.36
CA LEU C 314 -28.00 11.39 -3.73
C LEU C 314 -29.09 10.49 -4.31
N THR C 315 -29.65 9.58 -3.48
CA THR C 315 -30.64 8.62 -3.96
C THR C 315 -31.91 9.37 -4.35
N ASP C 316 -32.30 10.34 -3.50
CA ASP C 316 -33.46 11.20 -3.69
C ASP C 316 -33.33 12.01 -4.97
N LEU C 317 -32.16 12.61 -5.19
CA LEU C 317 -31.83 13.33 -6.41
C LEU C 317 -31.96 12.42 -7.63
N THR C 318 -31.39 11.21 -7.53
CA THR C 318 -31.40 10.23 -8.61
C THR C 318 -32.82 9.86 -9.00
N ARG C 319 -33.69 9.64 -8.00
CA ARG C 319 -35.10 9.36 -8.26
C ARG C 319 -35.70 10.52 -9.04
N TRP C 320 -35.36 11.77 -8.64
CA TRP C 320 -35.93 12.94 -9.30
C TRP C 320 -35.45 13.03 -10.74
N LEU C 321 -34.15 12.78 -10.94
CA LEU C 321 -33.55 12.84 -12.27
C LEU C 321 -34.21 11.82 -13.19
N GLU C 322 -34.48 10.62 -12.64
CA GLU C 322 -35.18 9.56 -13.35
C GLU C 322 -36.56 10.05 -13.79
N GLU C 323 -37.25 10.78 -12.91
CA GLU C 323 -38.57 11.28 -13.24
C GLU C 323 -38.47 12.31 -14.35
N GLN C 324 -37.42 13.14 -14.33
CA GLN C 324 -37.27 14.24 -15.27
C GLN C 324 -36.97 13.71 -16.68
N GLN C 325 -36.51 12.46 -16.77
CA GLN C 325 -36.20 11.83 -18.04
C GLN C 325 -37.43 11.75 -18.96
N SER C 326 -38.65 11.70 -18.39
CA SER C 326 -39.86 11.76 -19.21
C SER C 326 -39.83 12.99 -20.12
N THR C 327 -39.54 14.16 -19.52
CA THR C 327 -39.47 15.42 -20.23
C THR C 327 -38.16 15.54 -21.01
N TYR C 328 -37.06 14.98 -20.48
CA TYR C 328 -35.72 15.18 -21.01
C TYR C 328 -35.01 13.84 -21.18
N PRO C 329 -35.30 13.11 -22.29
CA PRO C 329 -34.85 11.73 -22.47
C PRO C 329 -33.33 11.60 -22.53
N ASP C 330 -32.64 12.68 -22.92
CA ASP C 330 -31.19 12.66 -23.07
C ASP C 330 -30.49 13.04 -21.76
N LEU C 331 -31.23 13.13 -20.66
CA LEU C 331 -30.67 13.53 -19.38
C LEU C 331 -29.93 12.35 -18.77
N LYS C 332 -28.71 12.59 -18.26
CA LYS C 332 -27.91 11.54 -17.65
C LYS C 332 -28.15 11.54 -16.14
N THR C 333 -28.19 10.33 -15.56
CA THR C 333 -28.45 10.18 -14.14
C THR C 333 -27.17 9.91 -13.36
N ASP C 334 -26.06 9.71 -14.08
CA ASP C 334 -24.76 9.63 -13.42
C ASP C 334 -24.54 10.88 -12.57
N LEU C 335 -24.01 10.68 -11.36
CA LEU C 335 -23.77 11.76 -10.41
C LEU C 335 -22.38 11.58 -9.80
N MET C 336 -21.44 12.46 -10.19
N MET C 336 -21.45 12.49 -10.16
CA MET C 336 -20.15 12.52 -9.53
CA MET C 336 -20.12 12.55 -9.57
C MET C 336 -20.35 13.16 -8.17
C MET C 336 -20.24 13.23 -8.21
N PHE C 337 -19.64 12.63 -7.16
CA PHE C 337 -19.66 13.19 -5.81
C PHE C 337 -18.23 13.42 -5.35
N CYS C 338 -17.89 14.68 -5.00
CA CYS C 338 -16.55 14.96 -4.50
C CYS C 338 -16.57 14.99 -2.98
N PRO C 339 -15.98 13.96 -2.29
CA PRO C 339 -15.94 13.92 -0.84
C PRO C 339 -14.90 14.91 -0.31
N SER C 340 -14.98 15.17 1.00
CA SER C 340 -14.06 16.06 1.69
C SER C 340 -12.69 15.42 1.88
N ASP C 341 -12.59 14.09 1.71
CA ASP C 341 -11.31 13.40 1.81
C ASP C 341 -10.96 12.71 0.49
N TYR C 342 -11.06 13.50 -0.59
CA TYR C 342 -10.70 13.05 -1.93
C TYR C 342 -9.26 12.55 -1.97
N TYR C 343 -8.41 13.01 -1.05
CA TYR C 343 -6.99 12.68 -1.01
C TYR C 343 -6.70 11.37 -0.27
N GLY C 344 -7.73 10.66 0.21
CA GLY C 344 -7.58 9.47 1.05
C GLY C 344 -7.33 8.15 0.30
N ASN C 345 -7.28 7.04 1.05
CA ASN C 345 -7.01 5.72 0.49
C ASN C 345 -8.30 4.88 0.43
N GLY C 346 -9.38 5.42 1.00
CA GLY C 346 -10.69 4.81 0.89
C GLY C 346 -11.10 4.00 2.12
N SER C 347 -10.23 3.96 3.15
CA SER C 347 -10.50 3.26 4.40
C SER C 347 -11.38 4.09 5.33
N SER C 348 -11.47 5.40 5.09
CA SER C 348 -12.17 6.29 6.01
C SER C 348 -13.64 5.88 6.10
N ALA C 349 -14.27 6.22 7.23
CA ALA C 349 -15.68 5.97 7.49
C ALA C 349 -16.58 6.71 6.48
N GLN C 350 -16.25 7.96 6.13
CA GLN C 350 -17.04 8.71 5.16
C GLN C 350 -17.08 7.97 3.82
N LEU C 351 -15.89 7.58 3.35
CA LEU C 351 -15.78 6.99 2.04
C LEU C 351 -16.58 5.70 2.03
N LYS C 352 -16.40 4.89 3.09
CA LYS C 352 -17.14 3.65 3.29
C LYS C 352 -18.65 3.91 3.26
N GLU C 353 -19.11 4.97 3.93
CA GLU C 353 -20.53 5.32 3.93
C GLU C 353 -21.00 5.65 2.51
N LEU C 354 -20.18 6.40 1.77
CA LEU C 354 -20.50 6.82 0.42
C LEU C 354 -20.58 5.60 -0.52
N ASN C 355 -19.79 4.57 -0.24
CA ASN C 355 -19.76 3.38 -1.08
C ASN C 355 -21.10 2.62 -1.02
N LYS C 356 -21.94 2.93 -0.03
CA LYS C 356 -23.25 2.32 0.09
C LYS C 356 -24.22 2.92 -0.91
N ALA C 357 -23.82 3.98 -1.62
CA ALA C 357 -24.69 4.60 -2.63
C ALA C 357 -24.96 3.62 -3.77
N GLU C 358 -26.04 3.86 -4.53
CA GLU C 358 -26.39 3.19 -5.77
C GLU C 358 -25.33 3.40 -6.85
N ASP C 359 -25.48 2.68 -7.96
CA ASP C 359 -24.42 2.43 -8.94
C ASP C 359 -24.17 3.65 -9.84
N ASN C 360 -25.13 4.57 -9.90
CA ASN C 360 -25.04 5.75 -10.74
C ASN C 360 -24.18 6.83 -10.08
N VAL C 361 -23.71 6.57 -8.86
CA VAL C 361 -22.91 7.52 -8.10
C VAL C 361 -21.43 7.17 -8.27
N SER C 362 -20.61 8.20 -8.55
CA SER C 362 -19.16 8.07 -8.63
C SER C 362 -18.52 8.83 -7.47
N ILE C 363 -17.45 8.23 -6.93
CA ILE C 363 -16.70 8.79 -5.81
C ILE C 363 -15.35 9.25 -6.31
N VAL C 364 -15.13 10.57 -6.24
CA VAL C 364 -13.97 11.27 -6.78
C VAL C 364 -12.81 11.24 -5.78
N MET C 365 -11.65 10.77 -6.27
CA MET C 365 -10.42 10.73 -5.50
C MET C 365 -9.30 11.30 -6.38
N THR C 366 -8.23 11.79 -5.75
CA THR C 366 -7.17 12.39 -6.53
C THR C 366 -5.97 11.44 -6.57
N GLY C 367 -6.13 10.25 -5.96
CA GLY C 367 -5.22 9.12 -6.14
C GLY C 367 -4.25 8.92 -4.97
N GLY C 368 -4.67 9.32 -3.77
CA GLY C 368 -3.94 8.93 -2.58
C GLY C 368 -3.12 10.07 -1.97
N ARG C 369 -3.12 11.20 -2.68
CA ARG C 369 -2.58 12.48 -2.22
C ARG C 369 -3.08 13.55 -3.19
N ILE C 370 -2.82 14.84 -2.89
CA ILE C 370 -3.34 15.91 -3.71
C ILE C 370 -2.97 15.69 -5.18
N TRP C 371 -1.68 15.40 -5.42
CA TRP C 371 -1.10 15.32 -6.75
C TRP C 371 -0.87 13.87 -7.15
N GLY C 372 -1.89 13.03 -6.94
CA GLY C 372 -1.78 11.61 -7.23
C GLY C 372 -2.09 11.28 -8.69
N GLU C 373 -2.02 9.99 -9.05
CA GLU C 373 -2.07 9.57 -10.45
C GLU C 373 -3.06 8.43 -10.64
N VAL C 374 -3.42 8.15 -11.91
CA VAL C 374 -4.20 6.97 -12.25
C VAL C 374 -3.31 5.76 -12.06
N ASP C 375 -3.48 5.12 -10.90
CA ASP C 375 -2.55 4.12 -10.42
C ASP C 375 -3.32 2.87 -10.01
N GLU C 376 -2.94 1.72 -10.57
CA GLU C 376 -3.65 0.47 -10.34
C GLU C 376 -3.58 0.05 -8.88
N ASN C 377 -2.43 0.28 -8.24
CA ASN C 377 -2.23 -0.13 -6.86
C ASN C 377 -3.13 0.68 -5.92
N PHE C 378 -3.25 2.00 -6.19
CA PHE C 378 -4.13 2.87 -5.41
C PHE C 378 -5.57 2.42 -5.59
N ALA C 379 -5.94 2.16 -6.85
CA ALA C 379 -7.34 1.87 -7.19
C ALA C 379 -7.77 0.52 -6.63
N ASN C 380 -6.84 -0.45 -6.57
CA ASN C 380 -7.19 -1.78 -6.08
C ASN C 380 -7.41 -1.73 -4.56
N ASN C 381 -6.52 -1.04 -3.85
CA ASN C 381 -6.59 -0.78 -2.43
C ASN C 381 -7.83 0.05 -2.08
N PHE C 382 -8.13 1.08 -2.88
CA PHE C 382 -9.33 1.88 -2.66
C PHE C 382 -10.54 0.96 -2.69
N MET C 383 -10.59 0.05 -3.68
CA MET C 383 -11.74 -0.84 -3.80
C MET C 383 -11.83 -1.79 -2.61
N ASN C 384 -10.70 -2.36 -2.16
CA ASN C 384 -10.71 -3.21 -0.98
C ASN C 384 -11.07 -2.39 0.26
N ASN C 385 -10.52 -1.17 0.34
CA ASN C 385 -10.62 -0.35 1.53
C ASN C 385 -12.04 0.15 1.81
N ILE C 386 -12.78 0.51 0.75
CA ILE C 386 -14.03 1.23 0.90
C ILE C 386 -15.17 0.23 1.11
N SER C 387 -14.84 -1.04 0.82
CA SER C 387 -15.77 -2.15 0.80
C SER C 387 -16.39 -2.36 2.18
N THR C 388 -17.70 -2.65 2.22
CA THR C 388 -18.33 -3.10 3.46
C THR C 388 -19.28 -4.25 3.12
N GLU C 389 -19.79 -4.95 4.14
CA GLU C 389 -20.68 -6.08 3.95
C GLU C 389 -21.92 -5.63 3.20
N GLY C 390 -22.24 -6.34 2.10
CA GLY C 390 -23.36 -5.99 1.24
C GLY C 390 -22.96 -4.97 0.16
N HIS C 391 -21.80 -4.35 0.34
CA HIS C 391 -21.41 -3.21 -0.50
C HIS C 391 -19.99 -3.36 -1.03
N PRO C 392 -19.78 -4.09 -2.15
CA PRO C 392 -18.46 -4.23 -2.77
C PRO C 392 -17.93 -2.83 -3.09
N GLY C 393 -16.60 -2.65 -2.99
CA GLY C 393 -16.00 -1.35 -3.25
C GLY C 393 -16.00 -1.01 -4.74
N ARG C 394 -16.63 0.11 -5.10
CA ARG C 394 -16.61 0.58 -6.48
C ARG C 394 -15.23 1.15 -6.79
N ALA C 395 -14.86 1.11 -8.08
CA ALA C 395 -13.66 1.74 -8.63
C ALA C 395 -13.69 3.24 -8.32
N PRO C 396 -12.52 3.90 -8.08
CA PRO C 396 -12.49 5.34 -7.83
C PRO C 396 -12.68 6.13 -9.12
N PHE C 397 -13.30 7.31 -9.00
CA PHE C 397 -13.35 8.26 -10.10
C PHE C 397 -12.28 9.31 -9.85
N PHE C 398 -11.30 9.37 -10.78
CA PHE C 398 -10.07 10.13 -10.62
C PHE C 398 -10.29 11.57 -11.07
N TRP C 399 -9.97 12.49 -10.16
CA TRP C 399 -9.71 13.89 -10.47
C TRP C 399 -8.20 14.03 -10.48
N ILE C 400 -7.63 14.29 -11.66
CA ILE C 400 -6.18 14.35 -11.79
C ILE C 400 -5.75 15.82 -11.89
N ASN C 401 -4.87 16.25 -10.97
CA ASN C 401 -4.31 17.58 -11.03
C ASN C 401 -3.14 17.64 -12.02
N TRP C 402 -3.49 17.38 -13.28
CA TRP C 402 -2.57 17.45 -14.40
C TRP C 402 -3.39 17.75 -15.66
N PRO C 403 -3.01 18.75 -16.49
CA PRO C 403 -1.72 19.46 -16.33
C PRO C 403 -1.67 20.70 -15.41
N CYS C 404 -2.61 20.76 -14.45
CA CYS C 404 -2.84 21.84 -13.50
C CYS C 404 -1.53 22.51 -13.09
N SER C 405 -1.54 23.86 -13.14
CA SER C 405 -0.32 24.62 -13.02
C SER C 405 -0.42 25.62 -11.86
N ASP C 406 -1.44 25.48 -11.00
CA ASP C 406 -1.69 26.50 -9.99
C ASP C 406 -0.67 26.44 -8.86
N ASN C 407 0.21 25.44 -8.87
CA ASN C 407 1.39 25.39 -8.01
C ASN C 407 2.65 25.55 -8.85
N SER C 408 2.48 26.07 -10.09
CA SER C 408 3.60 26.25 -11.00
C SER C 408 3.26 27.31 -12.05
N LYS C 409 2.92 28.50 -11.57
CA LYS C 409 2.06 29.45 -12.26
C LYS C 409 2.79 30.11 -13.43
N GLN C 410 4.13 30.07 -13.40
CA GLN C 410 4.99 30.70 -14.39
C GLN C 410 5.18 29.78 -15.61
N HIS C 411 4.65 28.54 -15.53
CA HIS C 411 4.99 27.49 -16.47
C HIS C 411 3.79 27.00 -17.27
N LEU C 412 4.09 26.50 -18.48
CA LEU C 412 3.19 25.60 -19.17
C LEU C 412 3.65 24.18 -18.85
N ILE C 413 2.69 23.26 -18.73
CA ILE C 413 2.98 21.85 -18.47
C ILE C 413 2.56 21.06 -19.69
N MET C 414 3.45 20.95 -20.68
CA MET C 414 3.04 20.48 -21.99
C MET C 414 3.32 18.97 -22.14
N GLY C 415 3.40 18.26 -21.02
CA GLY C 415 3.62 16.83 -21.07
C GLY C 415 3.37 16.19 -19.72
N GLY C 416 3.73 14.90 -19.61
CA GLY C 416 3.65 14.14 -18.39
C GLY C 416 2.71 12.94 -18.52
N ASN C 417 2.23 12.73 -19.76
CA ASN C 417 1.26 11.69 -20.07
C ASN C 417 1.38 10.51 -19.11
N ASP C 418 2.49 9.76 -19.21
CA ASP C 418 2.54 8.42 -18.65
C ASP C 418 2.79 8.45 -17.13
N THR C 419 3.24 9.58 -16.59
CA THR C 419 3.38 9.75 -15.14
C THR C 419 2.00 9.79 -14.48
N PHE C 420 1.04 10.48 -15.11
CA PHE C 420 -0.28 10.72 -14.52
C PHE C 420 -1.32 9.71 -15.02
N LEU C 421 -1.17 9.26 -16.27
CA LEU C 421 -2.07 8.21 -16.76
C LEU C 421 -1.26 6.93 -16.98
N HIS C 422 -1.25 6.02 -15.99
CA HIS C 422 -0.37 4.86 -16.03
C HIS C 422 -0.71 3.89 -17.16
N PRO C 423 0.25 3.57 -18.05
CA PRO C 423 0.11 2.43 -18.95
C PRO C 423 -0.12 1.16 -18.13
N GLY C 424 -1.05 0.33 -18.61
CA GLY C 424 -1.28 -1.01 -18.08
C GLY C 424 -2.42 -1.12 -17.08
N VAL C 425 -3.08 0.02 -16.74
CA VAL C 425 -4.04 -0.03 -15.66
C VAL C 425 -5.24 -0.84 -16.11
N ASP C 426 -5.61 -1.82 -15.28
CA ASP C 426 -6.81 -2.61 -15.47
C ASP C 426 -7.99 -1.63 -15.43
N PRO C 427 -8.78 -1.50 -16.52
CA PRO C 427 -9.83 -0.48 -16.58
C PRO C 427 -11.04 -0.72 -15.68
N SER C 428 -11.19 -1.93 -15.12
CA SER C 428 -12.26 -2.17 -14.16
C SER C 428 -11.93 -1.53 -12.81
N LYS C 429 -10.70 -1.02 -12.66
CA LYS C 429 -10.34 -0.29 -11.46
C LYS C 429 -10.41 1.24 -11.68
N ILE C 430 -11.08 1.69 -12.75
CA ILE C 430 -11.19 3.11 -13.10
C ILE C 430 -12.64 3.42 -13.41
N ASP C 431 -13.32 4.17 -12.52
CA ASP C 431 -14.71 4.52 -12.78
C ASP C 431 -14.78 5.65 -13.81
N GLY C 432 -13.85 6.62 -13.70
CA GLY C 432 -13.81 7.80 -14.55
C GLY C 432 -12.49 8.53 -14.35
N ILE C 433 -12.15 9.45 -15.28
CA ILE C 433 -11.00 10.34 -15.22
C ILE C 433 -11.39 11.71 -15.79
N VAL C 434 -11.18 12.77 -15.00
CA VAL C 434 -11.22 14.15 -15.49
C VAL C 434 -9.91 14.85 -15.10
N LEU C 435 -9.35 15.60 -16.06
CA LEU C 435 -8.14 16.38 -15.82
C LEU C 435 -8.51 17.76 -15.28
N ASN C 436 -7.72 18.22 -14.30
CA ASN C 436 -7.76 19.57 -13.78
C ASN C 436 -6.60 20.32 -14.45
N PRO C 437 -6.88 21.15 -15.49
CA PRO C 437 -5.88 21.74 -16.38
C PRO C 437 -5.44 23.16 -16.02
N MET C 438 -4.73 23.81 -16.95
CA MET C 438 -4.11 25.11 -16.71
C MET C 438 -5.12 26.25 -16.93
N GLN C 439 -4.84 27.41 -16.34
CA GLN C 439 -5.68 28.60 -16.58
C GLN C 439 -5.70 29.03 -18.06
N GLN C 440 -4.65 28.70 -18.84
CA GLN C 440 -4.63 29.07 -20.24
C GLN C 440 -5.34 27.99 -21.05
N ALA C 441 -6.63 28.21 -21.35
CA ALA C 441 -7.51 27.24 -21.97
C ALA C 441 -6.83 26.48 -23.12
N GLU C 442 -6.30 27.19 -24.12
CA GLU C 442 -5.74 26.59 -25.33
C GLU C 442 -4.53 25.68 -25.03
N ALA C 443 -3.78 25.97 -23.95
CA ALA C 443 -2.52 25.28 -23.70
C ALA C 443 -2.76 23.81 -23.34
N ASN C 444 -4.02 23.46 -23.02
CA ASN C 444 -4.38 22.19 -22.42
C ASN C 444 -4.66 21.09 -23.46
N LYS C 445 -4.60 21.44 -24.75
CA LYS C 445 -5.08 20.57 -25.82
C LYS C 445 -4.27 19.27 -25.92
N SER C 446 -2.97 19.35 -25.67
CA SER C 446 -2.13 18.16 -25.62
C SER C 446 -2.63 17.20 -24.54
N ALA C 447 -2.99 17.74 -23.37
CA ALA C 447 -3.41 16.91 -22.26
C ALA C 447 -4.81 16.36 -22.49
N LEU C 448 -5.70 17.19 -23.06
CA LEU C 448 -7.02 16.70 -23.44
C LEU C 448 -6.91 15.51 -24.41
N PHE C 449 -5.96 15.60 -25.34
CA PHE C 449 -5.74 14.58 -26.35
C PHE C 449 -5.20 13.30 -25.70
N ALA C 450 -4.40 13.46 -24.64
CA ALA C 450 -3.83 12.34 -23.92
C ALA C 450 -4.93 11.59 -23.18
N ILE C 451 -5.69 12.32 -22.32
CA ILE C 451 -6.77 11.70 -21.56
C ILE C 451 -7.81 11.08 -22.50
N ALA C 452 -8.15 11.78 -23.59
CA ALA C 452 -9.12 11.26 -24.54
C ALA C 452 -8.73 9.86 -25.00
N ASP C 453 -7.46 9.70 -25.42
CA ASP C 453 -6.96 8.46 -25.99
C ASP C 453 -6.92 7.38 -24.91
N TYR C 454 -6.26 7.70 -23.78
CA TYR C 454 -6.02 6.75 -22.70
C TYR C 454 -7.32 6.17 -22.15
N ALA C 455 -8.28 7.06 -21.83
CA ALA C 455 -9.47 6.68 -21.10
C ALA C 455 -10.41 5.92 -22.03
N TRP C 456 -10.28 6.19 -23.33
CA TRP C 456 -11.02 5.38 -24.29
C TRP C 456 -10.33 4.02 -24.46
N ASN C 457 -9.00 3.99 -24.44
CA ASN C 457 -8.23 2.79 -24.75
C ASN C 457 -6.90 2.82 -23.98
N ILE C 458 -6.86 2.12 -22.84
CA ILE C 458 -5.74 2.23 -21.92
C ILE C 458 -4.45 1.97 -22.68
N TRP C 459 -3.50 2.92 -22.60
CA TRP C 459 -2.16 2.72 -23.15
C TRP C 459 -1.57 1.43 -22.62
N ASP C 460 -0.92 0.68 -23.52
CA ASP C 460 -0.28 -0.58 -23.14
C ASP C 460 1.00 -0.28 -22.39
N ASN C 461 1.74 0.74 -22.86
CA ASN C 461 3.10 0.97 -22.37
C ASN C 461 3.51 2.43 -22.59
N LYS C 462 4.73 2.75 -22.16
CA LYS C 462 5.24 4.12 -22.17
C LYS C 462 5.42 4.59 -23.61
N GLU C 463 5.75 3.66 -24.52
CA GLU C 463 5.93 3.98 -25.93
C GLU C 463 4.64 4.54 -26.54
N GLU C 464 3.49 3.96 -26.15
CA GLU C 464 2.18 4.43 -26.62
C GLU C 464 1.87 5.81 -26.04
N ALA C 465 2.18 6.01 -24.76
CA ALA C 465 2.03 7.31 -24.12
C ALA C 465 2.86 8.36 -24.87
N ASP C 466 4.07 7.99 -25.28
CA ASP C 466 4.98 8.90 -25.94
C ASP C 466 4.50 9.18 -27.37
N GLU C 467 3.98 8.14 -28.04
CA GLU C 467 3.46 8.29 -29.39
C GLU C 467 2.29 9.28 -29.37
N ASN C 468 1.34 9.04 -28.46
CA ASN C 468 0.21 9.95 -28.28
C ASN C 468 0.74 11.38 -28.12
N TRP C 469 1.71 11.59 -27.23
CA TRP C 469 2.30 12.89 -26.99
C TRP C 469 2.85 13.49 -28.28
N ASN C 470 3.66 12.72 -29.01
CA ASN C 470 4.23 13.21 -30.25
C ASN C 470 3.12 13.66 -31.20
N ASP C 471 2.11 12.80 -31.39
CA ASP C 471 1.03 13.10 -32.33
C ASP C 471 0.14 14.27 -31.86
N SER C 472 0.11 14.51 -30.55
CA SER C 472 -0.85 15.43 -29.93
C SER C 472 -0.75 16.85 -30.52
N PHE C 473 0.47 17.25 -30.90
CA PHE C 473 0.78 18.59 -31.38
C PHE C 473 0.12 18.88 -32.74
N LYS C 474 -0.09 17.83 -33.53
CA LYS C 474 -0.67 18.01 -34.86
C LYS C 474 -2.12 18.40 -34.67
N TYR C 475 -2.80 17.68 -33.78
CA TYR C 475 -4.21 17.85 -33.53
C TYR C 475 -4.46 19.11 -32.73
N MET C 476 -3.61 19.33 -31.72
CA MET C 476 -3.64 20.59 -30.98
C MET C 476 -3.55 21.76 -31.97
N ASP C 477 -2.59 21.71 -32.89
CA ASP C 477 -2.24 22.82 -33.77
C ASP C 477 -3.26 23.06 -34.88
N HIS C 478 -3.75 21.98 -35.52
CA HIS C 478 -4.65 22.13 -36.65
C HIS C 478 -5.61 20.94 -36.79
N GLY C 479 -5.71 20.06 -35.78
CA GLY C 479 -6.80 19.09 -35.66
C GLY C 479 -6.82 17.95 -36.67
N THR C 480 -5.67 17.60 -37.29
CA THR C 480 -5.61 16.48 -38.21
C THR C 480 -4.27 15.77 -38.06
N ALA C 481 -4.12 14.59 -38.69
CA ALA C 481 -2.91 13.78 -38.58
C ALA C 481 -1.76 14.32 -39.43
N GLU C 482 -2.03 15.36 -40.24
CA GLU C 482 -0.97 15.92 -41.07
C GLU C 482 0.06 16.60 -40.19
N GLU C 483 1.34 16.29 -40.42
CA GLU C 483 2.39 17.04 -39.76
C GLU C 483 2.62 18.32 -40.57
N THR C 484 2.71 19.46 -39.88
CA THR C 484 3.04 20.73 -40.50
C THR C 484 4.21 21.36 -39.75
N ASN C 485 4.83 22.36 -40.38
CA ASN C 485 5.92 23.13 -39.81
C ASN C 485 5.58 23.66 -38.41
N SER C 486 4.36 24.20 -38.25
CA SER C 486 3.88 24.75 -36.99
C SER C 486 3.71 23.64 -35.95
N SER C 487 3.20 22.48 -36.36
CA SER C 487 3.05 21.42 -35.39
C SER C 487 4.41 20.89 -34.94
N LEU C 488 5.42 20.97 -35.82
CA LEU C 488 6.75 20.50 -35.49
C LEU C 488 7.39 21.44 -34.49
N ALA C 489 7.21 22.73 -34.75
CA ALA C 489 7.78 23.76 -33.91
C ALA C 489 7.14 23.71 -32.53
N LEU C 490 5.80 23.56 -32.48
CA LEU C 490 5.10 23.52 -31.21
C LEU C 490 5.61 22.36 -30.38
N ARG C 491 5.73 21.18 -31.00
CA ARG C 491 6.24 20.01 -30.30
C ARG C 491 7.65 20.31 -29.77
N GLU C 492 8.48 20.98 -30.57
CA GLU C 492 9.89 21.16 -30.28
C GLU C 492 10.08 21.98 -28.99
N ILE C 493 9.41 23.13 -28.90
CA ILE C 493 9.52 23.96 -27.69
C ILE C 493 8.85 23.28 -26.50
N SER C 494 7.80 22.49 -26.75
CA SER C 494 7.06 21.82 -25.70
C SER C 494 7.92 20.77 -25.00
N LYS C 495 8.94 20.27 -25.72
CA LYS C 495 9.89 19.29 -25.20
C LYS C 495 10.56 19.84 -23.95
N HIS C 496 10.56 21.17 -23.80
CA HIS C 496 11.32 21.89 -22.79
C HIS C 496 10.41 22.71 -21.87
N MET C 497 9.10 22.41 -21.88
CA MET C 497 8.12 23.08 -21.03
C MET C 497 7.20 22.02 -20.41
N ILE C 498 7.79 21.18 -19.54
CA ILE C 498 7.10 20.02 -18.98
C ILE C 498 7.28 20.03 -17.46
N ASN C 499 8.52 20.31 -17.00
CA ASN C 499 8.84 20.33 -15.58
C ASN C 499 8.05 21.38 -14.80
N GLN C 500 7.56 20.99 -13.61
CA GLN C 500 6.66 21.81 -12.79
C GLN C 500 7.44 22.64 -11.77
N ASN C 501 8.71 22.28 -11.53
CA ASN C 501 9.54 22.97 -10.55
C ASN C 501 8.88 22.96 -9.17
N MET C 502 8.32 21.80 -8.79
CA MET C 502 7.61 21.64 -7.52
C MET C 502 8.41 20.71 -6.62
N ASP C 503 8.10 20.73 -5.30
CA ASP C 503 8.71 19.78 -4.39
C ASP C 503 8.10 18.40 -4.64
N GLY C 504 8.46 17.45 -3.78
CA GLY C 504 8.10 16.07 -4.00
C GLY C 504 6.66 15.73 -3.63
N ARG C 505 5.78 16.74 -3.52
CA ARG C 505 4.34 16.47 -3.33
C ARG C 505 3.77 15.85 -4.60
N VAL C 506 4.49 16.01 -5.71
CA VAL C 506 4.13 15.47 -7.01
C VAL C 506 5.39 14.84 -7.59
N ARG C 507 5.24 13.82 -8.43
CA ARG C 507 6.40 13.30 -9.16
C ARG C 507 6.89 14.36 -10.14
N PRO C 508 8.23 14.54 -10.26
CA PRO C 508 8.81 15.53 -11.18
C PRO C 508 8.68 15.05 -12.61
N LEU C 509 8.17 15.92 -13.49
CA LEU C 509 8.10 15.53 -14.90
C LEU C 509 9.40 15.89 -15.59
N GLN C 510 9.81 15.04 -16.53
CA GLN C 510 11.10 15.16 -17.20
C GLN C 510 10.95 15.97 -18.48
N GLU C 511 11.68 17.09 -18.56
CA GLU C 511 11.79 17.84 -19.80
C GLU C 511 13.24 17.80 -20.28
N SER C 512 13.47 18.38 -21.48
CA SER C 512 14.79 18.46 -22.08
C SER C 512 15.48 17.09 -22.01
N VAL C 513 14.77 16.04 -22.43
CA VAL C 513 15.23 14.70 -22.15
C VAL C 513 16.38 14.32 -23.08
N GLU C 514 16.25 14.64 -24.38
CA GLU C 514 17.28 14.32 -25.36
C GLU C 514 18.48 15.25 -25.18
N LEU C 515 18.23 16.50 -24.77
CA LEU C 515 19.25 17.54 -24.73
C LEU C 515 20.01 17.56 -23.39
N ALA C 516 19.42 16.94 -22.36
CA ALA C 516 19.97 17.03 -21.00
C ALA C 516 21.32 16.34 -20.92
N PRO C 517 21.47 15.08 -21.42
CA PRO C 517 22.78 14.43 -21.49
C PRO C 517 23.80 15.23 -22.32
N LYS C 518 23.30 16.00 -23.30
CA LYS C 518 24.16 16.83 -24.12
C LYS C 518 24.73 17.97 -23.28
N LEU C 519 23.92 18.51 -22.34
CA LEU C 519 24.35 19.59 -21.47
C LEU C 519 25.20 19.02 -20.34
N GLU C 520 25.02 17.72 -20.04
CA GLU C 520 25.73 17.08 -18.94
C GLU C 520 27.17 16.79 -19.37
N ALA C 521 27.33 16.07 -20.49
CA ALA C 521 28.63 15.78 -21.07
C ALA C 521 29.38 17.07 -21.39
N PHE C 522 28.66 18.14 -21.75
CA PHE C 522 29.32 19.43 -21.94
C PHE C 522 29.88 19.93 -20.61
N LYS C 523 29.12 19.74 -19.51
CA LYS C 523 29.55 20.17 -18.19
C LYS C 523 30.81 19.41 -17.76
N GLN C 524 30.87 18.11 -18.08
CA GLN C 524 31.95 17.22 -17.68
C GLN C 524 33.17 17.43 -18.58
N LYS C 525 32.95 17.60 -19.89
CA LYS C 525 34.03 17.85 -20.84
C LYS C 525 34.75 19.14 -20.47
N TYR C 526 33.98 20.17 -20.11
CA TYR C 526 34.48 21.49 -19.75
C TYR C 526 35.43 21.38 -18.56
N SER C 531 38.93 21.26 -24.49
CA SER C 531 38.46 21.19 -25.90
C SER C 531 36.94 21.09 -25.93
N ILE C 532 36.28 22.23 -26.20
CA ILE C 532 34.82 22.28 -26.16
C ILE C 532 34.26 23.07 -27.34
N LYS C 533 35.13 23.59 -28.22
CA LYS C 533 34.66 24.41 -29.32
C LYS C 533 33.67 23.61 -30.17
N GLU C 534 34.06 22.37 -30.53
CA GLU C 534 33.23 21.47 -31.33
C GLU C 534 31.97 21.08 -30.55
N ASP C 535 32.10 21.01 -29.22
CA ASP C 535 30.98 20.66 -28.35
C ASP C 535 30.02 21.86 -28.19
N ALA C 536 30.58 23.07 -28.12
CA ALA C 536 29.81 24.28 -27.85
C ALA C 536 28.99 24.67 -29.09
N LEU C 537 29.61 24.56 -30.26
CA LEU C 537 28.94 24.79 -31.54
C LEU C 537 27.80 23.79 -31.73
N GLU C 538 27.95 22.57 -31.22
CA GLU C 538 26.89 21.57 -31.32
C GLU C 538 25.66 22.05 -30.56
N LEU C 539 25.90 22.65 -29.38
CA LEU C 539 24.88 23.18 -28.50
C LEU C 539 24.30 24.48 -29.07
N ILE C 540 25.09 25.18 -29.90
CA ILE C 540 24.61 26.39 -30.56
C ILE C 540 23.52 26.00 -31.56
N GLU C 541 23.71 24.89 -32.27
CA GLU C 541 22.71 24.36 -33.18
C GLU C 541 21.44 24.03 -32.40
N GLU C 542 21.63 23.36 -31.24
CA GLU C 542 20.53 22.90 -30.40
C GLU C 542 19.62 24.06 -30.04
N PHE C 543 20.22 25.15 -29.57
CA PHE C 543 19.51 26.31 -29.06
C PHE C 543 19.04 27.26 -30.15
N THR C 544 19.74 27.32 -31.30
CA THR C 544 19.25 28.15 -32.40
C THR C 544 18.00 27.50 -32.98
N ASN C 545 17.97 26.16 -32.98
CA ASN C 545 16.88 25.34 -33.49
C ASN C 545 15.61 25.60 -32.68
N LEU C 546 15.76 25.73 -31.36
CA LEU C 546 14.66 26.05 -30.47
C LEU C 546 14.21 27.48 -30.70
N GLN C 547 15.18 28.40 -30.84
CA GLN C 547 14.85 29.80 -31.03
C GLN C 547 14.01 29.97 -32.30
N LYS C 548 14.36 29.20 -33.33
CA LYS C 548 13.72 29.31 -34.63
C LYS C 548 12.32 28.70 -34.57
N ALA C 549 12.17 27.61 -33.82
CA ALA C 549 10.90 26.93 -33.66
C ALA C 549 9.88 27.85 -32.97
N ALA C 550 10.33 28.54 -31.92
CA ALA C 550 9.48 29.44 -31.14
C ALA C 550 9.02 30.63 -31.99
N GLU C 551 9.96 31.16 -32.79
CA GLU C 551 9.70 32.28 -33.68
C GLU C 551 8.75 31.86 -34.80
N TYR C 552 9.05 30.70 -35.41
CA TYR C 552 8.19 30.17 -36.45
C TYR C 552 6.78 29.91 -35.91
N TYR C 553 6.68 29.28 -34.73
CA TYR C 553 5.37 29.05 -34.16
C TYR C 553 4.61 30.37 -33.91
N LYS C 554 5.30 31.36 -33.34
CA LYS C 554 4.72 32.66 -33.07
C LYS C 554 4.18 33.32 -34.35
N ASN C 555 4.88 33.14 -35.48
CA ASN C 555 4.56 33.86 -36.71
C ASN C 555 3.53 33.11 -37.55
N ASN C 556 3.48 31.79 -37.41
CA ASN C 556 2.70 30.98 -38.34
C ASN C 556 2.01 29.86 -37.57
N PRO C 557 1.18 30.16 -36.54
CA PRO C 557 0.56 29.09 -35.74
C PRO C 557 -0.63 28.52 -36.48
N GLY C 558 -0.89 27.22 -36.30
CA GLY C 558 -2.07 26.63 -36.89
C GLY C 558 -3.31 27.13 -36.17
N ASN C 559 -3.15 27.54 -34.90
CA ASN C 559 -4.26 28.12 -34.16
C ASN C 559 -3.84 29.44 -33.51
N GLU C 560 -4.37 30.52 -34.05
CA GLU C 560 -4.03 31.88 -33.62
C GLU C 560 -4.49 32.12 -32.19
N ARG C 561 -5.61 31.52 -31.79
CA ARG C 561 -6.06 31.60 -30.41
C ARG C 561 -5.01 31.02 -29.46
N THR C 562 -4.44 29.87 -29.82
CA THR C 562 -3.45 29.22 -28.98
C THR C 562 -2.23 30.12 -28.80
N ARG C 563 -1.72 30.64 -29.92
CA ARG C 563 -0.52 31.45 -30.00
C ARG C 563 -0.67 32.68 -29.09
N ASP C 564 -1.82 33.35 -29.18
CA ASP C 564 -2.06 34.56 -28.40
C ASP C 564 -2.08 34.25 -26.90
N GLN C 565 -2.58 33.07 -26.52
CA GLN C 565 -2.69 32.68 -25.13
C GLN C 565 -1.30 32.33 -24.58
N ILE C 566 -0.39 31.86 -25.44
CA ILE C 566 0.93 31.43 -24.97
C ILE C 566 2.04 32.40 -25.41
N ILE C 567 1.69 33.63 -25.79
CA ILE C 567 2.65 34.55 -26.39
C ILE C 567 3.77 34.88 -25.38
N TYR C 568 3.44 34.94 -24.08
CA TYR C 568 4.41 35.26 -23.04
C TYR C 568 5.57 34.27 -23.11
N TRP C 569 5.25 32.98 -23.28
CA TRP C 569 6.28 31.96 -23.29
C TRP C 569 7.07 31.99 -24.60
N LEU C 570 6.43 32.45 -25.68
CA LEU C 570 7.11 32.45 -26.98
C LEU C 570 8.17 33.55 -27.01
N ASN C 571 7.88 34.67 -26.36
CA ASN C 571 8.80 35.81 -26.21
C ASN C 571 9.87 35.48 -25.18
N CYS C 572 9.48 34.79 -24.11
CA CYS C 572 10.46 34.30 -23.15
C CYS C 572 11.50 33.42 -23.85
N TRP C 573 11.06 32.59 -24.81
CA TRP C 573 11.94 31.71 -25.57
C TRP C 573 13.04 32.47 -26.31
N GLU C 574 12.68 33.55 -27.01
CA GLU C 574 13.65 34.31 -27.80
C GLU C 574 14.82 34.78 -26.92
N ASP C 575 14.50 35.37 -25.76
CA ASP C 575 15.49 35.90 -24.84
C ASP C 575 16.29 34.78 -24.17
N THR C 576 15.58 33.73 -23.73
CA THR C 576 16.22 32.58 -23.12
C THR C 576 17.26 31.97 -24.07
N MET C 577 16.96 31.91 -25.37
CA MET C 577 17.88 31.28 -26.30
C MET C 577 19.06 32.21 -26.63
N ASP C 578 18.80 33.52 -26.61
CA ASP C 578 19.85 34.51 -26.75
C ASP C 578 20.90 34.31 -25.65
N ALA C 579 20.41 34.05 -24.43
CA ALA C 579 21.23 33.94 -23.22
C ALA C 579 22.16 32.73 -23.34
N ALA C 580 21.59 31.57 -23.66
CA ALA C 580 22.34 30.35 -23.81
C ALA C 580 23.34 30.47 -24.98
N ILE C 581 22.89 31.02 -26.11
CA ILE C 581 23.77 31.11 -27.27
C ILE C 581 24.94 32.05 -26.93
N GLY C 582 24.64 33.24 -26.41
CA GLY C 582 25.68 34.18 -26.02
C GLY C 582 26.81 33.54 -25.21
N TYR C 583 26.43 32.83 -24.13
CA TYR C 583 27.37 32.24 -23.19
C TYR C 583 28.15 31.09 -23.83
N LEU C 584 27.54 30.40 -24.78
CA LEU C 584 28.29 29.36 -25.49
C LEU C 584 29.34 30.02 -26.39
N LYS C 585 28.95 31.13 -27.04
CA LYS C 585 29.82 31.92 -27.90
C LYS C 585 31.00 32.44 -27.07
N SER C 586 30.72 32.80 -25.81
CA SER C 586 31.75 33.29 -24.91
C SER C 586 32.77 32.19 -24.57
N ALA C 589 35.40 31.41 -27.96
CA ALA C 589 35.84 32.81 -27.80
C ALA C 589 37.02 32.88 -26.83
N ILE C 590 36.83 32.35 -25.61
CA ILE C 590 37.91 32.27 -24.64
C ILE C 590 38.91 31.22 -25.09
N GLU C 591 38.40 30.17 -25.76
CA GLU C 591 39.19 29.02 -26.20
C GLU C 591 39.95 29.34 -27.50
N GLU C 592 39.49 30.38 -28.22
CA GLU C 592 40.19 30.89 -29.39
C GLU C 592 41.14 32.00 -28.98
N GLY C 593 40.91 32.57 -27.79
CA GLY C 593 41.73 33.63 -27.25
C GLY C 593 41.14 35.02 -27.52
N ASP C 594 39.92 35.06 -28.06
CA ASP C 594 39.31 36.31 -28.47
C ASP C 594 38.70 37.00 -27.25
N ASP C 595 39.45 37.96 -26.68
CA ASP C 595 39.16 38.55 -25.40
C ASP C 595 38.06 39.61 -25.53
N GLU C 596 37.82 40.08 -26.75
CA GLU C 596 36.79 41.09 -26.97
C GLU C 596 35.42 40.43 -27.08
N ALA C 597 35.39 39.29 -27.79
CA ALA C 597 34.17 38.57 -28.11
C ALA C 597 33.75 37.68 -26.93
N ALA C 598 34.74 37.21 -26.15
CA ALA C 598 34.47 36.47 -24.93
C ALA C 598 33.81 37.38 -23.90
N TRP C 599 34.13 38.68 -23.94
CA TRP C 599 33.48 39.62 -23.04
C TRP C 599 32.12 40.06 -23.60
N ALA C 600 32.04 40.40 -24.89
CA ALA C 600 30.86 41.02 -25.47
C ALA C 600 29.66 40.08 -25.45
N ASN C 601 29.90 38.83 -25.86
CA ASN C 601 28.93 37.75 -25.90
C ASN C 601 28.44 37.38 -24.51
N TYR C 602 29.32 37.54 -23.50
CA TYR C 602 28.97 37.32 -22.11
C TYR C 602 27.94 38.36 -21.68
N SER C 603 28.27 39.63 -21.93
CA SER C 603 27.44 40.75 -21.54
C SER C 603 26.14 40.75 -22.34
N GLU C 604 26.20 40.23 -23.57
CA GLU C 604 24.99 40.09 -24.39
C GLU C 604 24.07 39.09 -23.69
N ALA C 605 24.66 37.93 -23.34
CA ALA C 605 23.94 36.78 -22.82
C ALA C 605 23.34 37.10 -21.45
N GLN C 606 24.05 37.93 -20.68
CA GLN C 606 23.57 38.43 -19.40
C GLN C 606 22.29 39.23 -19.59
N SER C 607 22.29 40.15 -20.56
CA SER C 607 21.21 41.09 -20.77
C SER C 607 19.95 40.40 -21.30
N ALA C 608 20.14 39.41 -22.19
CA ALA C 608 19.05 38.65 -22.77
C ALA C 608 18.31 37.85 -21.69
N PHE C 609 19.06 37.32 -20.71
CA PHE C 609 18.46 36.53 -19.65
C PHE C 609 17.54 37.39 -18.80
N GLU C 610 17.94 38.64 -18.57
CA GLU C 610 17.18 39.53 -17.72
C GLU C 610 15.87 39.89 -18.41
N LYS C 611 15.93 40.09 -19.74
CA LYS C 611 14.76 40.46 -20.51
C LYS C 611 13.77 39.29 -20.54
N SER C 612 14.29 38.07 -20.37
CA SER C 612 13.51 36.85 -20.49
C SER C 612 12.44 36.77 -19.40
N LYS C 613 12.57 37.60 -18.36
CA LYS C 613 11.72 37.49 -17.18
C LYS C 613 10.69 38.61 -17.16
N THR C 614 10.50 39.27 -18.32
CA THR C 614 9.67 40.47 -18.42
C THR C 614 8.28 40.21 -19.02
N TYR C 615 7.93 38.96 -19.33
CA TYR C 615 6.66 38.69 -20.02
C TYR C 615 5.58 38.26 -19.02
N GLY C 616 4.82 39.26 -18.54
CA GLY C 616 3.83 39.08 -17.50
C GLY C 616 2.41 38.85 -18.03
N PHE C 617 1.66 38.02 -17.30
CA PHE C 617 0.23 37.84 -17.50
C PHE C 617 -0.45 37.85 -16.13
N HIS C 618 -1.73 38.20 -16.15
CA HIS C 618 -2.54 38.29 -14.95
C HIS C 618 -2.79 36.89 -14.39
N TYR C 619 -2.57 36.73 -13.09
CA TYR C 619 -2.93 35.52 -12.37
C TYR C 619 -3.75 35.89 -11.13
N VAL C 620 -5.06 36.07 -11.35
CA VAL C 620 -6.09 36.22 -10.34
C VAL C 620 -5.99 37.58 -9.65
N ASP C 621 -4.85 37.86 -8.99
CA ASP C 621 -4.77 39.06 -8.18
C ASP C 621 -3.37 39.66 -8.19
N HIS C 622 -2.53 39.25 -9.16
CA HIS C 622 -1.16 39.71 -9.31
C HIS C 622 -0.68 39.29 -10.70
N THR C 623 0.59 39.61 -11.01
CA THR C 623 1.18 39.30 -12.30
C THR C 623 2.18 38.16 -12.14
N GLU C 624 2.10 37.18 -13.05
CA GLU C 624 3.13 36.15 -13.16
C GLU C 624 3.93 36.39 -14.43
N TYR C 625 5.18 35.94 -14.42
CA TYR C 625 6.09 36.17 -15.53
C TYR C 625 6.48 34.81 -16.12
N ALA C 626 6.22 34.63 -17.41
CA ALA C 626 6.50 33.37 -18.08
C ALA C 626 7.98 33.00 -17.94
N GLU C 627 8.23 31.70 -17.83
CA GLU C 627 9.55 31.11 -17.81
C GLU C 627 9.47 29.81 -18.59
N VAL C 628 10.51 29.49 -19.35
CA VAL C 628 10.61 28.25 -20.11
C VAL C 628 11.93 27.56 -19.75
N GLY C 629 11.99 26.24 -19.96
CA GLY C 629 13.18 25.43 -19.74
C GLY C 629 13.70 25.49 -18.29
N VAL C 630 12.77 25.39 -17.33
CA VAL C 630 13.07 25.58 -15.92
C VAL C 630 13.98 24.47 -15.37
N GLN C 631 13.90 23.25 -15.92
CA GLN C 631 14.55 22.12 -15.28
C GLN C 631 16.05 22.06 -15.58
N HIS C 632 16.42 22.19 -16.87
CA HIS C 632 17.79 22.03 -17.35
C HIS C 632 18.31 23.30 -18.01
N ILE C 633 17.51 23.91 -18.90
CA ILE C 633 18.00 25.04 -19.71
C ILE C 633 18.32 26.23 -18.81
N VAL C 634 17.42 26.57 -17.88
CA VAL C 634 17.65 27.71 -17.00
C VAL C 634 18.84 27.46 -16.07
N PRO C 635 18.99 26.27 -15.43
CA PRO C 635 20.17 26.01 -14.60
C PRO C 635 21.47 26.13 -15.40
N PHE C 636 21.47 25.56 -16.62
CA PHE C 636 22.61 25.56 -17.52
C PHE C 636 23.07 26.99 -17.79
N ILE C 637 22.13 27.88 -18.11
CA ILE C 637 22.44 29.27 -18.41
C ILE C 637 23.15 29.90 -17.20
N LYS C 638 22.59 29.74 -16.00
CA LYS C 638 23.23 30.23 -14.78
C LYS C 638 24.55 29.52 -14.51
N SER C 639 24.62 28.21 -14.78
CA SER C 639 25.83 27.41 -14.59
C SER C 639 26.96 27.98 -15.45
N MET C 640 26.67 28.20 -16.74
CA MET C 640 27.55 28.83 -17.70
C MET C 640 27.84 30.26 -17.26
N GLY C 641 26.76 30.99 -16.94
CA GLY C 641 26.87 32.37 -16.48
C GLY C 641 27.94 32.50 -15.41
N GLN C 642 27.81 31.67 -14.37
CA GLN C 642 28.67 31.71 -13.20
C GLN C 642 30.11 31.38 -13.58
N ASN C 643 30.30 30.27 -14.31
CA ASN C 643 31.60 29.67 -14.58
C ASN C 643 32.54 30.64 -15.31
N LEU C 644 32.06 31.29 -16.37
CA LEU C 644 32.84 32.28 -17.08
C LEU C 644 32.41 33.70 -16.66
N PHE D 31 -3.35 17.89 50.29
CA PHE D 31 -4.34 18.65 51.11
C PHE D 31 -4.95 19.80 50.31
N TYR D 32 -4.12 20.68 49.72
CA TYR D 32 -4.69 21.68 48.82
C TYR D 32 -4.97 21.04 47.47
N GLU D 33 -6.09 21.43 46.85
CA GLU D 33 -6.39 21.06 45.48
C GLU D 33 -5.75 22.11 44.57
N ILE D 34 -4.83 21.65 43.71
CA ILE D 34 -4.07 22.54 42.82
C ILE D 34 -4.13 22.03 41.39
N TYR D 35 -4.56 22.92 40.48
CA TYR D 35 -4.58 22.64 39.04
C TYR D 35 -3.81 23.74 38.31
N PRO D 36 -2.99 23.39 37.31
CA PRO D 36 -2.66 21.99 37.03
C PRO D 36 -1.94 21.34 38.22
N LYS D 37 -1.96 20.00 38.25
CA LYS D 37 -1.29 19.22 39.28
C LYS D 37 0.20 19.56 39.31
N PRO D 38 0.73 20.04 40.46
CA PRO D 38 2.16 20.31 40.61
C PRO D 38 3.00 19.06 40.31
N GLN D 39 4.17 19.26 39.68
CA GLN D 39 4.97 18.11 39.30
C GLN D 39 5.37 17.35 40.57
N GLU D 40 5.81 18.10 41.58
CA GLU D 40 6.13 17.54 42.88
C GLU D 40 5.65 18.48 43.98
N ILE D 41 4.98 17.93 45.00
CA ILE D 41 4.57 18.72 46.15
C ILE D 41 4.62 17.88 47.41
N SER D 42 5.30 18.41 48.43
CA SER D 42 5.37 17.73 49.71
C SER D 42 5.06 18.72 50.83
N TYR D 43 4.35 18.21 51.85
CA TYR D 43 4.02 18.96 53.04
C TYR D 43 4.90 18.44 54.19
N SER D 44 5.89 19.25 54.60
CA SER D 44 6.41 19.08 55.94
C SER D 44 5.29 19.54 56.86
N GLY D 45 5.04 18.78 57.94
CA GLY D 45 3.97 19.15 58.85
C GLY D 45 4.10 20.61 59.30
N GLY D 46 3.10 21.11 60.01
CA GLY D 46 3.20 22.47 60.53
C GLY D 46 2.50 23.46 59.61
N GLU D 47 2.20 24.64 60.16
CA GLU D 47 1.36 25.64 59.54
C GLU D 47 1.57 26.97 60.26
N PHE D 48 0.99 28.06 59.72
CA PHE D 48 1.10 29.36 60.36
C PHE D 48 -0.02 30.27 59.88
N GLN D 49 -0.26 31.32 60.67
CA GLN D 49 -1.21 32.36 60.33
C GLN D 49 -0.45 33.47 59.63
N ILE D 50 -1.00 33.88 58.48
CA ILE D 50 -0.47 34.99 57.70
C ILE D 50 -0.89 36.27 58.40
N SER D 51 0.10 37.12 58.72
CA SER D 51 -0.11 38.40 59.36
C SER D 51 -0.91 39.33 58.46
N ASP D 52 -1.62 40.27 59.08
CA ASP D 52 -2.48 41.25 58.43
C ASP D 52 -1.67 42.20 57.54
N GLU D 53 -0.39 42.40 57.87
CA GLU D 53 0.49 43.17 57.01
C GLU D 53 1.61 42.29 56.46
N ILE D 54 1.90 42.47 55.17
CA ILE D 54 2.79 41.61 54.41
C ILE D 54 3.97 42.45 53.92
N ASN D 55 5.17 41.89 54.03
CA ASN D 55 6.34 42.47 53.39
C ASN D 55 6.59 41.71 52.09
N ILE D 56 6.52 42.43 50.97
CA ILE D 56 6.81 41.87 49.65
C ILE D 56 8.24 42.24 49.26
N VAL D 57 8.96 41.25 48.72
CA VAL D 57 10.21 41.53 48.03
C VAL D 57 10.09 41.00 46.62
N TYR D 58 10.65 41.77 45.67
CA TYR D 58 10.81 41.35 44.29
C TYR D 58 12.28 41.42 43.90
N ASP D 59 12.69 40.52 42.99
CA ASP D 59 13.93 40.66 42.26
C ASP D 59 13.68 41.51 41.02
N ASP D 60 14.75 42.09 40.45
CA ASP D 60 14.72 42.71 39.14
C ASP D 60 14.32 41.67 38.11
N GLY D 61 13.47 42.06 37.16
CA GLY D 61 13.02 41.13 36.12
C GLY D 61 11.55 40.73 36.27
N ILE D 62 11.03 40.74 37.50
CA ILE D 62 9.61 40.54 37.76
C ILE D 62 8.82 41.68 37.09
N ASP D 63 7.86 41.32 36.22
CA ASP D 63 7.17 42.33 35.44
C ASP D 63 6.01 42.92 36.24
N THR D 64 5.42 44.01 35.72
CA THR D 64 4.30 44.67 36.37
C THR D 64 3.12 43.71 36.51
N TYR D 65 2.97 42.76 35.57
CA TYR D 65 1.81 41.88 35.56
C TYR D 65 1.87 40.90 36.74
N THR D 66 3.06 40.42 37.06
CA THR D 66 3.25 39.54 38.20
C THR D 66 2.96 40.30 39.49
N LYS D 67 3.38 41.58 39.53
CA LYS D 67 3.23 42.38 40.74
C LYS D 67 1.74 42.64 40.95
N LYS D 68 1.05 42.98 39.86
CA LYS D 68 -0.38 43.20 39.87
C LYS D 68 -1.12 41.98 40.41
N ARG D 69 -0.82 40.79 39.85
CA ARG D 69 -1.42 39.57 40.39
C ARG D 69 -1.17 39.44 41.89
N VAL D 70 0.05 39.73 42.35
CA VAL D 70 0.32 39.59 43.78
C VAL D 70 -0.59 40.53 44.58
N ASP D 71 -0.66 41.81 44.16
CA ASP D 71 -1.51 42.80 44.80
C ASP D 71 -2.95 42.28 44.89
N GLU D 72 -3.47 41.79 43.74
CA GLU D 72 -4.82 41.25 43.61
C GLU D 72 -5.04 40.07 44.56
N VAL D 73 -4.04 39.19 44.70
CA VAL D 73 -4.21 38.02 45.55
C VAL D 73 -4.33 38.47 47.00
N LEU D 74 -3.42 39.35 47.45
CA LEU D 74 -3.44 39.75 48.85
C LEU D 74 -4.70 40.56 49.16
N GLU D 75 -5.07 41.50 48.28
CA GLU D 75 -6.27 42.34 48.43
C GLU D 75 -7.52 41.49 48.63
N ALA D 76 -7.64 40.39 47.86
CA ALA D 76 -8.77 39.47 47.91
C ALA D 76 -8.79 38.68 49.22
N SER D 77 -7.67 38.60 49.93
CA SER D 77 -7.65 37.96 51.23
C SER D 77 -7.73 39.01 52.35
N ASN D 78 -7.94 40.28 51.98
CA ASN D 78 -8.05 41.40 52.92
C ASN D 78 -6.73 41.60 53.66
N LEU D 79 -5.62 41.52 52.92
CA LEU D 79 -4.30 41.65 53.50
C LEU D 79 -3.67 42.94 52.99
N GLU D 80 -2.95 43.64 53.88
CA GLU D 80 -2.27 44.88 53.52
C GLU D 80 -0.78 44.58 53.31
N ALA D 81 -0.21 45.14 52.24
CA ALA D 81 1.12 44.74 51.81
C ALA D 81 1.98 45.96 51.52
N THR D 82 3.27 45.81 51.82
CA THR D 82 4.28 46.80 51.53
C THR D 82 5.41 46.13 50.76
N VAL D 83 6.02 46.88 49.85
CA VAL D 83 7.18 46.44 49.08
C VAL D 83 8.43 47.06 49.72
N SER D 84 9.41 46.22 50.05
CA SER D 84 10.73 46.68 50.44
C SER D 84 11.78 45.82 49.72
N ASN D 85 13.06 46.03 50.03
CA ASN D 85 14.09 45.28 49.32
C ASN D 85 14.79 44.32 50.29
N GLU D 86 14.16 44.09 51.45
CA GLU D 86 14.75 43.31 52.52
C GLU D 86 13.68 42.41 53.15
N ILE D 87 14.13 41.27 53.69
CA ILE D 87 13.32 40.42 54.54
C ILE D 87 13.17 41.11 55.89
N VAL D 88 11.91 41.30 56.32
CA VAL D 88 11.58 41.93 57.59
C VAL D 88 11.12 40.84 58.55
N PRO D 89 11.81 40.63 59.70
CA PRO D 89 11.33 39.65 60.67
C PRO D 89 10.09 40.18 61.38
N GLY D 90 9.26 39.27 61.91
CA GLY D 90 8.14 39.65 62.76
C GLY D 90 6.81 39.78 62.01
N LYS D 91 6.81 39.50 60.70
CA LYS D 91 5.61 39.51 59.90
C LYS D 91 5.79 38.56 58.70
N THR D 92 4.67 38.19 58.05
CA THR D 92 4.74 37.29 56.91
C THR D 92 5.41 38.01 55.74
N ASN D 93 6.37 37.32 55.10
CA ASN D 93 7.10 37.83 53.95
C ASN D 93 6.65 37.11 52.68
N PHE D 94 6.48 37.90 51.61
CA PHE D 94 6.10 37.41 50.30
C PHE D 94 7.23 37.70 49.31
N LEU D 95 7.94 36.64 48.87
CA LEU D 95 9.11 36.82 48.03
C LEU D 95 8.82 36.27 46.64
N VAL D 96 8.93 37.13 45.61
CA VAL D 96 8.83 36.66 44.25
C VAL D 96 10.09 37.09 43.49
N GLY D 97 10.78 36.11 42.89
CA GLY D 97 12.09 36.37 42.31
C GLY D 97 12.47 35.42 41.17
N ILE D 98 13.63 35.70 40.59
CA ILE D 98 14.11 35.02 39.40
C ILE D 98 15.49 34.45 39.70
N ASN D 99 15.64 33.15 39.41
CA ASN D 99 16.90 32.45 39.60
C ASN D 99 18.00 33.15 38.83
N GLU D 100 19.15 33.36 39.51
CA GLU D 100 20.39 33.87 38.94
C GLU D 100 20.29 35.37 38.64
N SER D 101 19.35 36.04 39.31
CA SER D 101 19.15 37.47 39.13
C SER D 101 20.12 38.24 40.02
N GLY D 102 20.70 37.54 41.00
CA GLY D 102 21.46 38.19 42.05
C GLY D 102 20.61 39.15 42.87
N GLY D 103 19.34 38.78 43.08
CA GLY D 103 18.47 39.56 43.95
C GLY D 103 18.36 38.94 45.34
N VAL D 104 17.61 39.60 46.21
CA VAL D 104 17.40 39.18 47.59
C VAL D 104 16.67 37.84 47.62
N VAL D 105 15.68 37.67 46.74
CA VAL D 105 14.88 36.45 46.70
C VAL D 105 15.75 35.27 46.26
N ASP D 106 16.46 35.47 45.15
CA ASP D 106 17.41 34.54 44.57
C ASP D 106 18.37 34.06 45.65
N ASN D 107 18.96 35.01 46.39
CA ASN D 107 19.92 34.71 47.44
C ASN D 107 19.23 33.98 48.59
N TYR D 108 18.05 34.48 49.01
CA TYR D 108 17.30 33.84 50.09
C TYR D 108 17.08 32.35 49.78
N PHE D 109 16.62 32.04 48.55
CA PHE D 109 16.38 30.66 48.17
C PHE D 109 17.68 29.86 48.19
N ASN D 110 18.77 30.46 47.69
CA ASN D 110 20.03 29.73 47.65
C ASN D 110 20.38 29.32 49.09
N LYS D 111 20.21 30.27 50.01
CA LYS D 111 20.58 30.11 51.41
C LYS D 111 19.61 29.19 52.15
N ASN D 112 18.29 29.27 51.86
CA ASN D 112 17.29 28.71 52.76
C ASN D 112 16.51 27.56 52.15
N ILE D 113 16.40 27.52 50.82
CA ILE D 113 15.58 26.53 50.17
C ILE D 113 16.44 25.73 49.18
N PRO D 114 16.97 24.57 49.63
CA PRO D 114 17.93 23.77 48.84
C PRO D 114 17.35 23.29 47.50
N HIS D 115 18.12 23.50 46.44
CA HIS D 115 17.75 23.01 45.12
C HIS D 115 19.01 22.85 44.27
N ASP D 116 18.85 22.31 43.05
CA ASP D 116 19.90 22.24 42.07
C ASP D 116 19.68 23.32 41.00
N GLU D 117 20.75 24.03 40.63
CA GLU D 117 20.64 25.07 39.62
C GLU D 117 20.23 24.44 38.30
N SER D 118 20.63 23.18 38.09
CA SER D 118 20.33 22.45 36.86
C SER D 118 18.82 22.30 36.64
N PHE D 119 18.06 22.32 37.74
CA PHE D 119 16.60 22.22 37.70
C PHE D 119 16.02 23.23 36.72
N PHE D 120 16.51 24.47 36.77
CA PHE D 120 15.95 25.55 35.98
C PHE D 120 16.35 25.46 34.51
N ASP D 121 17.44 24.73 34.23
CA ASP D 121 17.92 24.60 32.87
C ASP D 121 17.26 23.41 32.18
N GLU D 122 16.91 22.39 32.96
CA GLU D 122 16.49 21.10 32.43
C GLU D 122 14.98 21.03 32.28
N LYS D 123 14.24 21.84 33.05
CA LYS D 123 12.79 21.86 33.01
C LYS D 123 12.32 23.20 32.47
N MET D 124 11.17 23.18 31.78
CA MET D 124 10.54 24.35 31.18
C MET D 124 9.55 24.95 32.17
N ASP D 125 9.50 26.30 32.22
CA ASP D 125 8.60 27.05 33.09
C ASP D 125 8.81 26.63 34.53
N ALA D 126 10.08 26.41 34.92
CA ALA D 126 10.45 25.89 36.22
C ALA D 126 10.25 26.97 37.30
N ASN D 127 9.56 26.56 38.38
CA ASN D 127 9.32 27.43 39.52
C ASN D 127 9.25 26.59 40.79
N ILE D 128 9.74 27.17 41.89
CA ILE D 128 9.59 26.55 43.20
C ILE D 128 8.75 27.49 44.06
N VAL D 129 7.71 26.93 44.67
CA VAL D 129 6.85 27.64 45.62
C VAL D 129 7.15 27.07 47.00
N SER D 130 7.58 27.95 47.90
CA SER D 130 7.92 27.59 49.26
C SER D 130 7.09 28.41 50.26
N VAL D 131 6.33 27.68 51.07
CA VAL D 131 5.56 28.19 52.20
C VAL D 131 6.11 27.52 53.45
N LYS D 132 6.88 28.27 54.24
CA LYS D 132 7.38 27.74 55.50
C LYS D 132 7.54 28.85 56.53
N ASP D 133 6.80 28.71 57.64
CA ASP D 133 6.98 29.48 58.88
C ASP D 133 7.25 30.96 58.62
N GLY D 134 6.32 31.63 57.94
CA GLY D 134 6.33 33.08 57.87
C GLY D 134 6.87 33.60 56.53
N VAL D 135 7.45 32.70 55.74
CA VAL D 135 8.04 33.10 54.47
C VAL D 135 7.30 32.36 53.34
N ILE D 136 6.63 33.14 52.50
CA ILE D 136 6.00 32.62 51.29
C ILE D 136 6.82 33.09 50.12
N GLY D 137 7.36 32.13 49.35
CA GLY D 137 8.34 32.46 48.33
C GLY D 137 8.06 31.76 47.01
N VAL D 138 8.33 32.47 45.91
CA VAL D 138 8.37 31.88 44.58
C VAL D 138 9.72 32.24 43.96
N ILE D 139 10.38 31.26 43.37
CA ILE D 139 11.56 31.55 42.56
C ILE D 139 11.38 30.84 41.22
N ALA D 140 11.70 31.56 40.15
CA ALA D 140 11.38 31.05 38.83
C ALA D 140 12.53 31.34 37.88
N GLU D 141 12.50 30.70 36.71
CA GLU D 141 13.56 30.90 35.74
C GLU D 141 13.33 32.21 34.97
N ASP D 142 12.07 32.66 34.90
CA ASP D 142 11.74 33.90 34.20
C ASP D 142 10.45 34.46 34.80
N THR D 143 10.05 35.68 34.39
CA THR D 143 8.89 36.32 35.00
C THR D 143 7.58 35.62 34.67
N ASP D 144 7.49 34.98 33.48
CA ASP D 144 6.31 34.19 33.15
C ASP D 144 6.12 33.08 34.18
N SER D 145 7.17 32.30 34.44
CA SER D 145 7.08 31.17 35.35
C SER D 145 6.92 31.61 36.81
N ALA D 146 7.43 32.80 37.13
CA ALA D 146 7.16 33.42 38.43
C ALA D 146 5.67 33.73 38.58
N PHE D 147 5.05 34.14 37.47
CA PHE D 147 3.61 34.41 37.45
C PHE D 147 2.84 33.12 37.69
N TYR D 148 3.35 32.01 37.12
CA TYR D 148 2.77 30.69 37.32
C TYR D 148 2.84 30.30 38.81
N GLY D 149 4.01 30.48 39.42
CA GLY D 149 4.19 30.21 40.84
C GLY D 149 3.17 30.98 41.69
N VAL D 150 2.98 32.25 41.36
CA VAL D 150 2.08 33.13 42.09
C VAL D 150 0.63 32.69 41.88
N THR D 151 0.34 32.10 40.72
CA THR D 151 -0.99 31.64 40.37
C THR D 151 -1.31 30.38 41.18
N THR D 152 -0.33 29.50 41.37
CA THR D 152 -0.53 28.40 42.29
C THR D 152 -0.97 28.92 43.66
N LEU D 153 -0.34 30.01 44.13
CA LEU D 153 -0.62 30.56 45.45
C LEU D 153 -2.01 31.23 45.47
N LYS D 154 -2.41 31.87 44.37
CA LYS D 154 -3.78 32.35 44.19
C LYS D 154 -4.77 31.25 44.56
N HIS D 155 -4.53 30.02 44.09
CA HIS D 155 -5.45 28.91 44.27
C HIS D 155 -5.44 28.40 45.71
N VAL D 156 -4.23 28.41 46.29
CA VAL D 156 -3.99 28.06 47.69
C VAL D 156 -4.70 29.08 48.59
N PHE D 157 -4.58 30.37 48.27
CA PHE D 157 -5.19 31.41 49.09
C PHE D 157 -6.71 31.32 49.10
N ASN D 158 -7.31 30.66 48.09
CA ASN D 158 -8.76 30.50 48.00
C ASN D 158 -9.19 29.30 48.85
N GLN D 159 -8.22 28.55 49.38
CA GLN D 159 -8.54 27.38 50.19
C GLN D 159 -8.06 27.56 51.63
N LEU D 160 -7.81 28.82 52.06
CA LEU D 160 -7.21 29.09 53.35
C LEU D 160 -8.20 28.85 54.50
N GLU D 161 -7.72 28.15 55.53
CA GLU D 161 -8.54 27.73 56.66
C GLU D 161 -8.44 28.77 57.78
N GLU D 162 -9.54 28.88 58.55
CA GLU D 162 -9.62 29.71 59.74
C GLU D 162 -9.20 31.14 59.41
N GLY D 163 -8.38 31.75 60.28
CA GLY D 163 -7.90 33.10 60.06
C GLY D 163 -6.62 33.12 59.22
N ASN D 164 -6.79 32.83 57.92
CA ASN D 164 -5.71 32.82 56.96
C ASN D 164 -4.58 31.91 57.44
N GLU D 165 -4.94 30.71 57.90
CA GLU D 165 -3.94 29.71 58.25
C GLU D 165 -3.50 29.00 56.98
N ILE D 166 -2.18 28.89 56.77
CA ILE D 166 -1.61 28.22 55.61
C ILE D 166 -0.62 27.15 56.06
N LYS D 167 -0.66 25.98 55.41
CA LYS D 167 0.20 24.86 55.74
C LYS D 167 1.55 25.00 55.03
N ASN D 168 2.63 24.64 55.76
CA ASN D 168 3.96 24.53 55.20
C ASN D 168 3.93 23.53 54.05
N PHE D 169 4.40 23.97 52.86
CA PHE D 169 4.62 23.06 51.75
C PHE D 169 5.72 23.58 50.82
N ARG D 170 6.18 22.71 49.92
CA ARG D 170 7.10 23.08 48.87
C ARG D 170 6.64 22.39 47.59
N ALA D 171 6.53 23.18 46.51
CA ALA D 171 6.22 22.63 45.21
C ALA D 171 7.39 22.88 44.26
N ASP D 172 7.91 21.81 43.65
CA ASP D 172 8.92 21.98 42.60
C ASP D 172 8.22 21.69 41.27
N ASP D 173 7.96 22.76 40.48
CA ASP D 173 6.96 22.69 39.43
C ASP D 173 7.56 23.12 38.09
N TYR D 174 7.02 22.54 37.00
CA TYR D 174 7.50 22.81 35.66
C TYR D 174 6.48 22.26 34.65
N ALA D 175 6.51 22.80 33.44
CA ALA D 175 5.60 22.37 32.40
C ALA D 175 6.27 21.28 31.56
N GLU D 176 5.50 20.24 31.22
CA GLU D 176 6.03 19.20 30.34
C GLU D 176 5.84 19.53 28.86
N VAL D 177 4.93 20.48 28.55
CA VAL D 177 4.68 20.99 27.19
C VAL D 177 4.86 22.52 27.21
N ALA D 178 5.65 23.02 26.27
CA ALA D 178 6.12 24.39 26.26
C ALA D 178 5.00 25.36 25.87
N HIS D 179 4.14 24.94 24.94
CA HIS D 179 3.13 25.82 24.38
C HIS D 179 1.75 25.23 24.63
N ARG D 180 0.89 25.97 25.37
CA ARG D 180 -0.35 25.43 25.91
C ARG D 180 -1.48 26.44 25.76
N GLY D 181 -2.55 26.06 25.06
CA GLY D 181 -3.65 27.02 24.95
C GLY D 181 -4.73 26.58 23.98
N PHE D 182 -5.31 27.57 23.30
CA PHE D 182 -6.46 27.38 22.44
C PHE D 182 -6.40 28.34 21.26
N ILE D 183 -7.14 28.01 20.19
CA ILE D 183 -7.17 28.77 18.96
C ILE D 183 -8.62 28.99 18.52
N GLU D 184 -8.92 30.23 18.15
CA GLU D 184 -10.16 30.57 17.49
C GLU D 184 -10.06 30.24 16.01
N GLY D 185 -10.31 28.97 15.65
CA GLY D 185 -10.04 28.53 14.29
C GLY D 185 -11.10 27.57 13.75
N TYR D 186 -12.33 27.67 14.28
CA TYR D 186 -13.39 26.74 13.95
C TYR D 186 -14.30 27.41 12.93
N TYR D 187 -15.20 26.63 12.31
CA TYR D 187 -16.17 27.26 11.44
C TYR D 187 -17.41 27.58 12.28
N GLY D 188 -17.64 28.87 12.53
CA GLY D 188 -18.72 29.29 13.43
C GLY D 188 -18.69 30.80 13.60
N ASN D 189 -19.59 31.32 14.45
CA ASN D 189 -19.58 32.74 14.79
C ASN D 189 -18.32 33.06 15.58
N PRO D 190 -17.72 34.25 15.38
CA PRO D 190 -16.57 34.66 16.18
C PRO D 190 -17.00 34.79 17.63
N TRP D 191 -16.05 34.57 18.55
CA TRP D 191 -16.17 35.01 19.93
C TRP D 191 -16.21 36.54 19.95
N SER D 192 -17.00 37.13 20.85
CA SER D 192 -16.99 38.57 21.00
C SER D 192 -15.68 38.98 21.65
N ASN D 193 -15.33 40.27 21.58
CA ASN D 193 -14.10 40.77 22.18
C ASN D 193 -14.08 40.47 23.67
N GLU D 194 -15.25 40.60 24.31
CA GLU D 194 -15.43 40.29 25.71
C GLU D 194 -15.25 38.80 25.97
N ASP D 195 -15.72 37.93 25.04
CA ASP D 195 -15.59 36.48 25.16
C ASP D 195 -14.10 36.10 25.19
N ARG D 196 -13.32 36.74 24.31
CA ARG D 196 -11.92 36.44 24.16
C ARG D 196 -11.20 36.76 25.47
N ALA D 197 -11.52 37.93 26.05
CA ALA D 197 -10.92 38.43 27.27
C ALA D 197 -11.23 37.46 28.41
N GLU D 198 -12.49 37.02 28.46
CA GLU D 198 -12.94 36.08 29.47
C GLU D 198 -12.21 34.73 29.36
N LEU D 199 -11.90 34.29 28.12
CA LEU D 199 -11.26 32.99 27.96
C LEU D 199 -9.79 33.07 28.35
N MET D 200 -9.16 34.20 28.02
CA MET D 200 -7.76 34.45 28.38
C MET D 200 -7.63 34.53 29.90
N LYS D 201 -8.57 35.25 30.54
CA LYS D 201 -8.64 35.35 31.99
C LYS D 201 -8.69 33.95 32.61
N PHE D 202 -9.58 33.10 32.09
CA PHE D 202 -9.78 31.74 32.57
C PHE D 202 -8.51 30.92 32.39
N GLY D 203 -7.97 30.92 31.16
CA GLY D 203 -6.72 30.25 30.86
C GLY D 203 -5.60 30.74 31.77
N GLY D 204 -5.59 32.05 32.07
CA GLY D 204 -4.55 32.67 32.88
C GLY D 204 -4.55 32.21 34.34
N ASP D 205 -5.58 31.44 34.75
CA ASP D 205 -5.63 30.89 36.09
C ASP D 205 -5.01 29.48 36.15
N TYR D 206 -4.75 28.86 34.99
CA TYR D 206 -4.29 27.48 34.91
C TYR D 206 -3.05 27.36 34.01
N LYS D 207 -2.30 28.45 33.90
CA LYS D 207 -0.96 28.43 33.34
C LYS D 207 -0.95 28.20 31.83
N LEU D 208 -2.09 28.38 31.13
CA LEU D 208 -2.04 28.37 29.68
C LEU D 208 -1.26 29.60 29.18
N ASN D 209 -0.56 29.47 28.03
CA ASN D 209 0.28 30.56 27.56
C ASN D 209 0.00 30.95 26.09
N GLN D 210 -1.08 30.46 25.48
CA GLN D 210 -1.40 30.87 24.11
C GLN D 210 -2.92 30.97 23.91
N TYR D 211 -3.34 32.12 23.36
CA TYR D 211 -4.61 32.28 22.66
C TYR D 211 -4.28 32.65 21.21
N VAL D 212 -4.55 31.74 20.28
CA VAL D 212 -4.18 32.02 18.91
C VAL D 212 -5.39 32.64 18.18
N PHE D 213 -5.21 33.88 17.76
CA PHE D 213 -6.25 34.64 17.10
C PHE D 213 -6.22 34.36 15.61
N ALA D 214 -7.24 33.66 15.12
CA ALA D 214 -7.38 33.33 13.70
C ALA D 214 -8.83 33.38 13.25
N PRO D 215 -9.66 34.37 13.66
CA PRO D 215 -11.07 34.37 13.26
C PRO D 215 -11.27 34.58 11.76
N LYS D 216 -12.14 33.76 11.17
CA LYS D 216 -12.36 33.70 9.74
C LYS D 216 -12.98 35.01 9.25
N ASP D 217 -13.68 35.72 10.12
CA ASP D 217 -14.39 36.93 9.69
C ASP D 217 -13.46 38.15 9.71
N ASP D 218 -12.24 38.01 10.24
CA ASP D 218 -11.31 39.14 10.23
C ASP D 218 -10.48 39.07 8.96
N PRO D 219 -10.78 39.91 7.95
CA PRO D 219 -10.04 39.88 6.68
C PRO D 219 -8.55 40.24 6.81
N TYR D 220 -8.23 41.04 7.83
CA TYR D 220 -6.88 41.58 7.93
C TYR D 220 -5.82 40.49 8.16
N HIS D 221 -6.22 39.27 8.54
CA HIS D 221 -5.20 38.25 8.73
C HIS D 221 -5.00 37.41 7.47
N ASN D 222 -5.86 37.60 6.45
CA ASN D 222 -5.78 36.74 5.29
C ASN D 222 -6.06 37.53 4.01
N SER D 223 -7.34 37.76 3.71
CA SER D 223 -7.68 38.26 2.39
C SER D 223 -7.25 39.72 2.25
N LYS D 224 -6.99 40.36 3.38
CA LYS D 224 -6.41 41.70 3.44
C LYS D 224 -5.13 41.68 4.27
N TRP D 225 -4.31 40.62 4.12
CA TRP D 225 -3.12 40.47 4.97
C TRP D 225 -2.11 41.60 4.80
N ARG D 226 -2.02 42.18 3.59
CA ARG D 226 -1.13 43.30 3.30
C ARG D 226 -1.60 44.61 3.98
N ASP D 227 -2.88 44.69 4.35
CA ASP D 227 -3.45 45.94 4.85
C ASP D 227 -3.20 46.10 6.34
N LEU D 228 -2.80 47.32 6.74
CA LEU D 228 -2.74 47.72 8.15
C LEU D 228 -4.14 47.91 8.70
N TYR D 229 -4.32 47.59 9.99
CA TYR D 229 -5.59 47.81 10.66
C TYR D 229 -5.90 49.31 10.73
N PRO D 230 -7.19 49.73 10.59
CA PRO D 230 -7.59 51.09 10.92
C PRO D 230 -7.65 51.21 12.44
N GLU D 231 -7.66 52.45 12.94
CA GLU D 231 -7.33 52.72 14.32
C GLU D 231 -8.36 52.12 15.27
N GLU D 232 -9.63 52.09 14.88
CA GLU D 232 -10.69 51.59 15.74
C GLU D 232 -10.53 50.08 16.00
N LYS D 233 -10.27 49.33 14.93
CA LYS D 233 -10.01 47.89 15.00
C LYS D 233 -8.70 47.62 15.74
N LEU D 234 -7.71 48.49 15.51
CA LEU D 234 -6.40 48.33 16.13
C LEU D 234 -6.53 48.38 17.66
N SER D 235 -7.37 49.32 18.14
CA SER D 235 -7.49 49.51 19.57
C SER D 235 -8.19 48.32 20.25
N GLU D 236 -9.05 47.61 19.52
CA GLU D 236 -9.62 46.35 19.96
C GLU D 236 -8.54 45.27 20.09
N ILE D 237 -7.66 45.17 19.09
CA ILE D 237 -6.54 44.24 19.14
C ILE D 237 -5.70 44.58 20.37
N LYS D 238 -5.43 45.88 20.53
CA LYS D 238 -4.66 46.36 21.67
C LYS D 238 -5.23 45.77 22.96
N LYS D 239 -6.54 45.92 23.19
CA LYS D 239 -7.18 45.38 24.38
C LYS D 239 -7.01 43.87 24.48
N LEU D 240 -7.08 43.12 23.37
CA LEU D 240 -6.93 41.67 23.48
C LEU D 240 -5.49 41.32 23.91
N ALA D 241 -4.51 42.01 23.29
CA ALA D 241 -3.09 41.82 23.56
C ALA D 241 -2.77 42.10 25.03
N GLN D 242 -3.31 43.21 25.53
CA GLN D 242 -3.17 43.66 26.90
C GLN D 242 -3.65 42.58 27.88
N MET D 243 -4.85 42.04 27.62
CA MET D 243 -5.43 40.97 28.43
C MET D 243 -4.54 39.74 28.35
N GLY D 244 -3.98 39.45 27.16
CA GLY D 244 -3.03 38.35 26.99
C GLY D 244 -1.80 38.50 27.88
N ASN D 245 -1.27 39.74 27.99
CA ASN D 245 -0.07 40.03 28.75
C ASN D 245 -0.34 40.03 30.25
N GLU D 246 -1.52 40.48 30.68
CA GLU D 246 -1.87 40.55 32.08
C GLU D 246 -2.16 39.17 32.67
N THR D 247 -2.63 38.24 31.83
CA THR D 247 -3.03 36.94 32.35
C THR D 247 -1.97 35.88 32.04
N LYS D 248 -1.01 36.26 31.20
CA LYS D 248 0.06 35.43 30.64
C LYS D 248 -0.47 34.38 29.65
N ASN D 249 -1.77 34.42 29.36
CA ASN D 249 -2.42 33.64 28.32
C ASN D 249 -2.26 34.44 27.03
N ARG D 250 -1.01 34.45 26.57
CA ARG D 250 -0.48 35.38 25.59
C ARG D 250 -1.26 35.32 24.29
N TYR D 251 -1.59 36.51 23.80
CA TYR D 251 -2.25 36.71 22.52
C TYR D 251 -1.25 36.44 21.39
N VAL D 252 -1.63 35.57 20.46
CA VAL D 252 -0.82 35.19 19.31
C VAL D 252 -1.56 35.60 18.04
N TYR D 253 -0.96 36.52 17.29
CA TYR D 253 -1.58 36.94 16.04
C TYR D 253 -1.14 36.03 14.90
N ALA D 254 -2.10 35.32 14.30
CA ALA D 254 -1.85 34.41 13.20
C ALA D 254 -2.05 35.14 11.87
N LEU D 255 -1.00 35.16 11.05
CA LEU D 255 -1.09 35.78 9.73
C LEU D 255 -1.04 34.67 8.68
N HIS D 256 -1.91 34.80 7.68
CA HIS D 256 -1.88 33.96 6.49
C HIS D 256 -1.51 34.82 5.29
N PRO D 257 -0.23 34.84 4.88
CA PRO D 257 0.18 35.62 3.73
C PRO D 257 0.41 34.79 2.47
N PHE D 258 -0.20 33.60 2.39
CA PHE D 258 0.05 32.72 1.25
C PHE D 258 -1.18 32.41 0.39
N MET D 259 -2.38 32.80 0.83
CA MET D 259 -3.59 32.42 0.10
C MET D 259 -4.02 33.48 -0.93
N ASN D 260 -3.88 34.75 -0.58
CA ASN D 260 -4.44 35.87 -1.33
C ASN D 260 -3.34 36.88 -1.58
N ASN D 261 -3.07 37.19 -2.85
CA ASN D 261 -1.91 38.01 -3.25
C ASN D 261 -0.70 37.65 -2.38
N PRO D 262 -0.17 36.41 -2.48
CA PRO D 262 0.84 35.92 -1.54
C PRO D 262 2.24 36.51 -1.67
N VAL D 263 3.05 36.29 -0.63
CA VAL D 263 4.48 36.61 -0.63
C VAL D 263 5.10 36.05 -1.90
N ARG D 264 5.83 36.91 -2.62
CA ARG D 264 6.37 36.51 -3.90
C ARG D 264 7.78 35.98 -3.73
N PHE D 265 8.10 34.93 -4.48
CA PHE D 265 9.41 34.33 -4.42
C PHE D 265 10.00 34.25 -5.83
N ASP D 266 9.34 34.94 -6.78
CA ASP D 266 9.75 34.92 -8.18
C ASP D 266 11.02 35.74 -8.39
N THR D 267 11.19 36.83 -7.62
CA THR D 267 12.42 37.61 -7.64
C THR D 267 12.79 38.02 -6.23
N GLU D 268 14.07 38.39 -6.02
CA GLU D 268 14.56 38.83 -4.72
C GLU D 268 13.90 40.15 -4.32
N GLU D 269 13.65 41.02 -5.32
CA GLU D 269 13.08 42.34 -5.08
C GLU D 269 11.65 42.20 -4.57
N ASN D 270 10.88 41.31 -5.20
CA ASN D 270 9.49 41.03 -4.87
C ASN D 270 9.42 40.44 -3.47
N TYR D 271 10.36 39.52 -3.19
CA TYR D 271 10.45 38.87 -1.89
C TYR D 271 10.75 39.88 -0.77
N GLN D 272 11.74 40.75 -0.99
CA GLN D 272 12.14 41.71 0.04
C GLN D 272 11.02 42.72 0.29
N ASN D 273 10.28 43.08 -0.77
CA ASN D 273 9.13 43.95 -0.62
C ASN D 273 8.11 43.26 0.28
N ASP D 274 7.91 41.96 0.05
CA ASP D 274 6.80 41.25 0.65
C ASP D 274 7.09 40.96 2.11
N LEU D 275 8.32 40.50 2.37
CA LEU D 275 8.82 40.40 3.73
C LEU D 275 8.56 41.72 4.45
N GLY D 276 8.88 42.84 3.77
CA GLY D 276 8.70 44.17 4.32
C GLY D 276 7.24 44.49 4.67
N VAL D 277 6.30 44.01 3.84
CA VAL D 277 4.88 44.19 4.13
C VAL D 277 4.56 43.48 5.44
N ILE D 278 5.13 42.28 5.65
CA ILE D 278 4.88 41.51 6.86
C ILE D 278 5.38 42.28 8.09
N LYS D 279 6.62 42.80 7.99
CA LYS D 279 7.22 43.54 9.09
C LYS D 279 6.36 44.74 9.47
N ALA D 280 5.79 45.39 8.44
CA ALA D 280 4.93 46.54 8.65
C ALA D 280 3.67 46.13 9.40
N LYS D 281 3.12 44.96 9.02
CA LYS D 281 1.92 44.47 9.66
C LYS D 281 2.22 44.15 11.12
N PHE D 282 3.33 43.44 11.34
CA PHE D 282 3.75 43.05 12.67
C PHE D 282 4.19 44.23 13.54
N THR D 283 4.82 45.26 12.92
CA THR D 283 5.23 46.46 13.63
C THR D 283 4.01 47.12 14.28
N GLN D 284 2.93 47.26 13.50
CA GLN D 284 1.72 47.91 13.97
C GLN D 284 1.22 47.18 15.20
N LEU D 285 1.31 45.85 15.16
CA LEU D 285 0.79 45.02 16.24
C LEU D 285 1.71 45.10 17.46
N LEU D 286 3.04 45.08 17.23
CA LEU D 286 4.04 45.32 18.26
C LEU D 286 3.78 46.62 19.02
N GLU D 287 3.39 47.67 18.28
CA GLU D 287 3.12 48.99 18.86
C GLU D 287 1.83 48.95 19.66
N ASN D 288 1.09 47.85 19.56
CA ASN D 288 -0.20 47.74 20.23
C ASN D 288 -0.19 46.51 21.16
N ASP D 289 0.98 46.19 21.72
CA ASP D 289 1.13 45.30 22.86
C ASP D 289 1.16 43.81 22.47
N VAL D 290 1.16 43.50 21.16
CA VAL D 290 1.20 42.13 20.68
C VAL D 290 2.63 41.61 20.80
N ARG D 291 2.79 40.35 21.24
CA ARG D 291 4.11 39.87 21.64
C ARG D 291 4.41 38.46 21.13
N GLN D 292 3.55 37.89 20.27
CA GLN D 292 3.82 36.61 19.65
C GLN D 292 2.99 36.52 18.38
N PHE D 293 3.53 35.77 17.40
CA PHE D 293 2.97 35.65 16.07
C PHE D 293 2.98 34.19 15.61
N ALA D 294 2.18 33.91 14.60
CA ALA D 294 2.05 32.60 14.00
C ALA D 294 1.85 32.81 12.50
N ILE D 295 2.23 31.81 11.71
CA ILE D 295 2.13 31.87 10.27
C ILE D 295 1.27 30.71 9.81
N LEU D 296 0.22 31.04 9.03
CA LEU D 296 -0.69 30.06 8.49
C LEU D 296 -0.40 29.92 7.00
N ALA D 297 -0.47 28.69 6.48
CA ALA D 297 -0.15 28.41 5.10
C ALA D 297 -1.05 27.30 4.54
N ASP D 298 -2.11 26.94 5.26
CA ASP D 298 -3.03 25.90 4.82
C ASP D 298 -3.87 26.38 3.64
N ASP D 299 -4.40 25.41 2.86
CA ASP D 299 -5.33 25.63 1.75
C ASP D 299 -4.74 26.53 0.68
N ALA D 300 -3.41 26.51 0.52
CA ALA D 300 -2.75 27.36 -0.45
C ALA D 300 -1.51 26.66 -0.99
N SER D 301 -1.18 26.93 -2.24
CA SER D 301 0.05 26.49 -2.88
C SER D 301 1.26 26.89 -2.04
N ALA D 302 2.35 26.13 -2.20
CA ALA D 302 3.66 26.58 -1.75
C ALA D 302 4.21 27.64 -2.72
N PRO D 303 5.32 28.31 -2.36
CA PRO D 303 6.01 29.21 -3.30
C PRO D 303 6.65 28.39 -4.41
N ALA D 304 6.94 29.07 -5.53
CA ALA D 304 7.72 28.49 -6.61
C ALA D 304 8.94 27.79 -6.05
N GLN D 305 9.10 26.52 -6.41
CA GLN D 305 10.17 25.66 -5.90
C GLN D 305 9.73 24.86 -4.68
N GLY D 306 8.59 25.22 -4.06
CA GLY D 306 7.97 24.42 -3.01
C GLY D 306 8.34 24.88 -1.60
N ALA D 307 8.26 23.93 -0.65
CA ALA D 307 8.19 24.20 0.79
C ALA D 307 9.47 24.81 1.37
N SER D 308 10.59 24.72 0.65
CA SER D 308 11.85 25.23 1.17
C SER D 308 11.80 26.75 1.32
N MET D 309 10.85 27.39 0.62
CA MET D 309 10.76 28.84 0.64
C MET D 309 10.04 29.31 1.91
N TYR D 310 9.19 28.46 2.48
CA TYR D 310 8.61 28.77 3.79
C TYR D 310 9.71 29.00 4.82
N VAL D 311 10.76 28.16 4.76
CA VAL D 311 11.86 28.16 5.71
C VAL D 311 12.65 29.46 5.61
N LYS D 312 13.06 29.78 4.38
CA LYS D 312 13.63 31.09 4.05
C LYS D 312 12.85 32.21 4.73
N LEU D 313 11.52 32.26 4.53
CA LEU D 313 10.71 33.33 5.12
C LEU D 313 10.70 33.28 6.65
N LEU D 314 10.57 32.09 7.25
CA LEU D 314 10.49 31.97 8.70
C LEU D 314 11.80 32.41 9.35
N THR D 315 12.94 32.03 8.76
CA THR D 315 14.25 32.41 9.29
C THR D 315 14.40 33.93 9.30
N ASP D 316 14.12 34.55 8.14
CA ASP D 316 14.17 36.00 7.96
C ASP D 316 13.29 36.70 9.00
N LEU D 317 12.09 36.17 9.20
CA LEU D 317 11.16 36.71 10.18
C LEU D 317 11.74 36.55 11.58
N THR D 318 12.37 35.39 11.83
CA THR D 318 12.99 35.15 13.13
C THR D 318 14.05 36.21 13.41
N ARG D 319 14.99 36.43 12.48
CA ARG D 319 16.02 37.44 12.65
C ARG D 319 15.37 38.77 12.99
N TRP D 320 14.35 39.12 12.21
CA TRP D 320 13.68 40.39 12.43
C TRP D 320 13.13 40.45 13.85
N LEU D 321 12.48 39.36 14.28
CA LEU D 321 11.85 39.35 15.60
C LEU D 321 12.90 39.56 16.68
N GLU D 322 14.08 38.94 16.49
CA GLU D 322 15.17 39.03 17.45
C GLU D 322 15.61 40.49 17.59
N GLU D 323 15.62 41.21 16.46
CA GLU D 323 16.02 42.60 16.45
C GLU D 323 15.00 43.44 17.21
N GLN D 324 13.71 43.09 17.08
CA GLN D 324 12.66 43.86 17.72
C GLN D 324 12.71 43.70 19.24
N GLN D 325 13.40 42.66 19.71
CA GLN D 325 13.53 42.38 21.13
C GLN D 325 14.29 43.49 21.89
N SER D 326 15.09 44.31 21.19
CA SER D 326 15.72 45.51 21.74
C SER D 326 14.65 46.48 22.26
N THR D 327 13.63 46.72 21.41
CA THR D 327 12.54 47.64 21.69
C THR D 327 11.49 46.95 22.57
N TYR D 328 11.23 45.67 22.32
CA TYR D 328 10.15 44.94 22.98
C TYR D 328 10.72 43.68 23.62
N PRO D 329 11.33 43.79 24.83
CA PRO D 329 12.08 42.68 25.45
C PRO D 329 11.21 41.46 25.73
N ASP D 330 9.90 41.66 25.86
CA ASP D 330 9.00 40.58 26.23
C ASP D 330 8.47 39.86 24.98
N LEU D 331 8.92 40.26 23.78
CA LEU D 331 8.45 39.66 22.54
C LEU D 331 9.00 38.23 22.43
N LYS D 332 8.15 37.30 22.02
CA LYS D 332 8.54 35.91 21.85
C LYS D 332 8.86 35.65 20.38
N THR D 333 9.87 34.82 20.13
CA THR D 333 10.32 34.52 18.78
C THR D 333 9.81 33.16 18.33
N ASP D 334 9.16 32.42 19.25
CA ASP D 334 8.48 31.19 18.90
C ASP D 334 7.48 31.46 17.77
N LEU D 335 7.51 30.64 16.72
CA LEU D 335 6.63 30.78 15.56
C LEU D 335 5.97 29.45 15.23
N MET D 336 4.65 29.37 15.44
N MET D 336 4.64 29.40 15.40
CA MET D 336 3.86 28.25 14.95
CA MET D 336 3.80 28.28 14.98
C MET D 336 3.69 28.42 13.44
C MET D 336 3.56 28.40 13.47
N PHE D 337 3.75 27.29 12.73
CA PHE D 337 3.54 27.26 11.30
C PHE D 337 2.52 26.18 10.94
N CYS D 338 1.42 26.58 10.26
CA CYS D 338 0.43 25.59 9.87
C CYS D 338 0.61 25.21 8.40
N PRO D 339 1.08 23.97 8.12
CA PRO D 339 1.32 23.53 6.74
C PRO D 339 0.00 23.14 6.09
N SER D 340 0.03 22.93 4.78
CA SER D 340 -1.17 22.61 4.03
C SER D 340 -1.54 21.14 4.23
N ASP D 341 -0.63 20.34 4.80
CA ASP D 341 -0.91 18.94 5.07
C ASP D 341 -0.78 18.62 6.56
N TYR D 342 -1.45 19.45 7.37
CA TYR D 342 -1.50 19.25 8.81
C TYR D 342 -2.15 17.92 9.17
N TYR D 343 -2.89 17.32 8.22
CA TYR D 343 -3.61 16.07 8.46
C TYR D 343 -2.70 14.85 8.18
N GLY D 344 -1.44 15.08 7.81
CA GLY D 344 -0.54 14.03 7.34
C GLY D 344 0.16 13.25 8.45
N ASN D 345 1.12 12.39 8.05
CA ASN D 345 1.87 11.55 8.99
C ASN D 345 3.30 12.07 9.17
N GLY D 346 3.68 13.08 8.38
CA GLY D 346 5.01 13.68 8.43
C GLY D 346 5.96 13.13 7.37
N SER D 347 5.49 12.21 6.52
CA SER D 347 6.32 11.62 5.47
C SER D 347 6.50 12.56 4.27
N SER D 348 5.62 13.56 4.14
CA SER D 348 5.58 14.34 2.91
C SER D 348 6.89 15.12 2.73
N ALA D 349 7.21 15.42 1.47
CA ALA D 349 8.33 16.30 1.15
C ALA D 349 8.16 17.70 1.74
N GLN D 350 6.92 18.22 1.80
CA GLN D 350 6.71 19.53 2.42
C GLN D 350 7.13 19.52 3.89
N LEU D 351 6.67 18.51 4.63
CA LEU D 351 6.94 18.48 6.07
C LEU D 351 8.44 18.32 6.34
N LYS D 352 9.08 17.42 5.58
CA LYS D 352 10.52 17.22 5.62
C LYS D 352 11.28 18.52 5.39
N GLU D 353 10.88 19.31 4.38
CA GLU D 353 11.49 20.60 4.11
C GLU D 353 11.31 21.55 5.29
N LEU D 354 10.09 21.63 5.80
CA LEU D 354 9.77 22.46 6.96
C LEU D 354 10.61 22.05 8.19
N ASN D 355 10.90 20.75 8.32
CA ASN D 355 11.65 20.26 9.48
C ASN D 355 13.10 20.77 9.47
N LYS D 356 13.54 21.36 8.35
CA LYS D 356 14.88 21.90 8.26
C LYS D 356 14.96 23.28 8.90
N ALA D 357 13.82 23.82 9.35
CA ALA D 357 13.78 25.15 9.96
C ALA D 357 14.41 25.10 11.35
N GLU D 358 14.74 26.29 11.88
CA GLU D 358 15.34 26.44 13.20
C GLU D 358 14.35 26.07 14.31
N ASP D 359 14.87 26.07 15.54
CA ASP D 359 14.27 25.42 16.69
C ASP D 359 13.08 26.20 17.21
N ASN D 360 13.00 27.47 16.83
CA ASN D 360 11.92 28.35 17.27
C ASN D 360 10.67 28.12 16.41
N VAL D 361 10.77 27.24 15.41
CA VAL D 361 9.61 26.99 14.58
C VAL D 361 8.90 25.74 15.07
N SER D 362 7.57 25.78 15.13
CA SER D 362 6.74 24.63 15.47
C SER D 362 5.91 24.25 14.25
N ILE D 363 5.78 22.94 14.00
CA ILE D 363 5.00 22.43 12.88
C ILE D 363 3.69 21.84 13.41
N VAL D 364 2.58 22.48 13.01
CA VAL D 364 1.23 22.19 13.46
C VAL D 364 0.66 20.99 12.70
N MET D 365 0.19 19.99 13.45
CA MET D 365 -0.50 18.85 12.86
C MET D 365 -1.75 18.56 13.69
N THR D 366 -2.71 17.83 13.11
CA THR D 366 -3.96 17.55 13.79
C THR D 366 -4.01 16.10 14.26
N GLY D 367 -2.92 15.34 14.11
CA GLY D 367 -2.81 14.00 14.67
C GLY D 367 -3.13 12.86 13.71
N GLY D 368 -2.86 13.06 12.41
CA GLY D 368 -2.87 11.96 11.44
C GLY D 368 -4.17 11.85 10.65
N ARG D 369 -5.19 12.63 11.07
CA ARG D 369 -6.42 12.88 10.32
C ARG D 369 -7.04 14.17 10.84
N ILE D 370 -8.15 14.64 10.24
CA ILE D 370 -8.67 15.93 10.66
C ILE D 370 -8.96 15.90 12.16
N TRP D 371 -9.66 14.86 12.60
CA TRP D 371 -10.17 14.72 13.96
C TRP D 371 -9.22 13.82 14.78
N GLY D 372 -7.91 14.08 14.67
CA GLY D 372 -6.91 13.25 15.34
C GLY D 372 -6.73 13.67 16.81
N GLU D 373 -5.84 12.96 17.52
CA GLU D 373 -5.70 13.10 18.96
C GLU D 373 -4.22 13.32 19.32
N VAL D 374 -3.95 13.82 20.53
CA VAL D 374 -2.60 13.77 21.09
C VAL D 374 -2.26 12.31 21.39
N ASP D 375 -1.43 11.71 20.52
CA ASP D 375 -1.23 10.27 20.44
C ASP D 375 0.26 10.02 20.26
N GLU D 376 0.84 9.22 21.17
CA GLU D 376 2.27 8.95 21.17
C GLU D 376 2.68 8.27 19.85
N ASN D 377 1.86 7.33 19.37
CA ASN D 377 2.17 6.56 18.17
C ASN D 377 2.29 7.50 16.98
N PHE D 378 1.27 8.35 16.79
CA PHE D 378 1.31 9.36 15.74
C PHE D 378 2.56 10.23 15.89
N ALA D 379 2.84 10.67 17.13
CA ALA D 379 3.82 11.72 17.32
C ALA D 379 5.23 11.18 17.04
N ASN D 380 5.46 9.92 17.42
CA ASN D 380 6.78 9.34 17.32
C ASN D 380 7.13 9.06 15.85
N ASN D 381 6.15 8.54 15.11
CA ASN D 381 6.20 8.33 13.67
C ASN D 381 6.43 9.65 12.93
N PHE D 382 5.70 10.69 13.33
CA PHE D 382 5.89 12.01 12.75
C PHE D 382 7.37 12.38 12.83
N MET D 383 7.97 12.16 14.00
CA MET D 383 9.36 12.53 14.26
C MET D 383 10.31 11.69 13.39
N ASN D 384 10.04 10.40 13.22
CA ASN D 384 10.82 9.52 12.35
C ASN D 384 10.61 9.88 10.88
N ASN D 385 9.33 10.06 10.49
CA ASN D 385 8.94 10.32 9.12
C ASN D 385 9.52 11.63 8.59
N ILE D 386 9.60 12.66 9.43
CA ILE D 386 9.93 14.01 8.97
C ILE D 386 11.44 14.21 8.96
N SER D 387 12.16 13.29 9.62
CA SER D 387 13.61 13.33 9.73
C SER D 387 14.27 13.29 8.35
N THR D 388 15.35 14.07 8.19
CA THR D 388 16.25 13.92 7.05
C THR D 388 17.68 14.03 7.57
N GLU D 389 18.66 13.60 6.75
CA GLU D 389 20.07 13.68 7.12
C GLU D 389 20.40 15.12 7.55
N GLY D 390 20.99 15.26 8.73
CA GLY D 390 21.37 16.58 9.26
C GLY D 390 20.24 17.30 10.00
N HIS D 391 19.05 16.67 10.07
CA HIS D 391 17.89 17.35 10.62
C HIS D 391 16.95 16.36 11.31
N PRO D 392 17.19 16.04 12.59
CA PRO D 392 16.27 15.15 13.31
C PRO D 392 14.88 15.77 13.38
N GLY D 393 13.86 14.94 13.24
CA GLY D 393 12.47 15.36 13.25
C GLY D 393 12.04 15.90 14.61
N ARG D 394 11.57 17.16 14.61
CA ARG D 394 11.01 17.78 15.80
C ARG D 394 9.67 17.10 16.10
N ALA D 395 9.26 17.14 17.38
CA ALA D 395 7.93 16.72 17.80
C ALA D 395 6.87 17.61 17.16
N PRO D 396 5.65 17.10 16.88
CA PRO D 396 4.57 17.89 16.27
C PRO D 396 3.95 18.82 17.29
N PHE D 397 3.45 19.96 16.81
CA PHE D 397 2.60 20.83 17.60
C PHE D 397 1.15 20.51 17.21
N PHE D 398 0.37 19.99 18.17
CA PHE D 398 -1.00 19.53 17.95
C PHE D 398 -1.99 20.70 17.90
N TRP D 399 -2.73 20.75 16.79
CA TRP D 399 -4.00 21.45 16.72
C TRP D 399 -5.07 20.39 16.92
N ILE D 400 -5.78 20.44 18.06
CA ILE D 400 -6.76 19.41 18.36
C ILE D 400 -8.16 19.99 18.13
N ASN D 401 -8.95 19.31 17.27
CA ASN D 401 -10.33 19.71 16.97
C ASN D 401 -11.28 19.17 18.05
N TRP D 402 -11.04 19.60 19.28
CA TRP D 402 -11.87 19.26 20.42
C TRP D 402 -11.68 20.38 21.43
N PRO D 403 -12.78 20.93 22.02
CA PRO D 403 -14.13 20.39 21.83
C PRO D 403 -14.92 20.83 20.60
N CYS D 404 -14.21 21.24 19.53
CA CYS D 404 -14.78 21.74 18.28
C CYS D 404 -16.11 21.04 17.96
N SER D 405 -17.11 21.87 17.62
CA SER D 405 -18.47 21.39 17.41
C SER D 405 -18.97 21.79 16.03
N ASP D 406 -18.07 22.21 15.13
CA ASP D 406 -18.56 22.73 13.85
C ASP D 406 -19.06 21.61 12.94
N ASN D 407 -18.88 20.34 13.33
CA ASN D 407 -19.51 19.24 12.60
C ASN D 407 -20.59 18.63 13.49
N SER D 408 -20.92 19.31 14.61
CA SER D 408 -21.94 18.84 15.55
C SER D 408 -22.68 20.03 16.18
N LYS D 409 -23.26 20.88 15.33
CA LYS D 409 -23.54 22.28 15.64
C LYS D 409 -24.70 22.42 16.63
N GLN D 410 -25.50 21.37 16.80
CA GLN D 410 -26.65 21.38 17.70
C GLN D 410 -26.22 21.08 19.13
N HIS D 411 -24.95 20.69 19.33
CA HIS D 411 -24.53 20.03 20.56
C HIS D 411 -23.48 20.87 21.30
N LEU D 412 -23.47 20.67 22.62
CA LEU D 412 -22.33 21.05 23.44
C LEU D 412 -21.50 19.79 23.60
N ILE D 413 -20.16 19.94 23.56
CA ILE D 413 -19.26 18.83 23.81
C ILE D 413 -18.57 19.05 25.15
N MET D 414 -19.21 18.55 26.20
CA MET D 414 -18.77 18.92 27.54
C MET D 414 -17.85 17.85 28.15
N GLY D 415 -17.16 17.08 27.30
CA GLY D 415 -16.17 16.12 27.81
C GLY D 415 -15.38 15.49 26.67
N GLY D 416 -14.61 14.44 26.99
CA GLY D 416 -13.83 13.71 26.01
C GLY D 416 -12.36 13.71 26.37
N ASN D 417 -12.07 14.21 27.58
CA ASN D 417 -10.70 14.46 28.01
C ASN D 417 -9.74 13.44 27.40
N ASP D 418 -9.88 12.15 27.78
CA ASP D 418 -8.80 11.22 27.56
C ASP D 418 -8.83 10.64 26.14
N THR D 419 -9.94 10.86 25.42
CA THR D 419 -10.02 10.48 24.03
C THR D 419 -9.02 11.29 23.22
N PHE D 420 -8.98 12.62 23.44
CA PHE D 420 -8.16 13.55 22.67
C PHE D 420 -6.83 13.86 23.35
N LEU D 421 -6.73 13.68 24.67
CA LEU D 421 -5.49 13.94 25.37
C LEU D 421 -5.00 12.65 26.04
N HIS D 422 -4.27 11.81 25.31
CA HIS D 422 -4.00 10.45 25.78
C HIS D 422 -3.18 10.47 27.07
N PRO D 423 -3.66 9.83 28.16
CA PRO D 423 -2.81 9.59 29.32
C PRO D 423 -1.58 8.76 28.94
N GLY D 424 -0.42 9.15 29.52
CA GLY D 424 0.81 8.38 29.45
C GLY D 424 1.73 8.79 28.30
N VAL D 425 1.40 9.87 27.56
CA VAL D 425 2.21 10.26 26.42
C VAL D 425 3.51 10.87 26.92
N ASP D 426 4.62 10.39 26.34
CA ASP D 426 5.95 10.91 26.59
C ASP D 426 5.99 12.37 26.13
N PRO D 427 6.12 13.35 27.05
CA PRO D 427 6.01 14.76 26.69
C PRO D 427 7.04 15.27 25.69
N SER D 428 8.14 14.51 25.50
CA SER D 428 9.16 14.91 24.54
C SER D 428 8.67 14.68 23.11
N LYS D 429 7.55 13.96 22.95
CA LYS D 429 6.96 13.79 21.63
C LYS D 429 5.89 14.86 21.35
N ILE D 430 5.73 15.84 22.27
CA ILE D 430 4.70 16.87 22.15
C ILE D 430 5.37 18.26 22.16
N ASP D 431 5.37 18.96 21.03
CA ASP D 431 5.92 20.31 21.00
C ASP D 431 4.95 21.32 21.62
N GLY D 432 3.66 21.20 21.33
CA GLY D 432 2.65 22.14 21.81
C GLY D 432 1.28 21.52 21.64
N ILE D 433 0.27 22.08 22.33
CA ILE D 433 -1.12 21.70 22.19
C ILE D 433 -2.01 22.95 22.29
N VAL D 434 -2.84 23.18 21.26
CA VAL D 434 -3.89 24.18 21.33
C VAL D 434 -5.22 23.54 20.93
N LEU D 435 -6.27 23.86 21.69
CA LEU D 435 -7.60 23.35 21.39
C LEU D 435 -8.33 24.30 20.44
N ASN D 436 -9.09 23.71 19.52
CA ASN D 436 -9.98 24.45 18.63
C ASN D 436 -11.38 24.20 19.17
N PRO D 437 -11.97 25.15 19.95
CA PRO D 437 -13.19 24.91 20.72
C PRO D 437 -14.51 25.27 20.03
N MET D 438 -15.58 25.39 20.84
CA MET D 438 -16.94 25.63 20.38
C MET D 438 -17.17 27.12 20.15
N GLN D 439 -18.10 27.49 19.26
CA GLN D 439 -18.46 28.89 19.02
C GLN D 439 -18.98 29.56 20.29
N GLN D 440 -19.55 28.78 21.22
CA GLN D 440 -20.05 29.32 22.48
C GLN D 440 -18.86 29.46 23.43
N ALA D 441 -18.31 30.68 23.53
CA ALA D 441 -17.07 30.93 24.25
C ALA D 441 -17.06 30.29 25.63
N GLU D 442 -18.09 30.60 26.45
CA GLU D 442 -18.15 30.18 27.85
C GLU D 442 -18.20 28.66 28.01
N ALA D 443 -18.74 27.93 27.03
CA ALA D 443 -19.01 26.50 27.20
C ALA D 443 -17.71 25.68 27.17
N ASN D 444 -16.62 26.35 26.75
CA ASN D 444 -15.34 25.70 26.49
C ASN D 444 -14.51 25.55 27.76
N LYS D 445 -15.00 26.04 28.91
CA LYS D 445 -14.13 26.19 30.07
C LYS D 445 -13.68 24.84 30.62
N SER D 446 -14.53 23.82 30.53
CA SER D 446 -14.14 22.51 31.00
C SER D 446 -12.98 21.95 30.17
N ALA D 447 -13.02 22.21 28.87
CA ALA D 447 -11.98 21.73 27.98
C ALA D 447 -10.69 22.53 28.19
N LEU D 448 -10.82 23.84 28.44
CA LEU D 448 -9.64 24.63 28.72
C LEU D 448 -8.93 24.12 29.98
N PHE D 449 -9.72 23.75 30.98
CA PHE D 449 -9.21 23.27 32.24
C PHE D 449 -8.51 21.92 32.02
N ALA D 450 -9.01 21.11 31.09
CA ALA D 450 -8.39 19.82 30.80
C ALA D 450 -7.01 20.03 30.15
N ILE D 451 -6.96 20.85 29.08
CA ILE D 451 -5.73 21.05 28.33
C ILE D 451 -4.68 21.70 29.24
N ALA D 452 -5.12 22.67 30.06
CA ALA D 452 -4.19 23.33 30.96
C ALA D 452 -3.47 22.33 31.86
N ASP D 453 -4.24 21.42 32.47
CA ASP D 453 -3.71 20.45 33.42
C ASP D 453 -2.79 19.47 32.70
N TYR D 454 -3.33 18.86 31.64
CA TYR D 454 -2.68 17.83 30.86
C TYR D 454 -1.35 18.30 30.30
N ALA D 455 -1.36 19.44 29.59
CA ALA D 455 -0.19 19.96 28.92
C ALA D 455 0.84 20.41 29.96
N TRP D 456 0.38 20.84 31.14
CA TRP D 456 1.32 21.16 32.20
C TRP D 456 1.92 19.89 32.81
N ASN D 457 1.07 18.90 33.05
CA ASN D 457 1.47 17.68 33.74
C ASN D 457 0.73 16.51 33.10
N ILE D 458 1.41 15.74 32.24
CA ILE D 458 0.75 14.70 31.49
C ILE D 458 -0.01 13.81 32.47
N TRP D 459 -1.28 13.52 32.16
CA TRP D 459 -2.08 12.59 32.96
C TRP D 459 -1.43 11.22 32.90
N ASP D 460 -1.38 10.55 34.05
CA ASP D 460 -0.73 9.24 34.12
C ASP D 460 -1.69 8.17 33.60
N ASN D 461 -3.00 8.40 33.81
CA ASN D 461 -4.00 7.40 33.48
C ASN D 461 -5.37 8.06 33.27
N LYS D 462 -6.36 7.23 32.91
CA LYS D 462 -7.74 7.65 32.66
C LYS D 462 -8.36 8.24 33.94
N GLU D 463 -7.99 7.69 35.11
CA GLU D 463 -8.46 8.17 36.40
C GLU D 463 -8.14 9.66 36.58
N GLU D 464 -6.91 10.07 36.23
CA GLU D 464 -6.50 11.45 36.36
C GLU D 464 -7.29 12.34 35.40
N ALA D 465 -7.52 11.85 34.18
CA ALA D 465 -8.37 12.49 33.18
C ALA D 465 -9.78 12.70 33.71
N ASP D 466 -10.33 11.64 34.33
CA ASP D 466 -11.69 11.65 34.86
C ASP D 466 -11.79 12.56 36.08
N GLU D 467 -10.75 12.57 36.93
CA GLU D 467 -10.75 13.46 38.07
C GLU D 467 -10.71 14.92 37.60
N ASN D 468 -9.83 15.23 36.64
CA ASN D 468 -9.81 16.55 36.02
C ASN D 468 -11.21 16.94 35.55
N TRP D 469 -11.85 16.06 34.77
CA TRP D 469 -13.20 16.31 34.28
C TRP D 469 -14.14 16.65 35.42
N ASN D 470 -14.18 15.81 36.47
CA ASN D 470 -15.08 16.03 37.59
C ASN D 470 -14.83 17.40 38.23
N ASP D 471 -13.57 17.71 38.52
CA ASP D 471 -13.25 18.97 39.17
C ASP D 471 -13.55 20.17 38.25
N SER D 472 -13.53 19.96 36.93
CA SER D 472 -13.49 21.09 36.01
C SER D 472 -14.66 22.06 36.21
N PHE D 473 -15.85 21.54 36.52
CA PHE D 473 -17.10 22.28 36.66
C PHE D 473 -17.06 23.27 37.83
N LYS D 474 -16.27 22.94 38.85
CA LYS D 474 -16.17 23.82 40.00
C LYS D 474 -15.51 25.13 39.56
N TYR D 475 -14.43 24.98 38.79
CA TYR D 475 -13.61 26.07 38.30
C TYR D 475 -14.33 26.79 37.16
N MET D 476 -14.96 26.01 36.28
CA MET D 476 -15.72 26.60 35.20
C MET D 476 -16.83 27.46 35.80
N ASP D 477 -17.52 26.93 36.81
CA ASP D 477 -18.70 27.56 37.41
C ASP D 477 -18.34 28.80 38.25
N HIS D 478 -17.29 28.75 39.07
CA HIS D 478 -17.04 29.83 40.02
C HIS D 478 -15.55 29.92 40.39
N GLY D 479 -14.69 29.17 39.67
CA GLY D 479 -13.25 29.40 39.67
C GLY D 479 -12.51 29.05 40.96
N THR D 480 -13.05 28.16 41.80
CA THR D 480 -12.35 27.67 43.00
C THR D 480 -12.63 26.18 43.20
N ALA D 481 -11.95 25.57 44.19
CA ALA D 481 -12.09 24.14 44.49
C ALA D 481 -13.36 23.82 45.29
N GLU D 482 -14.14 24.82 45.69
CA GLU D 482 -15.35 24.57 46.46
C GLU D 482 -16.42 23.95 45.56
N GLU D 483 -17.05 22.88 46.03
CA GLU D 483 -18.17 22.32 45.31
C GLU D 483 -19.41 23.12 45.71
N THR D 484 -20.13 23.67 44.73
CA THR D 484 -21.40 24.34 44.98
C THR D 484 -22.52 23.53 44.33
N ASN D 485 -23.76 23.81 44.73
CA ASN D 485 -24.91 23.22 44.07
C ASN D 485 -24.88 23.50 42.56
N SER D 486 -24.48 24.71 42.17
CA SER D 486 -24.45 25.07 40.75
C SER D 486 -23.46 24.21 39.99
N SER D 487 -22.29 23.95 40.58
CA SER D 487 -21.27 23.19 39.89
C SER D 487 -21.72 21.72 39.82
N LEU D 488 -22.37 21.25 40.89
CA LEU D 488 -22.92 19.91 40.92
C LEU D 488 -23.93 19.75 39.78
N ALA D 489 -24.81 20.75 39.63
CA ALA D 489 -25.87 20.71 38.63
C ALA D 489 -25.27 20.75 37.23
N LEU D 490 -24.29 21.65 37.04
CA LEU D 490 -23.60 21.76 35.76
C LEU D 490 -22.94 20.43 35.39
N ARG D 491 -22.22 19.82 36.33
CA ARG D 491 -21.56 18.55 36.06
C ARG D 491 -22.61 17.50 35.66
N GLU D 492 -23.76 17.53 36.34
CA GLU D 492 -24.77 16.50 36.18
C GLU D 492 -25.34 16.50 34.75
N ILE D 493 -25.65 17.68 34.21
CA ILE D 493 -26.19 17.69 32.87
C ILE D 493 -25.10 17.44 31.82
N SER D 494 -23.87 17.88 32.11
CA SER D 494 -22.73 17.70 31.22
C SER D 494 -22.42 16.22 30.98
N LYS D 495 -22.77 15.37 31.96
CA LYS D 495 -22.62 13.92 31.81
C LYS D 495 -23.38 13.41 30.60
N HIS D 496 -24.30 14.23 30.09
CA HIS D 496 -25.22 13.80 29.04
C HIS D 496 -25.10 14.70 27.79
N MET D 497 -24.03 15.50 27.70
CA MET D 497 -23.84 16.36 26.55
C MET D 497 -22.38 16.27 26.10
N ILE D 498 -22.00 15.08 25.62
CA ILE D 498 -20.62 14.77 25.28
C ILE D 498 -20.56 14.24 23.85
N ASN D 499 -21.52 13.36 23.51
CA ASN D 499 -21.53 12.70 22.21
C ASN D 499 -21.69 13.71 21.08
N GLN D 500 -20.93 13.48 19.97
CA GLN D 500 -20.82 14.41 18.86
C GLN D 500 -21.74 14.01 17.71
N ASN D 501 -22.31 12.79 17.76
CA ASN D 501 -23.26 12.34 16.74
C ASN D 501 -22.67 12.47 15.34
N MET D 502 -21.39 12.11 15.20
CA MET D 502 -20.62 12.14 13.97
C MET D 502 -20.30 10.72 13.52
N ASP D 503 -19.92 10.55 12.23
CA ASP D 503 -19.45 9.26 11.73
C ASP D 503 -18.05 9.00 12.26
N GLY D 504 -17.46 7.86 11.87
CA GLY D 504 -16.19 7.42 12.43
C GLY D 504 -14.97 8.21 11.94
N ARG D 505 -15.13 9.44 11.43
CA ARG D 505 -13.99 10.32 11.15
C ARG D 505 -13.37 10.80 12.46
N VAL D 506 -14.14 10.69 13.55
CA VAL D 506 -13.69 10.99 14.89
C VAL D 506 -14.10 9.80 15.75
N ARG D 507 -13.32 9.49 16.79
CA ARG D 507 -13.77 8.55 17.79
C ARG D 507 -15.00 9.09 18.51
N PRO D 508 -16.04 8.24 18.73
CA PRO D 508 -17.27 8.65 19.42
C PRO D 508 -17.00 8.87 20.90
N LEU D 509 -17.44 10.01 21.45
CA LEU D 509 -17.25 10.22 22.88
C LEU D 509 -18.45 9.63 23.62
N GLN D 510 -18.20 9.10 24.81
CA GLN D 510 -19.26 8.38 25.51
C GLN D 510 -19.95 9.31 26.50
N GLU D 511 -21.27 9.46 26.34
CA GLU D 511 -22.10 10.19 27.30
C GLU D 511 -23.13 9.24 27.92
N SER D 512 -23.76 9.67 29.02
CA SER D 512 -24.78 8.91 29.74
C SER D 512 -24.24 7.54 30.16
N VAL D 513 -23.04 7.50 30.72
CA VAL D 513 -22.31 6.26 30.90
C VAL D 513 -22.98 5.42 32.01
N GLU D 514 -23.43 6.09 33.08
CA GLU D 514 -24.08 5.38 34.17
C GLU D 514 -25.55 5.12 33.83
N LEU D 515 -26.16 6.01 33.03
CA LEU D 515 -27.59 5.87 32.73
C LEU D 515 -27.84 4.84 31.64
N ALA D 516 -26.87 4.64 30.73
CA ALA D 516 -27.11 3.83 29.55
C ALA D 516 -27.48 2.38 29.89
N PRO D 517 -26.77 1.71 30.84
CA PRO D 517 -27.16 0.37 31.31
C PRO D 517 -28.61 0.26 31.83
N LYS D 518 -29.07 1.28 32.57
CA LYS D 518 -30.41 1.32 33.12
C LYS D 518 -31.43 1.44 31.99
N LEU D 519 -31.04 2.15 30.93
CA LEU D 519 -31.90 2.34 29.77
C LEU D 519 -31.90 1.08 28.93
N GLU D 520 -30.75 0.40 28.88
CA GLU D 520 -30.57 -0.80 28.07
C GLU D 520 -31.38 -1.93 28.69
N ALA D 521 -31.05 -2.25 29.95
CA ALA D 521 -31.73 -3.28 30.74
C ALA D 521 -33.24 -3.10 30.70
N PHE D 522 -33.72 -1.85 30.86
CA PHE D 522 -35.14 -1.55 30.92
C PHE D 522 -35.87 -2.10 29.69
N LYS D 523 -35.25 -1.95 28.52
CA LYS D 523 -35.83 -2.42 27.26
C LYS D 523 -35.88 -3.96 27.24
N GLN D 524 -34.79 -4.59 27.73
CA GLN D 524 -34.66 -6.03 27.75
C GLN D 524 -35.55 -6.61 28.86
N LYS D 525 -35.61 -5.91 30.00
CA LYS D 525 -36.44 -6.30 31.13
C LYS D 525 -37.92 -6.09 30.78
N TYR D 526 -38.17 -5.53 29.59
CA TYR D 526 -39.49 -5.07 29.19
C TYR D 526 -40.19 -6.16 28.37
N LYS D 533 -42.36 -1.47 36.69
CA LYS D 533 -42.75 -0.19 37.35
C LYS D 533 -41.68 0.19 38.38
N GLU D 534 -41.27 -0.80 39.18
CA GLU D 534 -40.19 -0.58 40.14
C GLU D 534 -38.91 -0.18 39.40
N ASP D 535 -38.77 -0.66 38.15
CA ASP D 535 -37.66 -0.30 37.28
C ASP D 535 -37.93 1.05 36.59
N ALA D 536 -39.20 1.29 36.24
CA ALA D 536 -39.60 2.50 35.53
C ALA D 536 -39.61 3.71 36.48
N LEU D 537 -39.94 3.47 37.75
CA LEU D 537 -40.09 4.54 38.74
C LEU D 537 -38.73 5.07 39.14
N GLU D 538 -37.73 4.18 39.25
CA GLU D 538 -36.36 4.61 39.52
C GLU D 538 -35.86 5.43 38.33
N LEU D 539 -36.40 5.16 37.13
CA LEU D 539 -36.01 5.89 35.94
C LEU D 539 -36.58 7.32 35.96
N ILE D 540 -37.74 7.49 36.62
CA ILE D 540 -38.28 8.82 36.85
C ILE D 540 -37.38 9.58 37.83
N GLU D 541 -36.81 8.87 38.82
CA GLU D 541 -35.83 9.47 39.71
C GLU D 541 -34.68 10.05 38.88
N GLU D 542 -34.13 9.23 37.96
CA GLU D 542 -33.02 9.59 37.09
C GLU D 542 -33.33 10.85 36.30
N PHE D 543 -34.48 10.87 35.63
CA PHE D 543 -34.80 11.94 34.69
C PHE D 543 -35.33 13.19 35.40
N THR D 544 -35.92 13.05 36.61
CA THR D 544 -36.39 14.23 37.33
C THR D 544 -35.19 14.93 37.96
N ASN D 545 -34.21 14.12 38.41
CA ASN D 545 -32.93 14.55 38.94
C ASN D 545 -32.21 15.42 37.90
N LEU D 546 -32.27 15.00 36.63
CA LEU D 546 -31.63 15.74 35.56
C LEU D 546 -32.42 17.02 35.29
N GLN D 547 -33.75 16.94 35.32
CA GLN D 547 -34.60 18.07 35.01
C GLN D 547 -34.40 19.18 36.04
N LYS D 548 -34.14 18.77 37.28
CA LYS D 548 -34.03 19.69 38.40
C LYS D 548 -32.66 20.37 38.37
N ALA D 549 -31.62 19.60 38.00
CA ALA D 549 -30.26 20.07 37.81
C ALA D 549 -30.21 21.19 36.78
N ALA D 550 -30.84 20.97 35.62
CA ALA D 550 -30.85 21.95 34.55
C ALA D 550 -31.58 23.22 34.98
N GLU D 551 -32.67 23.03 35.74
CA GLU D 551 -33.51 24.14 36.19
C GLU D 551 -32.72 24.96 37.21
N TYR D 552 -32.06 24.24 38.12
CA TYR D 552 -31.30 24.89 39.17
C TYR D 552 -30.13 25.65 38.56
N TYR D 553 -29.41 25.01 37.62
CA TYR D 553 -28.31 25.70 36.99
C TYR D 553 -28.80 26.96 36.27
N LYS D 554 -29.94 26.85 35.58
CA LYS D 554 -30.53 27.98 34.87
C LYS D 554 -30.83 29.13 35.83
N ASN D 555 -31.29 28.82 37.06
CA ASN D 555 -31.78 29.84 37.98
C ASN D 555 -30.65 30.41 38.83
N ASN D 556 -29.61 29.59 39.08
CA ASN D 556 -28.60 29.93 40.09
C ASN D 556 -27.21 29.57 39.58
N PRO D 557 -26.78 30.06 38.39
CA PRO D 557 -25.46 29.71 37.87
C PRO D 557 -24.38 30.50 38.59
N GLY D 558 -23.21 29.87 38.78
CA GLY D 558 -22.06 30.58 39.32
C GLY D 558 -21.61 31.68 38.36
N ASN D 559 -21.84 31.45 37.06
CA ASN D 559 -21.43 32.39 36.05
C ASN D 559 -22.60 32.67 35.09
N GLU D 560 -23.13 33.89 35.17
CA GLU D 560 -24.30 34.34 34.42
C GLU D 560 -23.99 34.44 32.93
N ARG D 561 -22.75 34.79 32.57
CA ARG D 561 -22.34 34.78 31.16
C ARG D 561 -22.50 33.38 30.56
N THR D 562 -21.97 32.36 31.26
CA THR D 562 -22.07 30.97 30.82
C THR D 562 -23.53 30.58 30.58
N ARG D 563 -24.37 30.79 31.60
CA ARG D 563 -25.77 30.40 31.60
C ARG D 563 -26.48 30.99 30.38
N ASP D 564 -26.28 32.30 30.15
CA ASP D 564 -26.91 32.98 29.03
C ASP D 564 -26.49 32.37 27.68
N GLN D 565 -25.25 31.86 27.58
CA GLN D 565 -24.73 31.37 26.32
C GLN D 565 -25.23 29.95 26.05
N ILE D 566 -25.61 29.23 27.11
CA ILE D 566 -26.06 27.85 26.96
C ILE D 566 -27.54 27.72 27.30
N ILE D 567 -28.28 28.86 27.27
CA ILE D 567 -29.69 28.86 27.65
C ILE D 567 -30.49 27.91 26.76
N TYR D 568 -30.12 27.78 25.48
CA TYR D 568 -30.82 26.94 24.52
C TYR D 568 -30.85 25.49 24.98
N TRP D 569 -29.70 24.98 25.47
CA TRP D 569 -29.64 23.60 25.91
C TRP D 569 -30.34 23.41 27.26
N LEU D 570 -30.42 24.46 28.09
CA LEU D 570 -31.04 24.34 29.41
C LEU D 570 -32.56 24.23 29.25
N ASN D 571 -33.09 25.01 28.31
CA ASN D 571 -34.51 24.95 27.96
C ASN D 571 -34.82 23.64 27.27
N CYS D 572 -33.95 23.20 26.36
CA CYS D 572 -34.07 21.90 25.70
C CYS D 572 -34.19 20.78 26.74
N TRP D 573 -33.43 20.86 27.85
CA TRP D 573 -33.39 19.87 28.92
C TRP D 573 -34.77 19.68 29.57
N GLU D 574 -35.48 20.79 29.83
CA GLU D 574 -36.77 20.74 30.50
C GLU D 574 -37.73 19.89 29.67
N ASP D 575 -37.85 20.22 28.39
CA ASP D 575 -38.76 19.58 27.43
C ASP D 575 -38.32 18.14 27.15
N THR D 576 -37.01 17.89 27.10
CA THR D 576 -36.51 16.55 26.87
C THR D 576 -36.85 15.67 28.08
N MET D 577 -36.79 16.24 29.27
CA MET D 577 -37.05 15.44 30.46
C MET D 577 -38.55 15.18 30.63
N ASP D 578 -39.38 16.14 30.20
CA ASP D 578 -40.84 16.02 30.22
C ASP D 578 -41.29 14.89 29.29
N ALA D 579 -40.64 14.78 28.12
CA ALA D 579 -40.99 13.77 27.13
C ALA D 579 -40.77 12.38 27.72
N ALA D 580 -39.57 12.15 28.24
CA ALA D 580 -39.18 10.84 28.75
C ALA D 580 -39.93 10.50 30.04
N ILE D 581 -40.16 11.49 30.91
CA ILE D 581 -40.93 11.23 32.13
C ILE D 581 -42.34 10.84 31.72
N GLY D 582 -42.93 11.62 30.80
CA GLY D 582 -44.23 11.29 30.26
C GLY D 582 -44.32 9.80 29.92
N TYR D 583 -43.57 9.39 28.89
CA TYR D 583 -43.66 8.06 28.34
C TYR D 583 -43.44 7.01 29.43
N LEU D 584 -42.55 7.31 30.39
CA LEU D 584 -42.22 6.36 31.45
C LEU D 584 -43.43 6.13 32.35
N LYS D 585 -44.23 7.19 32.57
CA LYS D 585 -45.42 7.10 33.39
C LYS D 585 -46.42 6.17 32.70
N SER D 586 -46.32 6.09 31.36
CA SER D 586 -47.21 5.27 30.56
C SER D 586 -46.81 3.79 30.63
N ALA D 589 -48.72 2.88 34.16
CA ALA D 589 -50.08 3.20 33.66
C ALA D 589 -50.65 2.00 32.90
N ILE D 590 -49.91 1.51 31.91
CA ILE D 590 -50.28 0.32 31.15
C ILE D 590 -50.17 -0.91 32.06
N GLU D 591 -49.04 -1.03 32.78
CA GLU D 591 -48.71 -2.19 33.59
C GLU D 591 -49.54 -2.24 34.88
N GLU D 592 -49.94 -1.05 35.36
CA GLU D 592 -50.86 -0.93 36.48
C GLU D 592 -52.25 -1.33 36.00
N GLY D 593 -52.77 -0.56 35.03
CA GLY D 593 -54.06 -0.83 34.40
C GLY D 593 -54.72 0.42 33.83
N ASP D 594 -54.24 1.61 34.26
CA ASP D 594 -54.92 2.85 33.93
C ASP D 594 -54.82 3.14 32.43
N ASP D 595 -55.98 3.15 31.77
CA ASP D 595 -56.09 3.43 30.36
C ASP D 595 -56.09 4.94 30.11
N GLU D 596 -56.73 5.69 31.02
CA GLU D 596 -56.90 7.13 30.86
C GLU D 596 -55.55 7.83 30.94
N ALA D 597 -54.69 7.32 31.82
CA ALA D 597 -53.42 7.93 32.20
C ALA D 597 -52.29 7.36 31.36
N ALA D 598 -52.51 6.17 30.78
CA ALA D 598 -51.60 5.62 29.79
C ALA D 598 -51.73 6.37 28.47
N TRP D 599 -52.92 6.95 28.16
CA TRP D 599 -53.01 7.86 27.03
C TRP D 599 -52.45 9.22 27.40
N ALA D 600 -52.83 9.73 28.58
CA ALA D 600 -52.59 11.11 28.96
C ALA D 600 -51.08 11.42 28.94
N ASN D 601 -50.34 10.61 29.70
CA ASN D 601 -48.91 10.77 29.90
C ASN D 601 -48.15 10.47 28.61
N TYR D 602 -48.80 9.76 27.68
CA TYR D 602 -48.19 9.44 26.40
C TYR D 602 -48.29 10.65 25.49
N SER D 603 -49.47 11.28 25.45
CA SER D 603 -49.78 12.32 24.48
C SER D 603 -49.03 13.62 24.80
N GLU D 604 -48.80 13.88 26.09
CA GLU D 604 -48.16 15.13 26.48
C GLU D 604 -46.68 15.04 26.11
N ALA D 605 -46.12 13.85 26.32
CA ALA D 605 -44.74 13.53 26.01
C ALA D 605 -44.41 13.91 24.57
N GLN D 606 -45.34 13.62 23.64
CA GLN D 606 -45.15 13.87 22.22
C GLN D 606 -45.01 15.37 21.98
N SER D 607 -45.83 16.16 22.68
CA SER D 607 -45.82 17.61 22.57
C SER D 607 -44.55 18.18 23.20
N ALA D 608 -44.13 17.61 24.32
CA ALA D 608 -42.97 18.06 25.07
C ALA D 608 -41.70 17.86 24.23
N PHE D 609 -41.53 16.63 23.71
CA PHE D 609 -40.42 16.29 22.83
C PHE D 609 -40.31 17.26 21.66
N GLU D 610 -41.45 17.68 21.11
CA GLU D 610 -41.46 18.53 19.92
C GLU D 610 -41.11 19.97 20.29
N LYS D 611 -41.50 20.37 21.52
CA LYS D 611 -41.14 21.69 22.00
C LYS D 611 -39.63 21.75 22.29
N SER D 612 -39.01 20.58 22.53
CA SER D 612 -37.59 20.50 22.88
C SER D 612 -36.70 20.91 21.70
N LYS D 613 -37.27 20.88 20.49
CA LYS D 613 -36.49 21.14 19.28
C LYS D 613 -36.68 22.58 18.83
N THR D 614 -37.21 23.45 19.70
CA THR D 614 -37.62 24.79 19.30
C THR D 614 -36.66 25.87 19.82
N TYR D 615 -35.51 25.50 20.42
CA TYR D 615 -34.61 26.51 20.98
C TYR D 615 -33.42 26.76 20.05
N GLY D 616 -33.56 27.82 19.24
CA GLY D 616 -32.62 28.17 18.18
C GLY D 616 -31.66 29.31 18.53
N PHE D 617 -30.45 29.24 17.95
CA PHE D 617 -29.42 30.25 18.02
C PHE D 617 -28.79 30.40 16.63
N HIS D 618 -28.22 31.57 16.39
CA HIS D 618 -27.60 31.85 15.11
C HIS D 618 -26.34 31.00 14.95
N TYR D 619 -26.14 30.48 13.73
CA TYR D 619 -24.90 29.81 13.33
C TYR D 619 -24.52 30.26 11.91
N VAL D 620 -23.85 31.42 11.86
CA VAL D 620 -23.20 31.99 10.68
C VAL D 620 -24.23 32.50 9.67
N ASP D 621 -25.08 31.63 9.13
CA ASP D 621 -25.96 32.02 8.03
C ASP D 621 -27.29 31.27 8.10
N HIS D 622 -27.57 30.64 9.24
CA HIS D 622 -28.85 29.96 9.46
C HIS D 622 -29.01 29.77 10.96
N THR D 623 -30.13 29.14 11.34
CA THR D 623 -30.46 28.89 12.73
C THR D 623 -30.23 27.41 13.03
N GLU D 624 -29.61 27.13 14.18
CA GLU D 624 -29.46 25.77 14.69
C GLU D 624 -30.29 25.66 15.97
N TYR D 625 -30.75 24.43 16.24
CA TYR D 625 -31.63 24.13 17.35
C TYR D 625 -30.90 23.20 18.30
N ALA D 626 -30.88 23.60 19.58
CA ALA D 626 -30.16 22.87 20.61
C ALA D 626 -30.79 21.50 20.85
N GLU D 627 -29.94 20.52 21.15
CA GLU D 627 -30.33 19.14 21.41
C GLU D 627 -29.41 18.59 22.51
N VAL D 628 -30.00 17.91 23.49
CA VAL D 628 -29.24 17.33 24.60
C VAL D 628 -29.46 15.81 24.59
N GLY D 629 -28.51 15.07 25.17
CA GLY D 629 -28.57 13.62 25.26
C GLY D 629 -28.83 12.94 23.91
N VAL D 630 -28.08 13.35 22.88
CA VAL D 630 -28.22 12.79 21.53
C VAL D 630 -27.90 11.30 21.49
N GLN D 631 -27.01 10.80 22.36
CA GLN D 631 -26.51 9.45 22.19
C GLN D 631 -27.55 8.40 22.62
N HIS D 632 -28.08 8.53 23.85
CA HIS D 632 -28.85 7.49 24.50
C HIS D 632 -30.25 7.98 24.91
N ILE D 633 -30.38 9.26 25.28
CA ILE D 633 -31.63 9.82 25.78
C ILE D 633 -32.62 10.09 24.65
N VAL D 634 -32.16 10.64 23.52
CA VAL D 634 -33.07 10.99 22.45
C VAL D 634 -33.61 9.73 21.77
N PRO D 635 -32.78 8.67 21.54
CA PRO D 635 -33.28 7.39 21.02
C PRO D 635 -34.30 6.70 21.94
N PHE D 636 -34.01 6.67 23.24
CA PHE D 636 -34.91 6.08 24.22
C PHE D 636 -36.27 6.75 24.15
N ILE D 637 -36.29 8.08 23.98
CA ILE D 637 -37.55 8.78 23.89
C ILE D 637 -38.29 8.38 22.60
N LYS D 638 -37.55 8.28 21.49
CA LYS D 638 -38.13 8.03 20.18
C LYS D 638 -38.71 6.62 20.10
N SER D 639 -38.09 5.68 20.80
CA SER D 639 -38.48 4.27 20.80
C SER D 639 -39.65 4.04 21.75
N MET D 640 -40.58 5.00 21.79
CA MET D 640 -41.67 4.99 22.73
C MET D 640 -42.85 5.75 22.13
CA CA E . -38.93 -37.01 -20.91
CA CA F . 8.02 -18.07 -52.03
CA CA G . 8.68 -16.81 -39.25
C1 EDO H . 13.98 -16.29 -29.44
O1 EDO H . 13.98 -15.58 -30.65
C2 EDO H . 12.62 -16.52 -28.88
O2 EDO H . 12.25 -15.64 -27.83
C1 EDO I . 16.99 -21.17 0.21
O1 EDO I . 16.58 -22.53 0.28
C2 EDO I . 18.42 -21.01 -0.15
O2 EDO I . 18.79 -21.64 -1.37
C1 EDO J . 12.20 -13.41 -3.24
O1 EDO J . 13.46 -13.92 -3.57
C2 EDO J . 11.21 -13.57 -4.31
O2 EDO J . 11.76 -14.23 -5.44
C1 EDO K . 5.75 -34.69 -11.60
O1 EDO K . 6.61 -34.11 -10.64
C2 EDO K . 5.65 -36.17 -11.49
O2 EDO K . 6.34 -36.88 -12.51
C1 EDO L . 0.71 -26.25 -7.77
O1 EDO L . 0.29 -27.10 -6.75
C2 EDO L . 1.23 -26.98 -8.96
O2 EDO L . 1.91 -28.23 -8.76
C1 EDO M . -24.81 -40.62 -24.49
O1 EDO M . -25.22 -39.49 -23.74
C2 EDO M . -24.80 -41.90 -23.75
O2 EDO M . -24.71 -43.02 -24.62
C1 EDO N . -5.49 -16.12 -3.65
O1 EDO N . -6.75 -15.73 -3.13
C2 EDO N . -4.56 -15.00 -3.92
O2 EDO N . -5.08 -14.13 -4.91
CA CA O . -1.82 -6.14 43.67
CA CA P . -3.14 -14.45 20.74
CA CA Q . -1.66 -9.22 31.21
CA CA R . 25.24 2.65 28.41
CA CA S . 24.56 -8.28 32.86
CA CA T . 46.25 10.15 13.05
C1 EDO U . -1.76 -18.32 -2.20
O1 EDO U . -2.83 -18.39 -1.28
C2 EDO U . -0.98 -19.58 -2.34
O2 EDO U . -1.71 -20.65 -2.93
C1 EDO V . 24.86 3.65 39.69
O1 EDO V . 24.02 4.43 38.85
C2 EDO V . 25.60 2.57 38.99
O2 EDO V . 25.56 2.59 37.58
C1 EDO W . 14.70 -18.24 4.03
O1 EDO W . 15.58 -19.26 4.50
C2 EDO W . 15.30 -17.33 3.04
O2 EDO W . 15.93 -18.04 2.01
C1 EDO X . 18.92 -26.01 9.93
O1 EDO X . 18.74 -26.74 11.14
C2 EDO X . 17.71 -25.28 9.48
O2 EDO X . 17.02 -25.95 8.44
C1 EDO Y . 14.20 -17.23 -2.46
O1 EDO Y . 14.29 -17.51 -1.07
C2 EDO Y . 15.23 -16.25 -2.86
O2 EDO Y . 15.54 -15.31 -1.86
CA CA Z . -4.50 -0.60 -25.04
CA CA AA . -21.79 3.87 -12.57
CA CA BA . -27.46 -6.27 -34.22
CA CA CA . -22.91 -1.36 -23.18
CA CA DA . -8.10 31.87 -18.52
C1 EDO EA . -15.98 22.67 8.83
O1 EDO EA . -17.28 23.11 8.49
C2 EDO EA . -15.48 21.47 8.11
O2 EDO EA . -15.84 20.21 8.66
C1 EDO FA . -21.90 31.84 -16.02
O1 EDO FA . -21.17 31.54 -14.86
C2 EDO FA . -21.25 31.34 -17.24
O2 EDO FA . -21.15 32.34 -18.21
C1 EDO GA . -7.49 9.29 4.43
O1 EDO GA . -8.60 10.08 4.85
C2 EDO GA . -7.67 7.81 4.42
O2 EDO GA . -8.72 7.30 3.59
C1 EDO HA . -26.11 31.03 0.52
O1 EDO HA . -26.81 31.11 1.76
C2 EDO HA . -26.50 29.87 -0.32
O2 EDO HA . -27.34 30.21 -1.42
C1 EDO IA . -11.52 27.71 -11.77
O1 EDO IA . -11.90 27.93 -10.42
C2 EDO IA . -11.54 28.94 -12.60
O2 EDO IA . -12.68 29.11 -13.43
C1 EDO JA . -0.70 18.35 0.29
O1 EDO JA . -0.10 19.06 1.35
C2 EDO JA . -0.60 19.10 -0.98
O2 EDO JA . 0.72 19.12 -1.48
C1 EDO KA . -4.32 21.67 -6.59
O1 EDO KA . -3.93 22.95 -6.18
C2 EDO KA . -5.44 21.75 -7.55
O2 EDO KA . -6.16 22.99 -7.64
CA CA LA . 10.98 25.27 20.07
CA CA MA . 19.52 29.40 42.69
CA CA NA . -34.75 5.71 45.28
CA CA OA . 14.15 26.17 31.69
CA CA PA . 4.77 14.74 35.30
C1 EDO QA . -13.36 14.05 7.41
O1 EDO QA . -12.85 15.01 8.32
C2 EDO QA . -12.62 14.03 6.14
O2 EDO QA . -11.27 13.67 6.33
C1 EDO RA . -4.99 40.81 -0.76
O1 EDO RA . -4.48 41.35 -1.97
C2 EDO RA . -3.99 40.65 0.34
O2 EDO RA . -3.86 41.77 1.21
C1 EDO SA . -14.12 32.04 14.70
O1 EDO SA . -14.08 33.45 14.85
C2 EDO SA . -14.11 31.57 13.30
O2 EDO SA . -12.84 31.13 12.82
C1 EDO TA . -29.67 21.90 43.24
O1 EDO TA . -30.84 21.85 44.05
C2 EDO TA . -29.37 20.65 42.53
O2 EDO TA . -28.14 20.09 42.97
#